data_2XZZ
# 
_entry.id   2XZZ 
# 
_audit_conform.dict_name       mmcif_pdbx.dic 
_audit_conform.dict_version    5.383 
_audit_conform.dict_location   http://mmcif.pdb.org/dictionaries/ascii/mmcif_pdbx.dic 
# 
loop_
_database_2.database_id 
_database_2.database_code 
_database_2.pdbx_database_accession 
_database_2.pdbx_DOI 
PDB   2XZZ         pdb_00002xzz 10.2210/pdb2xzz/pdb 
PDBE  EBI-46500    ?            ?                   
WWPDB D_1290046500 ?            ?                   
# 
_pdbx_database_status.status_code                     REL 
_pdbx_database_status.entry_id                        2XZZ 
_pdbx_database_status.deposit_site                    PDBE 
_pdbx_database_status.process_site                    PDBE 
_pdbx_database_status.SG_entry                        . 
_pdbx_database_status.recvd_initial_deposition_date   2010-11-30 
_pdbx_database_status.pdb_format_compatible           Y 
_pdbx_database_status.status_code_sf                  REL 
_pdbx_database_status.status_code_mr                  ? 
_pdbx_database_status.status_code_cs                  ? 
_pdbx_database_status.methods_development_category    ? 
_pdbx_database_status.status_code_nmr_data            ? 
# 
loop_
_audit_author.name 
_audit_author.pdbx_ordinal 
'Vollmar, M.'       1  
'Krysztofinska, E.' 2  
'Krojer, T.'        3  
'Yue, W.W.'         4  
'Cooper, C.'        5  
'Kavanagh, K.'      6  
'Allerston, C.'     7  
'Chaikuad, A.'      8  
'von Delft, F.'     9  
'Arrowsmith, C.H.'  10 
'Weigelt, J.'       11 
'Edwards, A.'       12 
'Bountra, C.'       13 
'Oppermann, U.'     14 
# 
_citation.id                        primary 
_citation.title                     'Crystal Structure of the Human Transglutaminase 1 Beta-Barrel Domain' 
_citation.journal_abbrev            'To be Published' 
_citation.journal_volume            ? 
_citation.page_first                ? 
_citation.page_last                 ? 
_citation.year                      ? 
_citation.journal_id_ASTM           ? 
_citation.country                   ? 
_citation.journal_id_ISSN           ? 
_citation.journal_id_CSD            0353 
_citation.book_publisher            ? 
_citation.pdbx_database_id_PubMed   ? 
_citation.pdbx_database_id_DOI      ? 
# 
loop_
_citation_author.citation_id 
_citation_author.name 
_citation_author.ordinal 
_citation_author.identifier_ORCID 
primary 'Vollmar, M.'       1  ? 
primary 'Krysztofinska, E.' 2  ? 
primary 'Krojer, T.'        3  ? 
primary 'Yue, W.W.'         4  ? 
primary 'Cooper, C.'        5  ? 
primary 'Kavanagh, K.'      6  ? 
primary 'Allerston, C.'     7  ? 
primary 'Chaikuad, A.'      8  ? 
primary 'von Delft, F.'     9  ? 
primary 'Arrowsmith, C.H.'  10 ? 
primary 'Weigelt, J.'       11 ? 
primary 'Edwards, A.'       12 ? 
primary 'Bountra, C.'       13 ? 
primary 'Oppermann, U.'     14 ? 
# 
_cell.entry_id           2XZZ 
_cell.length_a           115.740 
_cell.length_b           115.740 
_cell.length_c           115.740 
_cell.angle_alpha        90.00 
_cell.angle_beta         90.00 
_cell.angle_gamma        90.00 
_cell.Z_PDB              48 
_cell.pdbx_unique_axis   ? 
# 
_symmetry.entry_id                         2XZZ 
_symmetry.space_group_name_H-M             'I 4 3 2' 
_symmetry.pdbx_full_space_group_name_H-M   ? 
_symmetry.cell_setting                     ? 
_symmetry.Int_Tables_number                211 
# 
loop_
_entity.id 
_entity.type 
_entity.src_method 
_entity.pdbx_description 
_entity.formula_weight 
_entity.pdbx_number_of_molecules 
_entity.pdbx_ec 
_entity.pdbx_mutation 
_entity.pdbx_fragment 
_entity.details 
1 polymer man 'PROTEIN-GLUTAMINE GAMMA-GLUTAMYLTRANSFERASE K' 10992.705 1  2.3.2.13 ? 'BETA BARREL DOMAIN, RESIDUES 693-787' ? 
2 water   nat water                                           18.015    40 ?        ? ?                                      ? 
# 
_entity_name_com.entity_id   1 
_entity_name_com.name        'EPIDERMAL TGASE, TRANSGLUTAMINASE K, TRANSGLUTAMINASE-1, TG(K), TGK, TGASE K, TGASE-1' 
# 
_entity_poly.entity_id                      1 
_entity_poly.type                           'polypeptide(L)' 
_entity_poly.nstd_linkage                   no 
_entity_poly.nstd_monomer                   no 
_entity_poly.pdbx_seq_one_letter_code       
;SMYFQSMLSLTLLGAAVVGQECEVQIVFKNPLPVTLTNVVFRLEGSGLQRPKILNVGDIGGNETVTLRQSFVPVRPGPRQ
LIASLDSPQLSQVHGVIQVDVA
;
_entity_poly.pdbx_seq_one_letter_code_can   
;SMYFQSMLSLTLLGAAVVGQECEVQIVFKNPLPVTLTNVVFRLEGSGLQRPKILNVGDIGGNETVTLRQSFVPVRPGPRQ
LIASLDSPQLSQVHGVIQVDVA
;
_entity_poly.pdbx_strand_id                 A 
_entity_poly.pdbx_target_identifier         ? 
# 
loop_
_entity_poly_seq.entity_id 
_entity_poly_seq.num 
_entity_poly_seq.mon_id 
_entity_poly_seq.hetero 
1 1   SER n 
1 2   MET n 
1 3   TYR n 
1 4   PHE n 
1 5   GLN n 
1 6   SER n 
1 7   MET n 
1 8   LEU n 
1 9   SER n 
1 10  LEU n 
1 11  THR n 
1 12  LEU n 
1 13  LEU n 
1 14  GLY n 
1 15  ALA n 
1 16  ALA n 
1 17  VAL n 
1 18  VAL n 
1 19  GLY n 
1 20  GLN n 
1 21  GLU n 
1 22  CYS n 
1 23  GLU n 
1 24  VAL n 
1 25  GLN n 
1 26  ILE n 
1 27  VAL n 
1 28  PHE n 
1 29  LYS n 
1 30  ASN n 
1 31  PRO n 
1 32  LEU n 
1 33  PRO n 
1 34  VAL n 
1 35  THR n 
1 36  LEU n 
1 37  THR n 
1 38  ASN n 
1 39  VAL n 
1 40  VAL n 
1 41  PHE n 
1 42  ARG n 
1 43  LEU n 
1 44  GLU n 
1 45  GLY n 
1 46  SER n 
1 47  GLY n 
1 48  LEU n 
1 49  GLN n 
1 50  ARG n 
1 51  PRO n 
1 52  LYS n 
1 53  ILE n 
1 54  LEU n 
1 55  ASN n 
1 56  VAL n 
1 57  GLY n 
1 58  ASP n 
1 59  ILE n 
1 60  GLY n 
1 61  GLY n 
1 62  ASN n 
1 63  GLU n 
1 64  THR n 
1 65  VAL n 
1 66  THR n 
1 67  LEU n 
1 68  ARG n 
1 69  GLN n 
1 70  SER n 
1 71  PHE n 
1 72  VAL n 
1 73  PRO n 
1 74  VAL n 
1 75  ARG n 
1 76  PRO n 
1 77  GLY n 
1 78  PRO n 
1 79  ARG n 
1 80  GLN n 
1 81  LEU n 
1 82  ILE n 
1 83  ALA n 
1 84  SER n 
1 85  LEU n 
1 86  ASP n 
1 87  SER n 
1 88  PRO n 
1 89  GLN n 
1 90  LEU n 
1 91  SER n 
1 92  GLN n 
1 93  VAL n 
1 94  HIS n 
1 95  GLY n 
1 96  VAL n 
1 97  ILE n 
1 98  GLN n 
1 99  VAL n 
1 100 ASP n 
1 101 VAL n 
1 102 ALA n 
# 
_entity_src_gen.entity_id                          1 
_entity_src_gen.pdbx_src_id                        1 
_entity_src_gen.pdbx_alt_source_flag               sample 
_entity_src_gen.pdbx_seq_type                      ? 
_entity_src_gen.pdbx_beg_seq_num                   ? 
_entity_src_gen.pdbx_end_seq_num                   ? 
_entity_src_gen.gene_src_common_name               HUMAN 
_entity_src_gen.gene_src_genus                     ? 
_entity_src_gen.pdbx_gene_src_gene                 ? 
_entity_src_gen.gene_src_species                   ? 
_entity_src_gen.gene_src_strain                    ? 
_entity_src_gen.gene_src_tissue                    ? 
_entity_src_gen.gene_src_tissue_fraction           ? 
_entity_src_gen.gene_src_details                   ? 
_entity_src_gen.pdbx_gene_src_fragment             ? 
_entity_src_gen.pdbx_gene_src_scientific_name      'HOMO SAPIENS' 
_entity_src_gen.pdbx_gene_src_ncbi_taxonomy_id     9606 
_entity_src_gen.pdbx_gene_src_variant              ? 
_entity_src_gen.pdbx_gene_src_cell_line            ? 
_entity_src_gen.pdbx_gene_src_atcc                 ? 
_entity_src_gen.pdbx_gene_src_organ                ? 
_entity_src_gen.pdbx_gene_src_organelle            ? 
_entity_src_gen.pdbx_gene_src_cell                 ? 
_entity_src_gen.pdbx_gene_src_cellular_location    ? 
_entity_src_gen.host_org_common_name               ? 
_entity_src_gen.pdbx_host_org_scientific_name      'ESCHERICHIA COLI' 
_entity_src_gen.pdbx_host_org_ncbi_taxonomy_id     469008 
_entity_src_gen.host_org_genus                     ? 
_entity_src_gen.pdbx_host_org_gene                 ? 
_entity_src_gen.pdbx_host_org_organ                ? 
_entity_src_gen.host_org_species                   ? 
_entity_src_gen.pdbx_host_org_tissue               ? 
_entity_src_gen.pdbx_host_org_tissue_fraction      ? 
_entity_src_gen.pdbx_host_org_strain               'BL21(DE3)' 
_entity_src_gen.pdbx_host_org_variant              R3-PRARE2 
_entity_src_gen.pdbx_host_org_cell_line            ? 
_entity_src_gen.pdbx_host_org_atcc                 ? 
_entity_src_gen.pdbx_host_org_culture_collection   ? 
_entity_src_gen.pdbx_host_org_cell                 ? 
_entity_src_gen.pdbx_host_org_organelle            ? 
_entity_src_gen.pdbx_host_org_cellular_location    ? 
_entity_src_gen.pdbx_host_org_vector_type          ? 
_entity_src_gen.pdbx_host_org_vector               ? 
_entity_src_gen.host_org_details                   ? 
_entity_src_gen.expression_system_id               ? 
_entity_src_gen.plasmid_name                       PNIC28-BSA4 
_entity_src_gen.plasmid_details                    ? 
_entity_src_gen.pdbx_description                   ? 
# 
_struct_ref.id                         1 
_struct_ref.db_name                    UNP 
_struct_ref.db_code                    TGM1_HUMAN 
_struct_ref.entity_id                  1 
_struct_ref.pdbx_seq_one_letter_code   ? 
_struct_ref.pdbx_align_begin           ? 
_struct_ref.pdbx_db_accession          P22735 
_struct_ref.pdbx_db_isoform            ? 
# 
_struct_ref_seq.align_id                      1 
_struct_ref_seq.ref_id                        1 
_struct_ref_seq.pdbx_PDB_id_code              2XZZ 
_struct_ref_seq.pdbx_strand_id                A 
_struct_ref_seq.seq_align_beg                 8 
_struct_ref_seq.pdbx_seq_align_beg_ins_code   ? 
_struct_ref_seq.seq_align_end                 102 
_struct_ref_seq.pdbx_seq_align_end_ins_code   ? 
_struct_ref_seq.pdbx_db_accession             P22735 
_struct_ref_seq.db_align_beg                  693 
_struct_ref_seq.pdbx_db_align_beg_ins_code    ? 
_struct_ref_seq.db_align_end                  787 
_struct_ref_seq.pdbx_db_align_end_ins_code    ? 
_struct_ref_seq.pdbx_auth_seq_align_beg       693 
_struct_ref_seq.pdbx_auth_seq_align_end       787 
# 
loop_
_struct_ref_seq_dif.align_id 
_struct_ref_seq_dif.pdbx_pdb_id_code 
_struct_ref_seq_dif.mon_id 
_struct_ref_seq_dif.pdbx_pdb_strand_id 
_struct_ref_seq_dif.seq_num 
_struct_ref_seq_dif.pdbx_pdb_ins_code 
_struct_ref_seq_dif.pdbx_seq_db_name 
_struct_ref_seq_dif.pdbx_seq_db_accession_code 
_struct_ref_seq_dif.db_mon_id 
_struct_ref_seq_dif.pdbx_seq_db_seq_num 
_struct_ref_seq_dif.details 
_struct_ref_seq_dif.pdbx_auth_seq_num 
_struct_ref_seq_dif.pdbx_ordinal 
1 2XZZ SER A 1 ? UNP P22735 ? ? 'expression tag' -6 1 
1 2XZZ MET A 2 ? UNP P22735 ? ? 'expression tag' -5 2 
1 2XZZ TYR A 3 ? UNP P22735 ? ? 'expression tag' -4 3 
1 2XZZ PHE A 4 ? UNP P22735 ? ? 'expression tag' -3 4 
1 2XZZ GLN A 5 ? UNP P22735 ? ? 'expression tag' -2 5 
1 2XZZ SER A 6 ? UNP P22735 ? ? 'expression tag' -1 6 
1 2XZZ MET A 7 ? UNP P22735 ? ? 'expression tag' 0  7 
# 
loop_
_chem_comp.id 
_chem_comp.type 
_chem_comp.mon_nstd_flag 
_chem_comp.name 
_chem_comp.pdbx_synonyms 
_chem_comp.formula 
_chem_comp.formula_weight 
ALA 'L-peptide linking' y ALANINE         ? 'C3 H7 N O2'     89.093  
ARG 'L-peptide linking' y ARGININE        ? 'C6 H15 N4 O2 1' 175.209 
ASN 'L-peptide linking' y ASPARAGINE      ? 'C4 H8 N2 O3'    132.118 
ASP 'L-peptide linking' y 'ASPARTIC ACID' ? 'C4 H7 N O4'     133.103 
CYS 'L-peptide linking' y CYSTEINE        ? 'C3 H7 N O2 S'   121.158 
GLN 'L-peptide linking' y GLUTAMINE       ? 'C5 H10 N2 O3'   146.144 
GLU 'L-peptide linking' y 'GLUTAMIC ACID' ? 'C5 H9 N O4'     147.129 
GLY 'peptide linking'   y GLYCINE         ? 'C2 H5 N O2'     75.067  
HIS 'L-peptide linking' y HISTIDINE       ? 'C6 H10 N3 O2 1' 156.162 
HOH non-polymer         . WATER           ? 'H2 O'           18.015  
ILE 'L-peptide linking' y ISOLEUCINE      ? 'C6 H13 N O2'    131.173 
LEU 'L-peptide linking' y LEUCINE         ? 'C6 H13 N O2'    131.173 
LYS 'L-peptide linking' y LYSINE          ? 'C6 H15 N2 O2 1' 147.195 
MET 'L-peptide linking' y METHIONINE      ? 'C5 H11 N O2 S'  149.211 
PHE 'L-peptide linking' y PHENYLALANINE   ? 'C9 H11 N O2'    165.189 
PRO 'L-peptide linking' y PROLINE         ? 'C5 H9 N O2'     115.130 
SER 'L-peptide linking' y SERINE          ? 'C3 H7 N O3'     105.093 
THR 'L-peptide linking' y THREONINE       ? 'C4 H9 N O3'     119.119 
TYR 'L-peptide linking' y TYROSINE        ? 'C9 H11 N O3'    181.189 
VAL 'L-peptide linking' y VALINE          ? 'C5 H11 N O2'    117.146 
# 
_exptl.entry_id          2XZZ 
_exptl.method            'X-RAY DIFFRACTION' 
_exptl.crystals_number   1 
# 
_exptl_crystal.id                    1 
_exptl_crystal.density_meas          ? 
_exptl_crystal.density_Matthews      2.87 
_exptl_crystal.density_percent_sol   57.19 
_exptl_crystal.description           NONE 
# 
_exptl_crystal_grow.crystal_id      1 
_exptl_crystal_grow.method          ? 
_exptl_crystal_grow.temp            ? 
_exptl_crystal_grow.temp_details    ? 
_exptl_crystal_grow.pH              ? 
_exptl_crystal_grow.pdbx_pH_range   ? 
_exptl_crystal_grow.pdbx_details    '0.7 M (NH4)2SO4, 1% PEG3350, 0.1 M BIS-TRIS (PH 5.5)' 
# 
_diffrn.id                     1 
_diffrn.ambient_temp           100 
_diffrn.ambient_temp_details   ? 
_diffrn.crystal_id             1 
# 
_diffrn_detector.diffrn_id              1 
_diffrn_detector.detector               CCD 
_diffrn_detector.type                   'ADSC CCD' 
_diffrn_detector.pdbx_collection_date   2010-04-28 
_diffrn_detector.details                ? 
# 
_diffrn_radiation.diffrn_id                        1 
_diffrn_radiation.wavelength_id                    1 
_diffrn_radiation.pdbx_monochromatic_or_laue_m_l   M 
_diffrn_radiation.monochromator                    ? 
_diffrn_radiation.pdbx_diffrn_protocol             'SINGLE WAVELENGTH' 
_diffrn_radiation.pdbx_scattering_type             x-ray 
# 
_diffrn_radiation_wavelength.id           1 
_diffrn_radiation_wavelength.wavelength   0.893 
_diffrn_radiation_wavelength.wt           1.0 
# 
_diffrn_source.diffrn_id                   1 
_diffrn_source.source                      SYNCHROTRON 
_diffrn_source.type                        'DIAMOND BEAMLINE I04' 
_diffrn_source.pdbx_synchrotron_site       Diamond 
_diffrn_source.pdbx_synchrotron_beamline   I04 
_diffrn_source.pdbx_wavelength             0.893 
_diffrn_source.pdbx_wavelength_list        ? 
# 
_reflns.pdbx_diffrn_id               1 
_reflns.pdbx_ordinal                 1 
_reflns.entry_id                     2XZZ 
_reflns.observed_criterion_sigma_I   2.0 
_reflns.observed_criterion_sigma_F   ? 
_reflns.d_resolution_low             19.29 
_reflns.d_resolution_high            2.30 
_reflns.number_obs                   6155 
_reflns.number_all                   ? 
_reflns.percent_possible_obs         99.6 
_reflns.pdbx_Rmerge_I_obs            0.07 
_reflns.pdbx_Rsym_value              ? 
_reflns.pdbx_netI_over_sigmaI        21.00 
_reflns.B_iso_Wilson_estimate        54.4 
_reflns.pdbx_redundancy              10.8 
# 
_reflns_shell.pdbx_diffrn_id         1 
_reflns_shell.pdbx_ordinal           1 
_reflns_shell.d_res_high             2.30 
_reflns_shell.d_res_low              2.42 
_reflns_shell.percent_possible_all   100.0 
_reflns_shell.Rmerge_I_obs           0.63 
_reflns_shell.pdbx_Rsym_value        ? 
_reflns_shell.meanI_over_sigI_obs    4.10 
_reflns_shell.pdbx_redundancy        11.1 
# 
_refine.pdbx_refine_id                           'X-RAY DIFFRACTION' 
_refine.entry_id                                 2XZZ 
_refine.pdbx_diffrn_id                           1 
_refine.pdbx_TLS_residual_ADP_flag               ? 
_refine.ls_number_reflns_obs                     5852 
_refine.ls_number_reflns_all                     ? 
_refine.pdbx_ls_sigma_I                          ? 
_refine.pdbx_ls_sigma_F                          . 
_refine.pdbx_data_cutoff_high_absF               ? 
_refine.pdbx_data_cutoff_low_absF                ? 
_refine.pdbx_data_cutoff_high_rms_absF           ? 
_refine.ls_d_res_low                             19.29 
_refine.ls_d_res_high                            2.30 
_refine.ls_percent_reflns_obs                    99.59 
_refine.ls_R_factor_obs                          0.22118 
_refine.ls_R_factor_all                          ? 
_refine.ls_R_factor_R_work                       0.21901 
_refine.ls_R_factor_R_free                       0.26688 
_refine.ls_R_factor_R_free_error                 ? 
_refine.ls_R_factor_R_free_error_details         ? 
_refine.ls_percent_reflns_R_free                 4.7 
_refine.ls_number_reflns_R_free                  290 
_refine.ls_number_parameters                     ? 
_refine.ls_number_restraints                     ? 
_refine.occupancy_min                            ? 
_refine.occupancy_max                            ? 
_refine.correlation_coeff_Fo_to_Fc               0.949 
_refine.correlation_coeff_Fo_to_Fc_free          0.920 
_refine.B_iso_mean                               42.281 
_refine.aniso_B[1][1]                            0.00 
_refine.aniso_B[2][2]                            0.00 
_refine.aniso_B[3][3]                            0.00 
_refine.aniso_B[1][2]                            0.00 
_refine.aniso_B[1][3]                            0.00 
_refine.aniso_B[2][3]                            0.00 
_refine.solvent_model_details                    MASK 
_refine.solvent_model_param_ksol                 ? 
_refine.solvent_model_param_bsol                 ? 
_refine.pdbx_solvent_vdw_probe_radii             1.40 
_refine.pdbx_solvent_ion_probe_radii             0.80 
_refine.pdbx_solvent_shrinkage_radii             0.80 
_refine.pdbx_ls_cross_valid_method               THROUGHOUT 
_refine.details                                  'HYDROGENS HAVE BEEN ADDED IN THE RIDING POSITIONS. U VALUES WITH TLS ADDED.' 
_refine.pdbx_starting_model                      'PDB ENTRUES 1EOX, 1FIE, 1GGY, 1G0D AND 1QRK IN AN ENSEMBLE' 
_refine.pdbx_method_to_determine_struct          'MOLECULAR REPLACEMENT' 
_refine.pdbx_isotropic_thermal_model             ? 
_refine.pdbx_stereochemistry_target_values       'MAXIMUM LIKELIHOOD' 
_refine.pdbx_stereochem_target_val_spec_case     ? 
_refine.pdbx_R_Free_selection_details            RANDOM 
_refine.pdbx_overall_ESU_R                       0.263 
_refine.pdbx_overall_ESU_R_Free                  0.224 
_refine.overall_SU_ML                            0.180 
_refine.pdbx_overall_phase_error                 ? 
_refine.overall_SU_B                             14.551 
_refine.overall_SU_R_Cruickshank_DPI             ? 
_refine.pdbx_overall_SU_R_free_Cruickshank_DPI   ? 
_refine.pdbx_overall_SU_R_Blow_DPI               ? 
_refine.pdbx_overall_SU_R_free_Blow_DPI          ? 
# 
_refine_hist.pdbx_refine_id                   'X-RAY DIFFRACTION' 
_refine_hist.cycle_id                         LAST 
_refine_hist.pdbx_number_atoms_protein        705 
_refine_hist.pdbx_number_atoms_nucleic_acid   0 
_refine_hist.pdbx_number_atoms_ligand         0 
_refine_hist.number_atoms_solvent             40 
_refine_hist.number_atoms_total               745 
_refine_hist.d_res_high                       2.30 
_refine_hist.d_res_low                        19.29 
# 
loop_
_refine_ls_restr.type 
_refine_ls_restr.dev_ideal 
_refine_ls_restr.dev_ideal_target 
_refine_ls_restr.weight 
_refine_ls_restr.number 
_refine_ls_restr.pdbx_refine_id 
_refine_ls_restr.pdbx_restraint_function 
r_bond_refined_d             0.016  0.022  ? 721  'X-RAY DIFFRACTION' ? 
r_bond_other_d               0.004  0.020  ? 467  'X-RAY DIFFRACTION' ? 
r_angle_refined_deg          1.829  1.998  ? 987  'X-RAY DIFFRACTION' ? 
r_angle_other_deg            0.951  3.000  ? 1161 'X-RAY DIFFRACTION' ? 
r_dihedral_angle_1_deg       6.096  5.000  ? 98   'X-RAY DIFFRACTION' ? 
r_dihedral_angle_2_deg       37.497 25.000 ? 24   'X-RAY DIFFRACTION' ? 
r_dihedral_angle_3_deg       17.202 15.000 ? 117  'X-RAY DIFFRACTION' ? 
r_dihedral_angle_4_deg       12.862 15.000 ? 4    'X-RAY DIFFRACTION' ? 
r_chiral_restr               0.099  0.200  ? 127  'X-RAY DIFFRACTION' ? 
r_gen_planes_refined         0.006  0.021  ? 797  'X-RAY DIFFRACTION' ? 
r_gen_planes_other           0.001  0.020  ? 123  'X-RAY DIFFRACTION' ? 
r_nbd_refined                ?      ?      ? ?    'X-RAY DIFFRACTION' ? 
r_nbd_other                  ?      ?      ? ?    'X-RAY DIFFRACTION' ? 
r_nbtor_refined              ?      ?      ? ?    'X-RAY DIFFRACTION' ? 
r_nbtor_other                ?      ?      ? ?    'X-RAY DIFFRACTION' ? 
r_xyhbond_nbd_refined        ?      ?      ? ?    'X-RAY DIFFRACTION' ? 
r_xyhbond_nbd_other          ?      ?      ? ?    'X-RAY DIFFRACTION' ? 
r_metal_ion_refined          ?      ?      ? ?    'X-RAY DIFFRACTION' ? 
r_metal_ion_other            ?      ?      ? ?    'X-RAY DIFFRACTION' ? 
r_symmetry_vdw_refined       ?      ?      ? ?    'X-RAY DIFFRACTION' ? 
r_symmetry_vdw_other         ?      ?      ? ?    'X-RAY DIFFRACTION' ? 
r_symmetry_hbond_refined     ?      ?      ? ?    'X-RAY DIFFRACTION' ? 
r_symmetry_hbond_other       ?      ?      ? ?    'X-RAY DIFFRACTION' ? 
r_symmetry_metal_ion_refined ?      ?      ? ?    'X-RAY DIFFRACTION' ? 
r_symmetry_metal_ion_other   ?      ?      ? ?    'X-RAY DIFFRACTION' ? 
r_mcbond_it                  2.002  3.000  ? 485  'X-RAY DIFFRACTION' ? 
r_mcbond_other               0.454  3.000  ? 196  'X-RAY DIFFRACTION' ? 
r_mcangle_it                 3.587  5.000  ? 789  'X-RAY DIFFRACTION' ? 
r_mcangle_other              ?      ?      ? ?    'X-RAY DIFFRACTION' ? 
r_scbond_it                  5.147  7.000  ? 236  'X-RAY DIFFRACTION' ? 
r_scbond_other               ?      ?      ? ?    'X-RAY DIFFRACTION' ? 
r_scangle_it                 7.705  9.000  ? 197  'X-RAY DIFFRACTION' ? 
r_scangle_other              ?      ?      ? ?    'X-RAY DIFFRACTION' ? 
r_long_range_B_refined       ?      ?      ? ?    'X-RAY DIFFRACTION' ? 
r_long_range_B_other         ?      ?      ? ?    'X-RAY DIFFRACTION' ? 
r_rigid_bond_restr           ?      ?      ? ?    'X-RAY DIFFRACTION' ? 
r_sphericity_free            ?      ?      ? ?    'X-RAY DIFFRACTION' ? 
r_sphericity_bonded          ?      ?      ? ?    'X-RAY DIFFRACTION' ? 
# 
_refine_ls_shell.pdbx_refine_id                   'X-RAY DIFFRACTION' 
_refine_ls_shell.pdbx_total_number_of_bins_used   20 
_refine_ls_shell.d_res_high                       2.300 
_refine_ls_shell.d_res_low                        2.359 
_refine_ls_shell.number_reflns_R_work             417 
_refine_ls_shell.R_factor_R_work                  0.372 
_refine_ls_shell.percent_reflns_obs               100.00 
_refine_ls_shell.R_factor_R_free                  0.452 
_refine_ls_shell.R_factor_R_free_error            ? 
_refine_ls_shell.percent_reflns_R_free            ? 
_refine_ls_shell.number_reflns_R_free             18 
_refine_ls_shell.number_reflns_all                ? 
_refine_ls_shell.R_factor_all                     ? 
# 
_struct.entry_id                  2XZZ 
_struct.title                     'Crystal structure of the human transglutaminase 1 beta-barrel domain' 
_struct.pdbx_model_details        ? 
_struct.pdbx_CASP_flag            ? 
_struct.pdbx_model_type_details   ? 
# 
_struct_keywords.entry_id        2XZZ 
_struct_keywords.pdbx_keywords   TRANSFERASE 
_struct_keywords.text            TRANSFERASE 
# 
loop_
_struct_asym.id 
_struct_asym.pdbx_blank_PDB_chainid_flag 
_struct_asym.pdbx_modified 
_struct_asym.entity_id 
_struct_asym.details 
A N N 1 ? 
B N N 2 ? 
# 
_struct_biol.id   1 
# 
_struct_conf.conf_type_id            HELX_P 
_struct_conf.id                      HELX_P1 
_struct_conf.pdbx_PDB_helix_id       1 
_struct_conf.beg_label_comp_id       SER 
_struct_conf.beg_label_asym_id       A 
_struct_conf.beg_label_seq_id        87 
_struct_conf.pdbx_beg_PDB_ins_code   ? 
_struct_conf.end_label_comp_id       GLN 
_struct_conf.end_label_asym_id       A 
_struct_conf.end_label_seq_id        92 
_struct_conf.pdbx_end_PDB_ins_code   ? 
_struct_conf.beg_auth_comp_id        SER 
_struct_conf.beg_auth_asym_id        A 
_struct_conf.beg_auth_seq_id         772 
_struct_conf.end_auth_comp_id        GLN 
_struct_conf.end_auth_asym_id        A 
_struct_conf.end_auth_seq_id         777 
_struct_conf.pdbx_PDB_helix_class    5 
_struct_conf.details                 ? 
_struct_conf.pdbx_PDB_helix_length   6 
# 
_struct_conf_type.id          HELX_P 
_struct_conf_type.criteria    ? 
_struct_conf_type.reference   ? 
# 
loop_
_struct_sheet.id 
_struct_sheet.type 
_struct_sheet.number_strands 
_struct_sheet.details 
AA ? 3 ? 
AB ? 3 ? 
# 
loop_
_struct_sheet_order.sheet_id 
_struct_sheet_order.range_id_1 
_struct_sheet_order.range_id_2 
_struct_sheet_order.offset 
_struct_sheet_order.sense 
AA 1 2 ? anti-parallel 
AA 2 3 ? anti-parallel 
AB 1 2 ? anti-parallel 
AB 2 3 ? anti-parallel 
# 
loop_
_struct_sheet_range.sheet_id 
_struct_sheet_range.id 
_struct_sheet_range.beg_label_comp_id 
_struct_sheet_range.beg_label_asym_id 
_struct_sheet_range.beg_label_seq_id 
_struct_sheet_range.pdbx_beg_PDB_ins_code 
_struct_sheet_range.end_label_comp_id 
_struct_sheet_range.end_label_asym_id 
_struct_sheet_range.end_label_seq_id 
_struct_sheet_range.pdbx_end_PDB_ins_code 
_struct_sheet_range.beg_auth_comp_id 
_struct_sheet_range.beg_auth_asym_id 
_struct_sheet_range.beg_auth_seq_id 
_struct_sheet_range.end_auth_comp_id 
_struct_sheet_range.end_auth_asym_id 
_struct_sheet_range.end_auth_seq_id 
AA 1 MET A 7  ? LEU A 12 ? MET A 0   LEU A 697 
AA 2 CYS A 22 ? LYS A 29 ? CYS A 707 LYS A 714 
AA 3 THR A 64 ? PHE A 71 ? THR A 749 PHE A 756 
AB 1 GLN A 49 ? VAL A 56 ? GLN A 734 VAL A 741 
AB 2 VAL A 39 ? GLY A 45 ? VAL A 724 GLY A 730 
AB 3 ILE A 82 ? ASP A 86 ? ILE A 767 ASP A 771 
# 
loop_
_pdbx_struct_sheet_hbond.sheet_id 
_pdbx_struct_sheet_hbond.range_id_1 
_pdbx_struct_sheet_hbond.range_id_2 
_pdbx_struct_sheet_hbond.range_1_label_atom_id 
_pdbx_struct_sheet_hbond.range_1_label_comp_id 
_pdbx_struct_sheet_hbond.range_1_label_asym_id 
_pdbx_struct_sheet_hbond.range_1_label_seq_id 
_pdbx_struct_sheet_hbond.range_1_PDB_ins_code 
_pdbx_struct_sheet_hbond.range_1_auth_atom_id 
_pdbx_struct_sheet_hbond.range_1_auth_comp_id 
_pdbx_struct_sheet_hbond.range_1_auth_asym_id 
_pdbx_struct_sheet_hbond.range_1_auth_seq_id 
_pdbx_struct_sheet_hbond.range_2_label_atom_id 
_pdbx_struct_sheet_hbond.range_2_label_comp_id 
_pdbx_struct_sheet_hbond.range_2_label_asym_id 
_pdbx_struct_sheet_hbond.range_2_label_seq_id 
_pdbx_struct_sheet_hbond.range_2_PDB_ins_code 
_pdbx_struct_sheet_hbond.range_2_auth_atom_id 
_pdbx_struct_sheet_hbond.range_2_auth_comp_id 
_pdbx_struct_sheet_hbond.range_2_auth_asym_id 
_pdbx_struct_sheet_hbond.range_2_auth_seq_id 
AA 1 2 N THR A 11 ? N THR A 696 O GLN A 25 ? O GLN A 710 
AA 2 3 N PHE A 28 ? N PHE A 713 O VAL A 65 ? O VAL A 750 
AB 1 2 N VAL A 56 ? N VAL A 741 O VAL A 39 ? O VAL A 724 
AB 2 3 N GLU A 44 ? N GLU A 729 O ILE A 82 ? O ILE A 767 
# 
_atom_sites.entry_id                    2XZZ 
_atom_sites.fract_transf_matrix[1][1]   -0.00861283 
_atom_sites.fract_transf_matrix[1][2]   0.00053044 
_atom_sites.fract_transf_matrix[1][3]   0.00043280 
_atom_sites.fract_transf_matrix[2][1]   -0.00064393 
_atom_sites.fract_transf_matrix[2][2]   -0.00442214 
_atom_sites.fract_transf_matrix[2][3]   -0.00739457 
_atom_sites.fract_transf_matrix[3][1]   -0.00023247 
_atom_sites.fract_transf_matrix[3][2]   -0.00740357 
_atom_sites.fract_transf_matrix[3][3]   0.00444777 
_atom_sites.fract_transf_vector[1]      0.079756 
_atom_sites.fract_transf_vector[2]      -0.208215 
_atom_sites.fract_transf_vector[3]      0.274874 
# 
loop_
_atom_type.symbol 
C 
N 
O 
S 
# 
loop_
_atom_site.group_PDB 
_atom_site.id 
_atom_site.type_symbol 
_atom_site.label_atom_id 
_atom_site.label_alt_id 
_atom_site.label_comp_id 
_atom_site.label_asym_id 
_atom_site.label_entity_id 
_atom_site.label_seq_id 
_atom_site.pdbx_PDB_ins_code 
_atom_site.Cartn_x 
_atom_site.Cartn_y 
_atom_site.Cartn_z 
_atom_site.occupancy 
_atom_site.B_iso_or_equiv 
_atom_site.pdbx_formal_charge 
_atom_site.auth_seq_id 
_atom_site.auth_comp_id 
_atom_site.auth_asym_id 
_atom_site.auth_atom_id 
_atom_site.pdbx_PDB_model_num 
ATOM   1   N N   . SER A 1 6   ? -3.251  7.048   -6.712  1.00 73.45  ? -1   SER A N   1 
ATOM   2   C CA  . SER A 1 6   ? -1.946  7.514   -6.165  1.00 72.29  ? -1   SER A CA  1 
ATOM   3   C C   . SER A 1 6   ? -0.837  6.563   -6.587  1.00 74.02  ? -1   SER A C   1 
ATOM   4   O O   . SER A 1 6   ? -1.095  5.599   -7.343  1.00 80.70  ? -1   SER A O   1 
ATOM   5   C CB  . SER A 1 6   ? -2.001  7.598   -4.647  1.00 68.43  ? -1   SER A CB  1 
ATOM   6   N N   . MET A 1 7   ? 0.399   6.844   -6.142  1.00 69.80  ? 0    MET A N   1 
ATOM   7   C CA  A MET A 1 7   ? 1.504   5.978   -6.497  0.50 67.01  ? 0    MET A CA  1 
ATOM   8   C CA  B MET A 1 7   ? 1.563   6.016   -6.467  0.50 67.63  ? 0    MET A CA  1 
ATOM   9   C C   . MET A 1 7   ? 1.848   5.055   -5.314  1.00 59.95  ? 0    MET A C   1 
ATOM   10  O O   . MET A 1 7   ? 2.582   5.393   -4.377  1.00 56.55  ? 0    MET A O   1 
ATOM   11  C CB  A MET A 1 7   ? 2.686   6.750   -7.113  0.50 70.44  ? 0    MET A CB  1 
ATOM   12  C CB  B MET A 1 7   ? 2.795   6.887   -6.770  0.50 71.26  ? 0    MET A CB  1 
ATOM   13  C CG  A MET A 1 7   ? 2.946   6.390   -8.617  0.50 75.70  ? 0    MET A CG  1 
ATOM   14  C CG  B MET A 1 7   ? 3.835   6.259   -7.740  0.50 76.31  ? 0    MET A CG  1 
ATOM   15  S SD  A MET A 1 7   ? 1.917   7.163   -9.922  0.50 77.94  ? 0    MET A SD  1 
ATOM   16  S SD  B MET A 1 7   ? 4.849   4.863   -7.151  0.50 77.94  ? 0    MET A SD  1 
ATOM   17  C CE  A MET A 1 7   ? 2.141   6.007   -11.272 0.50 85.07  ? 0    MET A CE  1 
ATOM   18  C CE  B MET A 1 7   ? 5.536   5.482   -5.603  0.50 75.17  ? 0    MET A CE  1 
ATOM   19  N N   . LEU A 1 8   ? 1.228   3.885   -5.404  1.00 53.21  ? 693  LEU A N   1 
ATOM   20  C CA  . LEU A 1 8   ? 1.437   2.718   -4.574  1.00 48.38  ? 693  LEU A CA  1 
ATOM   21  C C   . LEU A 1 8   ? 2.327   1.737   -5.359  1.00 50.67  ? 693  LEU A C   1 
ATOM   22  O O   . LEU A 1 8   ? 2.046   1.434   -6.522  1.00 54.23  ? 693  LEU A O   1 
ATOM   23  C CB  . LEU A 1 8   ? 0.077   2.067   -4.357  1.00 41.38  ? 693  LEU A CB  1 
ATOM   24  C CG  . LEU A 1 8   ? -0.166  0.992   -3.313  1.00 38.41  ? 693  LEU A CG  1 
ATOM   25  C CD1 . LEU A 1 8   ? 0.277   1.380   -1.930  1.00 32.26  ? 693  LEU A CD1 1 
ATOM   26  C CD2 . LEU A 1 8   ? -1.643  0.774   -3.310  1.00 33.15  ? 693  LEU A CD2 1 
ATOM   27  N N   . SER A 1 9   ? 3.385   1.228   -4.751  1.00 47.75  ? 694  SER A N   1 
ATOM   28  C CA  . SER A 1 9   ? 4.175   0.196   -5.430  1.00 49.15  ? 694  SER A CA  1 
ATOM   29  C C   . SER A 1 9   ? 4.372   -1.028  -4.545  1.00 45.08  ? 694  SER A C   1 
ATOM   30  O O   . SER A 1 9   ? 4.291   -0.921  -3.327  1.00 39.75  ? 694  SER A O   1 
ATOM   31  C CB  . SER A 1 9   ? 5.525   0.764   -5.865  1.00 51.71  ? 694  SER A CB  1 
ATOM   32  O OG  . SER A 1 9   ? 6.233   1.195   -4.724  1.00 61.00  ? 694  SER A OG  1 
ATOM   33  N N   . LEU A 1 10  ? 4.602   -2.188  -5.174  1.00 46.81  ? 695  LEU A N   1 
ATOM   34  C CA  . LEU A 1 10  ? 4.856   -3.442  -4.459  1.00 46.04  ? 695  LEU A CA  1 
ATOM   35  C C   . LEU A 1 10  ? 6.118   -4.052  -4.975  1.00 47.20  ? 695  LEU A C   1 
ATOM   36  O O   . LEU A 1 10  ? 6.342   -4.052  -6.182  1.00 52.89  ? 695  LEU A O   1 
ATOM   37  C CB  . LEU A 1 10  ? 3.752   -4.468  -4.692  1.00 46.55  ? 695  LEU A CB  1 
ATOM   38  C CG  . LEU A 1 10  ? 2.349   -4.126  -4.232  1.00 47.31  ? 695  LEU A CG  1 
ATOM   39  C CD1 . LEU A 1 10  ? 1.746   -3.128  -5.196  1.00 48.51  ? 695  LEU A CD1 1 
ATOM   40  C CD2 . LEU A 1 10  ? 1.542   -5.433  -4.185  1.00 41.72  ? 695  LEU A CD2 1 
ATOM   41  N N   . THR A 1 11  ? 6.945   -4.587  -4.082  1.00 44.96  ? 696  THR A N   1 
ATOM   42  C CA  . THR A 1 11  ? 8.154   -5.308  -4.516  1.00 48.51  ? 696  THR A CA  1 
ATOM   43  C C   . THR A 1 11  ? 8.284   -6.575  -3.710  1.00 48.46  ? 696  THR A C   1 
ATOM   44  O O   . THR A 1 11  ? 8.085   -6.562  -2.503  1.00 45.18  ? 696  THR A O   1 
ATOM   45  C CB  . THR A 1 11  ? 9.412   -4.477  -4.302  1.00 49.97  ? 696  THR A CB  1 
ATOM   46  O OG1 . THR A 1 11  ? 9.160   -3.119  -4.702  1.00 52.85  ? 696  THR A OG1 1 
ATOM   47  C CG2 . THR A 1 11  ? 10.576  -5.030  -5.115  1.00 56.86  ? 696  THR A CG2 1 
ATOM   48  N N   . LEU A 1 12  ? 8.585   -7.681  -4.378  1.00 54.61  ? 697  LEU A N   1 
ATOM   49  C CA  . LEU A 1 12  ? 8.958   -8.892  -3.671  1.00 57.97  ? 697  LEU A CA  1 
ATOM   50  C C   . LEU A 1 12  ? 10.361  -8.765  -3.093  1.00 61.88  ? 697  LEU A C   1 
ATOM   51  O O   . LEU A 1 12  ? 11.282  -8.424  -3.815  1.00 64.78  ? 697  LEU A O   1 
ATOM   52  C CB  . LEU A 1 12  ? 8.951   -10.081 -4.617  1.00 63.21  ? 697  LEU A CB  1 
ATOM   53  C CG  . LEU A 1 12  ? 7.626   -10.525 -5.198  1.00 62.71  ? 697  LEU A CG  1 
ATOM   54  C CD1 . LEU A 1 12  ? 7.850   -11.762 -6.076  1.00 66.73  ? 697  LEU A CD1 1 
ATOM   55  C CD2 . LEU A 1 12  ? 6.683   -10.807 -4.071  1.00 59.61  ? 697  LEU A CD2 1 
ATOM   56  N N   . LEU A 1 13  ? 10.520  -9.078  -1.807  1.00 64.30  ? 698  LEU A N   1 
ATOM   57  C CA  . LEU A 1 13  ? 11.842  -9.174  -1.182  1.00 69.59  ? 698  LEU A CA  1 
ATOM   58  C C   . LEU A 1 13  ? 12.344  -10.610 -1.057  1.00 77.73  ? 698  LEU A C   1 
ATOM   59  O O   . LEU A 1 13  ? 13.073  -10.940 -0.105  1.00 84.56  ? 698  LEU A O   1 
ATOM   60  C CB  . LEU A 1 13  ? 11.828  -8.545  0.200   1.00 67.25  ? 698  LEU A CB  1 
ATOM   61  C CG  . LEU A 1 13  ? 11.224  -7.159  0.265   1.00 60.76  ? 698  LEU A CG  1 
ATOM   62  C CD1 . LEU A 1 13  ? 11.397  -6.630  1.675   1.00 57.80  ? 698  LEU A CD1 1 
ATOM   63  C CD2 . LEU A 1 13  ? 11.864  -6.230  -0.773  1.00 60.37  ? 698  LEU A CD2 1 
ATOM   64  N N   . GLY A 1 14  ? 11.982  -11.459 -2.014  1.00 78.22  ? 699  GLY A N   1 
ATOM   65  C CA  . GLY A 1 14  ? 12.582  -12.795 -2.119  1.00 82.83  ? 699  GLY A CA  1 
ATOM   66  C C   . GLY A 1 14  ? 11.881  -13.569 -3.212  1.00 83.05  ? 699  GLY A C   1 
ATOM   67  O O   . GLY A 1 14  ? 10.964  -13.048 -3.852  1.00 81.66  ? 699  GLY A O   1 
ATOM   68  N N   . ALA A 1 15  ? 12.284  -14.815 -3.416  1.00 86.48  ? 700  ALA A N   1 
ATOM   69  C CA  . ALA A 1 15  ? 11.639  -15.670 -4.409  1.00 86.61  ? 700  ALA A CA  1 
ATOM   70  C C   . ALA A 1 15  ? 10.274  -16.145 -3.896  1.00 82.94  ? 700  ALA A C   1 
ATOM   71  O O   . ALA A 1 15  ? 10.048  -16.228 -2.674  1.00 81.25  ? 700  ALA A O   1 
ATOM   72  C CB  . ALA A 1 15  ? 12.522  -16.855 -4.732  1.00 93.27  ? 700  ALA A CB  1 
ATOM   73  N N   . ALA A 1 16  ? 9.365   -16.438 -4.829  1.00 81.34  ? 701  ALA A N   1 
ATOM   74  C CA  . ALA A 1 16  ? 8.056   -16.989 -4.481  1.00 78.82  ? 701  ALA A CA  1 
ATOM   75  C C   . ALA A 1 16  ? 8.035   -18.482 -4.761  1.00 82.75  ? 701  ALA A C   1 
ATOM   76  O O   . ALA A 1 16  ? 8.034   -18.885 -5.919  1.00 88.50  ? 701  ALA A O   1 
ATOM   77  C CB  . ALA A 1 16  ? 6.963   -16.298 -5.271  1.00 75.71  ? 701  ALA A CB  1 
ATOM   78  N N   . VAL A 1 17  ? 8.036   -19.301 -3.710  1.00 82.48  ? 702  VAL A N   1 
ATOM   79  C CA  . VAL A 1 17  ? 7.868   -20.748 -3.864  1.00 86.64  ? 702  VAL A CA  1 
ATOM   80  C C   . VAL A 1 17  ? 6.757   -21.275 -2.952  1.00 85.10  ? 702  VAL A C   1 
ATOM   81  O O   . VAL A 1 17  ? 6.725   -20.954 -1.772  1.00 79.73  ? 702  VAL A O   1 
ATOM   82  C CB  . VAL A 1 17  ? 9.161   -21.515 -3.532  1.00 92.48  ? 702  VAL A CB  1 
ATOM   83  C CG1 . VAL A 1 17  ? 8.982   -22.999 -3.855  1.00 95.99  ? 702  VAL A CG1 1 
ATOM   84  C CG2 . VAL A 1 17  ? 10.352  -20.935 -4.286  1.00 93.66  ? 702  VAL A CG2 1 
ATOM   85  N N   . VAL A 1 18  ? 5.869   -22.101 -3.509  1.00 88.97  ? 703  VAL A N   1 
ATOM   86  C CA  . VAL A 1 18  ? 4.846   -22.817 -2.733  1.00 90.56  ? 703  VAL A CA  1 
ATOM   87  C C   . VAL A 1 18  ? 5.468   -23.373 -1.447  1.00 94.77  ? 703  VAL A C   1 
ATOM   88  O O   . VAL A 1 18  ? 6.470   -24.096 -1.502  1.00 98.11  ? 703  VAL A O   1 
ATOM   89  C CB  . VAL A 1 18  ? 4.232   -23.999 -3.542  1.00 94.87  ? 703  VAL A CB  1 
ATOM   90  C CG1 . VAL A 1 18  ? 3.147   -24.711 -2.740  1.00 94.42  ? 703  VAL A CG1 1 
ATOM   91  C CG2 . VAL A 1 18  ? 3.674   -23.518 -4.863  1.00 93.04  ? 703  VAL A CG2 1 
ATOM   92  N N   . GLY A 1 19  ? 4.886   -23.018 -0.301  1.00 94.71  ? 704  GLY A N   1 
ATOM   93  C CA  . GLY A 1 19  ? 5.406   -23.452 0.995   1.00 99.61  ? 704  GLY A CA  1 
ATOM   94  C C   . GLY A 1 19  ? 6.342   -22.420 1.592   1.00 99.35  ? 704  GLY A C   1 
ATOM   95  O O   . GLY A 1 19  ? 6.042   -21.848 2.634   1.00 95.62  ? 704  GLY A O   1 
ATOM   96  N N   . GLN A 1 20  ? 7.477   -22.181 0.928   1.00 102.84 ? 705  GLN A N   1 
ATOM   97  C CA  . GLN A 1 20  ? 8.475   -21.219 1.407   1.00 102.57 ? 705  GLN A CA  1 
ATOM   98  C C   . GLN A 1 20  ? 7.812   -19.882 1.737   1.00 98.72  ? 705  GLN A C   1 
ATOM   99  O O   . GLN A 1 20  ? 6.902   -19.418 1.032   1.00 95.73  ? 705  GLN A O   1 
ATOM   100 C CB  . GLN A 1 20  ? 9.603   -21.019 0.377   1.00 103.55 ? 705  GLN A CB  1 
ATOM   101 N N   . GLU A 1 21  ? 8.247   -19.262 2.825   1.00 98.86  ? 706  GLU A N   1 
ATOM   102 C CA  . GLU A 1 21  ? 7.731   -17.948 3.172   1.00 93.32  ? 706  GLU A CA  1 
ATOM   103 C C   . GLU A 1 21  ? 8.256   -16.925 2.164   1.00 88.76  ? 706  GLU A C   1 
ATOM   104 O O   . GLU A 1 21  ? 9.347   -17.093 1.597   1.00 90.56  ? 706  GLU A O   1 
ATOM   105 C CB  . GLU A 1 21  ? 8.138   -17.563 4.596   1.00 96.09  ? 706  GLU A CB  1 
ATOM   106 C CG  . GLU A 1 21  ? 7.539   -16.253 5.078   1.00 96.58  ? 706  GLU A CG  1 
ATOM   107 C CD  . GLU A 1 21  ? 7.567   -16.110 6.589   1.00 105.44 ? 706  GLU A CD  1 
ATOM   108 O OE1 . GLU A 1 21  ? 6.944   -16.956 7.273   1.00 112.85 ? 706  GLU A OE1 1 
ATOM   109 O OE2 . GLU A 1 21  ? 8.195   -15.145 7.089   1.00 108.98 ? 706  GLU A OE2 1 
ATOM   110 N N   . CYS A 1 22  ? 7.463   -15.881 1.925   1.00 80.47  ? 707  CYS A N   1 
ATOM   111 C CA  . CYS A 1 22  ? 7.868   -14.804 1.038   1.00 76.43  ? 707  CYS A CA  1 
ATOM   112 C C   . CYS A 1 22  ? 7.486   -13.470 1.640   1.00 70.69  ? 707  CYS A C   1 
ATOM   113 O O   . CYS A 1 22  ? 6.670   -13.396 2.563   1.00 70.67  ? 707  CYS A O   1 
ATOM   114 C CB  . CYS A 1 22  ? 7.234   -14.954 -0.344  1.00 75.92  ? 707  CYS A CB  1 
ATOM   115 S SG  . CYS A 1 22  ? 7.985   -13.891 -1.615  1.00 79.22  ? 707  CYS A SG  1 
ATOM   116 N N   . GLU A 1 23  ? 8.074   -12.408 1.111   1.00 66.09  ? 708  GLU A N   1 
ATOM   117 C CA  . GLU A 1 23  ? 7.890   -11.095 1.696   1.00 62.08  ? 708  GLU A CA  1 
ATOM   118 C C   . GLU A 1 23  ? 7.739   -10.090 0.579   1.00 54.99  ? 708  GLU A C   1 
ATOM   119 O O   . GLU A 1 23  ? 8.431   -10.185 -0.428  1.00 54.67  ? 708  GLU A O   1 
ATOM   120 C CB  . GLU A 1 23  ? 9.086   -10.774 2.581   1.00 67.13  ? 708  GLU A CB  1 
ATOM   121 C CG  . GLU A 1 23  ? 8.890   -9.586  3.489   1.00 69.41  ? 708  GLU A CG  1 
ATOM   122 C CD  . GLU A 1 23  ? 9.913   -9.534  4.637   1.00 78.70  ? 708  GLU A CD  1 
ATOM   123 O OE1 . GLU A 1 23  ? 11.066  -10.040 4.504   1.00 75.90  ? 708  GLU A OE1 1 
ATOM   124 O OE2 . GLU A 1 23  ? 9.539   -8.964  5.683   1.00 85.77  ? 708  GLU A OE2 1 
ATOM   125 N N   . VAL A 1 24  ? 6.788   -9.175  0.739   1.00 47.89  ? 709  VAL A N   1 
ATOM   126 C CA  . VAL A 1 24  ? 6.554   -8.107  -0.203  1.00 44.73  ? 709  VAL A CA  1 
ATOM   127 C C   . VAL A 1 24  ? 6.658   -6.783  0.566   1.00 43.89  ? 709  VAL A C   1 
ATOM   128 O O   . VAL A 1 24  ? 6.333   -6.725  1.753   1.00 42.94  ? 709  VAL A O   1 
ATOM   129 C CB  . VAL A 1 24  ? 5.153   -8.215  -0.830  1.00 44.56  ? 709  VAL A CB  1 
ATOM   130 C CG1 . VAL A 1 24  ? 4.075   -8.041  0.225   1.00 39.46  ? 709  VAL A CG1 1 
ATOM   131 C CG2 . VAL A 1 24  ? 4.965   -7.172  -1.937  1.00 37.26  ? 709  VAL A CG2 1 
ATOM   132 N N   . GLN A 1 25  ? 7.123   -5.727  -0.094  1.00 42.61  ? 710  GLN A N   1 
ATOM   133 C CA  . GLN A 1 25  ? 7.136   -4.393  0.538   1.00 38.10  ? 710  GLN A CA  1 
ATOM   134 C C   . GLN A 1 25  ? 6.218   -3.515  -0.246  1.00 38.56  ? 710  GLN A C   1 
ATOM   135 O O   . GLN A 1 25  ? 6.253   -3.547  -1.475  1.00 43.49  ? 710  GLN A O   1 
ATOM   136 C CB  . GLN A 1 25  ? 8.526   -3.801  0.539   1.00 35.92  ? 710  GLN A CB  1 
ATOM   137 C CG  . GLN A 1 25  ? 8.656   -2.501  1.262   1.00 32.66  ? 710  GLN A CG  1 
ATOM   138 C CD  . GLN A 1 25  ? 9.976   -1.918  1.192   1.00 35.00  ? 710  GLN A CD  1 
ATOM   139 O OE1 . GLN A 1 25  ? 10.677  -2.033  0.167   1.00 44.48  ? 710  GLN A OE1 1 
ATOM   140 N NE2 . GLN A 1 25  ? 10.410  -1.346  2.304   1.00 46.62  ? 710  GLN A NE2 1 
ATOM   141 N N   . ILE A 1 26  ? 5.404   -2.747  0.471   1.00 37.19  ? 711  ILE A N   1 
ATOM   142 C CA  . ILE A 1 26  ? 4.518   -1.745  -0.105  1.00 38.67  ? 711  ILE A CA  1 
ATOM   143 C C   . ILE A 1 26  ? 5.057   -0.354  0.178   1.00 37.33  ? 711  ILE A C   1 
ATOM   144 O O   . ILE A 1 26  ? 5.450   -0.071  1.289   1.00 37.37  ? 711  ILE A O   1 
ATOM   145 C CB  . ILE A 1 26  ? 3.132   -1.805  0.565   1.00 40.05  ? 711  ILE A CB  1 
ATOM   146 C CG1 . ILE A 1 26  ? 2.654   -3.260  0.697   1.00 45.01  ? 711  ILE A CG1 1 
ATOM   147 C CG2 . ILE A 1 26  ? 2.145   -0.964  -0.199  1.00 39.84  ? 711  ILE A CG2 1 
ATOM   148 C CD1 . ILE A 1 26  ? 2.588   -4.000  -0.570  1.00 43.84  ? 711  ILE A CD1 1 
ATOM   149 N N   . VAL A 1 27  ? 5.082   0.505   -0.829  1.00 37.78  ? 712  VAL A N   1 
ATOM   150 C CA  . VAL A 1 27  ? 5.627   1.854   -0.685  1.00 36.43  ? 712  VAL A CA  1 
ATOM   151 C C   . VAL A 1 27  ? 4.529   2.743   -1.217  1.00 36.10  ? 712  VAL A C   1 
ATOM   152 O O   . VAL A 1 27  ? 4.090   2.545   -2.336  1.00 34.95  ? 712  VAL A O   1 
ATOM   153 C CB  . VAL A 1 27  ? 6.871   2.057   -1.527  1.00 37.84  ? 712  VAL A CB  1 
ATOM   154 C CG1 . VAL A 1 27  ? 7.379   3.525   -1.432  1.00 33.80  ? 712  VAL A CG1 1 
ATOM   155 C CG2 . VAL A 1 27  ? 7.953   1.052   -1.157  1.00 33.68  ? 712  VAL A CG2 1 
ATOM   156 N N   . PHE A 1 28  ? 4.049   3.681   -0.394  1.00 34.99  ? 713  PHE A N   1 
ATOM   157 C CA  . PHE A 1 28  ? 3.045   4.649   -0.824  1.00 33.26  ? 713  PHE A CA  1 
ATOM   158 C C   . PHE A 1 28  ? 3.489   6.065   -0.476  1.00 33.24  ? 713  PHE A C   1 
ATOM   159 O O   . PHE A 1 28  ? 3.821   6.332   0.646   1.00 35.19  ? 713  PHE A O   1 
ATOM   160 C CB  . PHE A 1 28  ? 1.732   4.376   -0.139  1.00 30.12  ? 713  PHE A CB  1 
ATOM   161 C CG  . PHE A 1 28  ? 0.657   5.385   -0.465  1.00 30.56  ? 713  PHE A CG  1 
ATOM   162 C CD1 . PHE A 1 28  ? 0.018   5.359   -1.686  1.00 26.91  ? 713  PHE A CD1 1 
ATOM   163 C CD2 . PHE A 1 28  ? 0.310   6.364   0.468   1.00 35.79  ? 713  PHE A CD2 1 
ATOM   164 C CE1 . PHE A 1 28  ? -0.962  6.230   -1.964  1.00 31.84  ? 713  PHE A CE1 1 
ATOM   165 C CE2 . PHE A 1 28  ? -0.678  7.272   0.206   1.00 30.81  ? 713  PHE A CE2 1 
ATOM   166 C CZ  . PHE A 1 28  ? -1.351  7.200   -1.003  1.00 29.44  ? 713  PHE A CZ  1 
ATOM   167 N N   . LYS A 1 29  ? 3.470   6.957   -1.456  1.00 35.91  ? 714  LYS A N   1 
ATOM   168 C CA  . LYS A 1 29  ? 3.773   8.361   -1.266  1.00 38.23  ? 714  LYS A CA  1 
ATOM   169 C C   . LYS A 1 29  ? 2.485   9.179   -1.296  1.00 37.84  ? 714  LYS A C   1 
ATOM   170 O O   . LYS A 1 29  ? 1.798   9.208   -2.292  1.00 39.25  ? 714  LYS A O   1 
ATOM   171 C CB  . LYS A 1 29  ? 4.731   8.794   -2.382  1.00 42.83  ? 714  LYS A CB  1 
ATOM   172 C CG  . LYS A 1 29  ? 5.057   10.325  -2.453  1.00 52.56  ? 714  LYS A CG  1 
ATOM   173 C CD  . LYS A 1 29  ? 6.421   10.668  -1.964  1.00 54.12  ? 714  LYS A CD  1 
ATOM   174 C CE  . LYS A 1 29  ? 6.931   11.985  -2.533  1.00 65.34  ? 714  LYS A CE  1 
ATOM   175 N NZ  . LYS A 1 29  ? 6.309   13.136  -1.863  1.00 64.16  ? 714  LYS A NZ  1 
ATOM   176 N N   . ASN A 1 30  ? 2.157   9.837   -0.191  1.00 38.03  ? 715  ASN A N   1 
ATOM   177 C CA  . ASN A 1 30  ? 1.012   10.735  -0.133  1.00 36.78  ? 715  ASN A CA  1 
ATOM   178 C C   . ASN A 1 30  ? 1.174   11.840  -1.189  1.00 42.23  ? 715  ASN A C   1 
ATOM   179 O O   . ASN A 1 30  ? 2.072   12.675  -1.054  1.00 44.95  ? 715  ASN A O   1 
ATOM   180 C CB  . ASN A 1 30  ? 0.937   11.361  1.271   1.00 36.08  ? 715  ASN A CB  1 
ATOM   181 C CG  . ASN A 1 30  ? -0.325  12.197  1.491   1.00 38.27  ? 715  ASN A CG  1 
ATOM   182 O OD1 . ASN A 1 30  ? -1.141  12.336  0.587   1.00 35.41  ? 715  ASN A OD1 1 
ATOM   183 N ND2 . ASN A 1 30  ? -0.488  12.747  2.707   1.00 30.81  ? 715  ASN A ND2 1 
ATOM   184 N N   . PRO A 1 31  ? 0.329   11.844  -2.251  1.00 44.53  ? 716  PRO A N   1 
ATOM   185 C CA  . PRO A 1 31  ? 0.335   12.887  -3.284  1.00 47.03  ? 716  PRO A CA  1 
ATOM   186 C C   . PRO A 1 31  ? -0.167  14.257  -2.820  1.00 46.61  ? 716  PRO A C   1 
ATOM   187 O O   . PRO A 1 31  ? 0.074   15.262  -3.506  1.00 44.97  ? 716  PRO A O   1 
ATOM   188 C CB  . PRO A 1 31  ? -0.662  12.356  -4.317  1.00 47.85  ? 716  PRO A CB  1 
ATOM   189 C CG  . PRO A 1 31  ? -1.595  11.557  -3.556  1.00 47.14  ? 716  PRO A CG  1 
ATOM   190 C CD  . PRO A 1 31  ? -0.803  10.920  -2.450  1.00 44.90  ? 716  PRO A CD  1 
ATOM   191 N N   . LEU A 1 32  ? -0.864  14.285  -1.682  1.00 42.30  ? 717  LEU A N   1 
ATOM   192 C CA  . LEU A 1 32  ? -1.541  15.492  -1.215  1.00 44.24  ? 717  LEU A CA  1 
ATOM   193 C C   . LEU A 1 32  ? -0.707  16.186  -0.150  1.00 42.69  ? 717  LEU A C   1 
ATOM   194 O O   . LEU A 1 32  ? 0.008   15.553  0.623   1.00 41.57  ? 717  LEU A O   1 
ATOM   195 C CB  . LEU A 1 32  ? -2.912  15.133  -0.614  1.00 46.75  ? 717  LEU A CB  1 
ATOM   196 C CG  . LEU A 1 32  ? -3.946  14.377  -1.475  1.00 46.73  ? 717  LEU A CG  1 
ATOM   197 C CD1 . LEU A 1 32  ? -5.109  13.877  -0.641  1.00 47.40  ? 717  LEU A CD1 1 
ATOM   198 C CD2 . LEU A 1 32  ? -4.422  15.272  -2.626  1.00 51.82  ? 717  LEU A CD2 1 
ATOM   199 N N   . PRO A 1 33  ? -0.806  17.494  -0.084  1.00 43.36  ? 718  PRO A N   1 
ATOM   200 C CA  . PRO A 1 33  ? -0.087  18.185  0.972   1.00 45.41  ? 718  PRO A CA  1 
ATOM   201 C C   . PRO A 1 33  ? -0.850  18.188  2.295   1.00 46.10  ? 718  PRO A C   1 
ATOM   202 O O   . PRO A 1 33  ? -0.457  18.864  3.237   1.00 49.90  ? 718  PRO A O   1 
ATOM   203 C CB  . PRO A 1 33  ? 0.059   19.585  0.408   1.00 48.01  ? 718  PRO A CB  1 
ATOM   204 C CG  . PRO A 1 33  ? -1.168  19.718  -0.438  1.00 51.41  ? 718  PRO A CG  1 
ATOM   205 C CD  . PRO A 1 33  ? -1.456  18.409  -1.029  1.00 46.24  ? 718  PRO A CD  1 
ATOM   206 N N   . VAL A 1 34  ? -1.912  17.399  2.376   1.00 46.38  ? 719  VAL A N   1 
ATOM   207 C CA  . VAL A 1 34  ? -2.701  17.283  3.580   1.00 44.84  ? 719  VAL A CA  1 
ATOM   208 C C   . VAL A 1 34  ? -2.583  15.869  4.159   1.00 40.17  ? 719  VAL A C   1 
ATOM   209 O O   . VAL A 1 34  ? -2.068  14.949  3.523   1.00 37.89  ? 719  VAL A O   1 
ATOM   210 C CB  . VAL A 1 34  ? -4.169  17.768  3.284   1.00 48.61  ? 719  VAL A CB  1 
ATOM   211 C CG1 . VAL A 1 34  ? -4.973  16.732  2.511   1.00 47.95  ? 719  VAL A CG1 1 
ATOM   212 C CG2 . VAL A 1 34  ? -4.852  18.181  4.571   1.00 57.04  ? 719  VAL A CG2 1 
ATOM   213 N N   . THR A 1 35  ? -2.988  15.713  5.410   1.00 41.58  ? 720  THR A N   1 
ATOM   214 C CA  . THR A 1 35  ? -2.891  14.433  6.105   1.00 37.32  ? 720  THR A CA  1 
ATOM   215 C C   . THR A 1 35  ? -3.940  13.451  5.613   1.00 36.43  ? 720  THR A C   1 
ATOM   216 O O   . THR A 1 35  ? -5.107  13.794  5.457   1.00 38.40  ? 720  THR A O   1 
ATOM   217 C CB  . THR A 1 35  ? -2.995  14.634  7.623   1.00 38.52  ? 720  THR A CB  1 
ATOM   218 O OG1 . THR A 1 35  ? -1.865  15.429  8.065   1.00 41.86  ? 720  THR A OG1 1 
ATOM   219 C CG2 . THR A 1 35  ? -3.023  13.293  8.377   1.00 35.23  ? 720  THR A CG2 1 
ATOM   220 N N   . LEU A 1 36  ? -3.517  12.219  5.347   1.00 33.42  ? 721  LEU A N   1 
ATOM   221 C CA  . LEU A 1 36  ? -4.473  11.150  5.040   1.00 31.10  ? 721  LEU A CA  1 
ATOM   222 C C   . LEU A 1 36  ? -4.759  10.457  6.350   1.00 29.00  ? 721  LEU A C   1 
ATOM   223 O O   . LEU A 1 36  ? -3.810  9.924   6.933   1.00 27.59  ? 721  LEU A O   1 
ATOM   224 C CB  . LEU A 1 36  ? -3.873  10.122  4.074   1.00 27.53  ? 721  LEU A CB  1 
ATOM   225 C CG  . LEU A 1 36  ? -3.538  10.618  2.684   1.00 32.50  ? 721  LEU A CG  1 
ATOM   226 C CD1 . LEU A 1 36  ? -2.891  9.458   1.936   1.00 29.64  ? 721  LEU A CD1 1 
ATOM   227 C CD2 . LEU A 1 36  ? -4.851  11.091  2.005   1.00 32.60  ? 721  LEU A CD2 1 
ATOM   228 N N   . THR A 1 37  ? -6.036  10.432  6.763   1.00 25.77  ? 722  THR A N   1 
ATOM   229 C CA  . THR A 1 37  ? -6.471  9.824   7.990   1.00 30.69  ? 722  THR A CA  1 
ATOM   230 C C   . THR A 1 37  ? -7.114  8.438   7.765   1.00 33.67  ? 722  THR A C   1 
ATOM   231 O O   . THR A 1 37  ? -7.489  8.084   6.631   1.00 32.68  ? 722  THR A O   1 
ATOM   232 C CB  . THR A 1 37  ? -7.564  10.667  8.613   1.00 34.42  ? 722  THR A CB  1 
ATOM   233 O OG1 . THR A 1 37  ? -8.666  10.757  7.686   1.00 41.64  ? 722  THR A OG1 1 
ATOM   234 C CG2 . THR A 1 37  ? -7.061  12.082  8.963   1.00 38.25  ? 722  THR A CG2 1 
ATOM   235 N N   . ASN A 1 38  ? -7.311  7.708   8.874   1.00 35.68  ? 723  ASN A N   1 
ATOM   236 C CA  . ASN A 1 38  ? -8.001  6.421   8.895   1.00 36.49  ? 723  ASN A CA  1 
ATOM   237 C C   . ASN A 1 38  ? -7.520  5.509   7.758   1.00 35.04  ? 723  ASN A C   1 
ATOM   238 O O   . ASN A 1 38  ? -8.323  4.903   7.061   1.00 36.89  ? 723  ASN A O   1 
ATOM   239 C CB  . ASN A 1 38  ? -9.503  6.636   8.805   1.00 44.16  ? 723  ASN A CB  1 
ATOM   240 C CG  . ASN A 1 38  ? -10.082 7.376   10.020  1.00 50.79  ? 723  ASN A CG  1 
ATOM   241 O OD1 . ASN A 1 38  ? -9.392  8.098   10.733  1.00 59.72  ? 723  ASN A OD1 1 
ATOM   242 N ND2 . ASN A 1 38  ? -11.325 7.152   10.268  1.00 47.15  ? 723  ASN A ND2 1 
ATOM   243 N N   . VAL A 1 39  ? -6.207  5.439   7.570   1.00 31.71  ? 724  VAL A N   1 
ATOM   244 C CA  . VAL A 1 39  ? -5.632  4.715   6.421   1.00 32.49  ? 724  VAL A CA  1 
ATOM   245 C C   . VAL A 1 39  ? -5.599  3.196   6.700   1.00 33.01  ? 724  VAL A C   1 
ATOM   246 O O   . VAL A 1 39  ? -5.049  2.775   7.720   1.00 36.18  ? 724  VAL A O   1 
ATOM   247 C CB  . VAL A 1 39  ? -4.219  5.171   6.086   1.00 27.58  ? 724  VAL A CB  1 
ATOM   248 C CG1 . VAL A 1 39  ? -3.747  4.454   4.784   1.00 28.34  ? 724  VAL A CG1 1 
ATOM   249 C CG2 . VAL A 1 39  ? -4.130  6.726   5.911   1.00 31.64  ? 724  VAL A CG2 1 
ATOM   250 N N   . VAL A 1 40  ? -6.279  2.426   5.858   1.00 32.23  ? 725  VAL A N   1 
ATOM   251 C CA  . VAL A 1 40  ? -6.363  0.986   5.980   1.00 32.86  ? 725  VAL A CA  1 
ATOM   252 C C   . VAL A 1 40  ? -5.662  0.465   4.705   1.00 33.59  ? 725  VAL A C   1 
ATOM   253 O O   . VAL A 1 40  ? -5.937  0.913   3.598   1.00 31.44  ? 725  VAL A O   1 
ATOM   254 C CB  . VAL A 1 40  ? -7.797  0.459   6.076   1.00 38.70  ? 725  VAL A CB  1 
ATOM   255 C CG1 . VAL A 1 40  ? -7.830  -1.083  6.285   1.00 38.26  ? 725  VAL A CG1 1 
ATOM   256 C CG2 . VAL A 1 40  ? -8.586  1.128   7.219   1.00 37.40  ? 725  VAL A CG2 1 
ATOM   257 N N   . PHE A 1 41  ? -4.726  -0.462  4.885   1.00 30.46  ? 726  PHE A N   1 
ATOM   258 C CA  . PHE A 1 41  ? -4.129  -1.175  3.781   1.00 30.33  ? 726  PHE A CA  1 
ATOM   259 C C   . PHE A 1 41  ? -4.637  -2.614  3.783   1.00 31.46  ? 726  PHE A C   1 
ATOM   260 O O   . PHE A 1 41  ? -4.833  -3.231  4.831   1.00 33.02  ? 726  PHE A O   1 
ATOM   261 C CB  . PHE A 1 41  ? -2.616  -1.098  3.948   1.00 33.71  ? 726  PHE A CB  1 
ATOM   262 C CG  . PHE A 1 41  ? -1.872  -2.187  3.272   1.00 41.35  ? 726  PHE A CG  1 
ATOM   263 C CD1 . PHE A 1 41  ? -1.617  -3.389  3.936   1.00 50.75  ? 726  PHE A CD1 1 
ATOM   264 C CD2 . PHE A 1 41  ? -1.401  -2.013  1.976   1.00 50.97  ? 726  PHE A CD2 1 
ATOM   265 C CE1 . PHE A 1 41  ? -0.909  -4.416  3.328   1.00 46.37  ? 726  PHE A CE1 1 
ATOM   266 C CE2 . PHE A 1 41  ? -0.691  -3.048  1.343   1.00 55.08  ? 726  PHE A CE2 1 
ATOM   267 C CZ  . PHE A 1 41  ? -0.432  -4.241  2.030   1.00 52.44  ? 726  PHE A CZ  1 
ATOM   268 N N   . ARG A 1 42  ? -4.918  -3.113  2.599   1.00 31.02  ? 727  ARG A N   1 
ATOM   269 C CA  . ARG A 1 42  ? -5.362  -4.469  2.411   1.00 34.77  ? 727  ARG A CA  1 
ATOM   270 C C   . ARG A 1 42  ? -4.454  -5.139  1.432   1.00 34.46  ? 727  ARG A C   1 
ATOM   271 O O   . ARG A 1 42  ? -3.908  -4.489  0.543   1.00 33.43  ? 727  ARG A O   1 
ATOM   272 C CB  . ARG A 1 42  ? -6.748  -4.521  1.812   1.00 37.14  ? 727  ARG A CB  1 
ATOM   273 C CG  . ARG A 1 42  ? -7.845  -4.088  2.723   1.00 45.54  ? 727  ARG A CG  1 
ATOM   274 C CD  . ARG A 1 42  ? -9.181  -4.066  1.981   1.00 49.16  ? 727  ARG A CD  1 
ATOM   275 N NE  . ARG A 1 42  ? -10.296 -3.911  2.900   1.00 53.45  ? 727  ARG A NE  1 
ATOM   276 C CZ  . ARG A 1 42  ? -10.637 -2.779  3.520   1.00 50.72  ? 727  ARG A CZ  1 
ATOM   277 N NH1 . ARG A 1 42  ? -9.950  -1.665  3.347   1.00 45.63  ? 727  ARG A NH1 1 
ATOM   278 N NH2 . ARG A 1 42  ? -11.687 -2.777  4.335   1.00 56.42  ? 727  ARG A NH2 1 
ATOM   279 N N   . LEU A 1 43  ? -4.323  -6.451  1.584   1.00 34.96  ? 728  LEU A N   1 
ATOM   280 C CA  . LEU A 1 43  ? -3.505  -7.249  0.698   1.00 32.91  ? 728  LEU A CA  1 
ATOM   281 C C   . LEU A 1 43  ? -4.217  -8.560  0.455   1.00 34.65  ? 728  LEU A C   1 
ATOM   282 O O   . LEU A 1 43  ? -4.746  -9.185  1.408   1.00 36.46  ? 728  LEU A O   1 
ATOM   283 C CB  . LEU A 1 43  ? -2.154  -7.493  1.346   1.00 35.78  ? 728  LEU A CB  1 
ATOM   284 C CG  . LEU A 1 43  ? -1.093  -8.183  0.468   1.00 38.62  ? 728  LEU A CG  1 
ATOM   285 C CD1 . LEU A 1 43  ? -0.667  -7.383  -0.784  1.00 31.33  ? 728  LEU A CD1 1 
ATOM   286 C CD2 . LEU A 1 43  ? 0.123   -8.469  1.357   1.00 36.38  ? 728  LEU A CD2 1 
ATOM   287 N N   . GLU A 1 44  ? -4.286  -8.953  -0.816  1.00 32.05  ? 729  GLU A N   1 
ATOM   288 C CA  . GLU A 1 44  ? -4.878  -10.206 -1.188  1.00 37.14  ? 729  GLU A CA  1 
ATOM   289 C C   . GLU A 1 44  ? -4.271  -10.738 -2.472  1.00 40.85  ? 729  GLU A C   1 
ATOM   290 O O   . GLU A 1 44  ? -3.569  -10.029 -3.200  1.00 41.02  ? 729  GLU A O   1 
ATOM   291 C CB  . GLU A 1 44  ? -6.416  -10.075 -1.348  1.00 41.04  ? 729  GLU A CB  1 
ATOM   292 C CG  . GLU A 1 44  ? -6.924  -8.672  -1.623  1.00 48.75  ? 729  GLU A CG  1 
ATOM   293 C CD  . GLU A 1 44  ? -8.391  -8.523  -1.300  1.00 57.73  ? 729  GLU A CD  1 
ATOM   294 O OE1 . GLU A 1 44  ? -9.156  -9.390  -1.789  1.00 57.52  ? 729  GLU A OE1 1 
ATOM   295 O OE2 . GLU A 1 44  ? -8.743  -7.573  -0.538  1.00 58.90  ? 729  GLU A OE2 1 
ATOM   296 N N   . GLY A 1 45  ? -4.532  -12.004 -2.743  1.00 46.35  ? 730  GLY A N   1 
ATOM   297 C CA  . GLY A 1 45  ? -4.208  -12.569 -4.029  1.00 54.28  ? 730  GLY A CA  1 
ATOM   298 C C   . GLY A 1 45  ? -4.581  -14.016 -4.024  1.00 60.85  ? 730  GLY A C   1 
ATOM   299 O O   . GLY A 1 45  ? -4.493  -14.665 -2.973  1.00 60.16  ? 730  GLY A O   1 
ATOM   300 N N   . SER A 1 46  ? -5.014  -14.520 -5.181  1.00 68.55  ? 731  SER A N   1 
ATOM   301 C CA  . SER A 1 46  ? -5.384  -15.938 -5.296  1.00 75.21  ? 731  SER A CA  1 
ATOM   302 C C   . SER A 1 46  ? -4.126  -16.774 -5.095  1.00 74.61  ? 731  SER A C   1 
ATOM   303 O O   . SER A 1 46  ? -3.099  -16.514 -5.721  1.00 71.65  ? 731  SER A O   1 
ATOM   304 C CB  . SER A 1 46  ? -6.060  -16.287 -6.644  1.00 81.54  ? 731  SER A CB  1 
ATOM   305 N N   . GLY A 1 47  ? -4.227  -17.738 -4.181  1.00 77.93  ? 732  GLY A N   1 
ATOM   306 C CA  . GLY A 1 47  ? -3.195  -18.739 -3.954  1.00 80.77  ? 732  GLY A CA  1 
ATOM   307 C C   . GLY A 1 47  ? -1.981  -18.168 -3.270  1.00 77.00  ? 732  GLY A C   1 
ATOM   308 O O   . GLY A 1 47  ? -0.878  -18.683 -3.421  1.00 78.13  ? 732  GLY A O   1 
ATOM   309 N N   . LEU A 1 48  ? -2.195  -17.100 -2.512  1.00 74.74  ? 733  LEU A N   1 
ATOM   310 C CA  . LEU A 1 48  ? -1.092  -16.290 -2.006  1.00 72.29  ? 733  LEU A CA  1 
ATOM   311 C C   . LEU A 1 48  ? -1.327  -15.861 -0.562  1.00 71.26  ? 733  LEU A C   1 
ATOM   312 O O   . LEU A 1 48  ? -0.492  -16.105 0.321   1.00 72.09  ? 733  LEU A O   1 
ATOM   313 C CB  . LEU A 1 48  ? -0.896  -15.065 -2.914  1.00 68.32  ? 733  LEU A CB  1 
ATOM   314 C CG  . LEU A 1 48  ? -0.377  -15.401 -4.321  1.00 71.97  ? 733  LEU A CG  1 
ATOM   315 C CD1 . LEU A 1 48  ? -0.540  -14.279 -5.337  1.00 67.46  ? 733  LEU A CD1 1 
ATOM   316 C CD2 . LEU A 1 48  ? 1.069   -15.813 -4.220  1.00 70.38  ? 733  LEU A CD2 1 
ATOM   317 N N   . GLN A 1 49  ? -2.472  -15.239 -0.321  1.00 70.74  ? 734  GLN A N   1 
ATOM   318 C CA  . GLN A 1 49  ? -2.696  -14.536 0.936   1.00 69.59  ? 734  GLN A CA  1 
ATOM   319 C C   . GLN A 1 49  ? -4.191  -14.322 1.160   1.00 70.85  ? 734  GLN A C   1 
ATOM   320 O O   . GLN A 1 49  ? -4.821  -13.555 0.431   1.00 69.51  ? 734  GLN A O   1 
ATOM   321 C CB  . GLN A 1 49  ? -1.938  -13.190 0.920   1.00 64.35  ? 734  GLN A CB  1 
ATOM   322 C CG  . GLN A 1 49  ? -2.146  -12.265 2.154   1.00 64.65  ? 734  GLN A CG  1 
ATOM   323 C CD  . GLN A 1 49  ? -1.717  -12.871 3.523   1.00 69.00  ? 734  GLN A CD  1 
ATOM   324 O OE1 . GLN A 1 49  ? -0.545  -12.812 3.899   1.00 67.69  ? 734  GLN A OE1 1 
ATOM   325 N NE2 . GLN A 1 49  ? -2.683  -13.406 4.276   1.00 69.31  ? 734  GLN A NE2 1 
ATOM   326 N N   . ARG A 1 50  ? -4.755  -15.032 2.145   1.00 74.90  ? 735  ARG A N   1 
ATOM   327 C CA  . ARG A 1 50  ? -6.102  -14.736 2.642   1.00 74.47  ? 735  ARG A CA  1 
ATOM   328 C C   . ARG A 1 50  ? -6.176  -13.227 2.897   1.00 68.46  ? 735  ARG A C   1 
ATOM   329 O O   . ARG A 1 50  ? -5.211  -12.621 3.333   1.00 63.12  ? 735  ARG A O   1 
ATOM   330 C CB  . ARG A 1 50  ? -6.462  -15.580 3.899   1.00 80.27  ? 735  ARG A CB  1 
ATOM   331 C CG  . ARG A 1 50  ? -5.366  -15.764 5.003   1.00 82.03  ? 735  ARG A CG  1 
ATOM   332 C CD  . ARG A 1 50  ? -5.155  -14.525 5.885   1.00 72.36  ? 735  ARG A CD  1 
ATOM   333 N N   . PRO A 1 51  ? -7.306  -12.593 2.574   1.00 68.00  ? 736  PRO A N   1 
ATOM   334 C CA  . PRO A 1 51  ? -7.320  -11.139 2.722   1.00 62.48  ? 736  PRO A CA  1 
ATOM   335 C C   . PRO A 1 51  ? -6.758  -10.589 4.071   1.00 61.62  ? 736  PRO A C   1 
ATOM   336 O O   . PRO A 1 51  ? -7.398  -10.736 5.125   1.00 64.77  ? 736  PRO A O   1 
ATOM   337 C CB  . PRO A 1 51  ? -8.792  -10.784 2.557   1.00 66.42  ? 736  PRO A CB  1 
ATOM   338 C CG  . PRO A 1 51  ? -9.397  -11.936 1.765   1.00 73.04  ? 736  PRO A CG  1 
ATOM   339 C CD  . PRO A 1 51  ? -8.565  -13.140 2.034   1.00 72.19  ? 736  PRO A CD  1 
ATOM   340 N N   . LYS A 1 52  ? -5.570  -9.965  3.996   1.00 56.22  ? 737  LYS A N   1 
ATOM   341 C CA  . LYS A 1 52  ? -4.935  -9.238  5.106   1.00 52.54  ? 737  LYS A CA  1 
ATOM   342 C C   . LYS A 1 52  ? -5.287  -7.744  5.120   1.00 46.91  ? 737  LYS A C   1 
ATOM   343 O O   . LYS A 1 52  ? -5.219  -7.056  4.104   1.00 42.28  ? 737  LYS A O   1 
ATOM   344 C CB  . LYS A 1 52  ? -3.399  -9.353  5.026   1.00 51.21  ? 737  LYS A CB  1 
ATOM   345 C CG  . LYS A 1 52  ? -2.672  -9.307  6.393   1.00 59.68  ? 737  LYS A CG  1 
ATOM   346 N N   . ILE A 1 53  ? -5.550  -7.240  6.310   1.00 43.32  ? 738  ILE A N   1 
ATOM   347 C CA  . ILE A 1 53  ? -5.970  -5.897  6.506   1.00 40.01  ? 738  ILE A CA  1 
ATOM   348 C C   . ILE A 1 53  ? -5.041  -5.325  7.574   1.00 38.86  ? 738  ILE A C   1 
ATOM   349 O O   . ILE A 1 53  ? -4.772  -5.981  8.546   1.00 40.13  ? 738  ILE A O   1 
ATOM   350 C CB  . ILE A 1 53  ? -7.463  -5.931  6.835   1.00 42.82  ? 738  ILE A CB  1 
ATOM   351 C CG1 . ILE A 1 53  ? -8.073  -4.551  6.868   1.00 44.36  ? 738  ILE A CG1 1 
ATOM   352 C CG2 . ILE A 1 53  ? -7.753  -6.751  8.103   1.00 53.52  ? 738  ILE A CG2 1 
ATOM   353 C CD1 . ILE A 1 53  ? -9.607  -4.667  6.968   1.00 44.89  ? 738  ILE A CD1 1 
ATOM   354 N N   . LEU A 1 54  ? -4.463  -4.146  7.326   1.00 37.69  ? 739  LEU A N   1 
ATOM   355 C CA  . LEU A 1 54  ? -3.519  -3.523  8.259   1.00 38.42  ? 739  LEU A CA  1 
ATOM   356 C C   . LEU A 1 54  ? -3.853  -2.073  8.463   1.00 36.62  ? 739  LEU A C   1 
ATOM   357 O O   . LEU A 1 54  ? -4.173  -1.361  7.526   1.00 31.69  ? 739  LEU A O   1 
ATOM   358 C CB  . LEU A 1 54  ? -2.086  -3.629  7.758   1.00 39.25  ? 739  LEU A CB  1 
ATOM   359 C CG  . LEU A 1 54  ? -1.502  -5.046  7.783   1.00 51.87  ? 739  LEU A CG  1 
ATOM   360 C CD1 . LEU A 1 54  ? -0.600  -5.226  6.577   1.00 57.13  ? 739  LEU A CD1 1 
ATOM   361 C CD2 . LEU A 1 54  ? -0.774  -5.334  9.131   1.00 60.58  ? 739  LEU A CD2 1 
ATOM   362 N N   . ASN A 1 55  ? -3.812  -1.668  9.720   1.00 40.33  ? 740  ASN A N   1 
ATOM   363 C CA  . ASN A 1 55  ? -3.950  -0.284  10.123  1.00 45.19  ? 740  ASN A CA  1 
ATOM   364 C C   . ASN A 1 55  ? -2.643  0.454   9.811   1.00 42.50  ? 740  ASN A C   1 
ATOM   365 O O   . ASN A 1 55  ? -1.543  -0.073  10.092  1.00 44.62  ? 740  ASN A O   1 
ATOM   366 C CB  . ASN A 1 55  ? -4.221  -0.223  11.628  1.00 51.99  ? 740  ASN A CB  1 
ATOM   367 C CG  . ASN A 1 55  ? -5.247  0.816   11.997  1.00 62.18  ? 740  ASN A CG  1 
ATOM   368 O OD1 . ASN A 1 55  ? -6.391  0.763   11.534  1.00 64.29  ? 740  ASN A OD1 1 
ATOM   369 N ND2 . ASN A 1 55  ? -4.855  1.762   12.861  1.00 72.99  ? 740  ASN A ND2 1 
ATOM   370 N N   . VAL A 1 56  ? -2.752  1.638   9.214   1.00 36.12  ? 741  VAL A N   1 
ATOM   371 C CA  . VAL A 1 56  ? -1.600  2.519   9.018   1.00 34.95  ? 741  VAL A CA  1 
ATOM   372 C C   . VAL A 1 56  ? -1.851  3.846   9.735   1.00 37.74  ? 741  VAL A C   1 
ATOM   373 O O   . VAL A 1 56  ? -2.982  4.361   9.749   1.00 36.09  ? 741  VAL A O   1 
ATOM   374 C CB  . VAL A 1 56  ? -1.310  2.746   7.518   1.00 35.50  ? 741  VAL A CB  1 
ATOM   375 C CG1 . VAL A 1 56  ? -0.040  3.663   7.286   1.00 29.13  ? 741  VAL A CG1 1 
ATOM   376 C CG2 . VAL A 1 56  ? -1.144  1.435   6.824   1.00 34.00  ? 741  VAL A CG2 1 
ATOM   377 N N   . GLY A 1 57  ? -0.806  4.364   10.375  1.00 41.18  ? 742  GLY A N   1 
ATOM   378 C CA  . GLY A 1 57  ? -0.848  5.685   10.997  1.00 46.34  ? 742  GLY A CA  1 
ATOM   379 C C   . GLY A 1 57  ? -1.104  6.783   9.957   1.00 46.09  ? 742  GLY A C   1 
ATOM   380 O O   . GLY A 1 57  ? -0.638  6.674   8.815   1.00 46.23  ? 742  GLY A O   1 
ATOM   381 N N   . ASP A 1 58  ? -1.888  7.803   10.330  1.00 44.56  ? 743  ASP A N   1 
ATOM   382 C CA  . ASP A 1 58  ? -2.149  8.948   9.456   1.00 39.94  ? 743  ASP A CA  1 
ATOM   383 C C   . ASP A 1 58  ? -0.867  9.263   8.712   1.00 37.67  ? 743  ASP A C   1 
ATOM   384 O O   . ASP A 1 58  ? 0.246   9.145   9.270   1.00 36.33  ? 743  ASP A O   1 
ATOM   385 C CB  . ASP A 1 58  ? -2.554  10.191  10.268  1.00 44.08  ? 743  ASP A CB  1 
ATOM   386 C CG  . ASP A 1 58  ? -3.920  10.059  10.930  1.00 45.36  ? 743  ASP A CG  1 
ATOM   387 O OD1 . ASP A 1 58  ? -4.599  9.031   10.716  1.00 48.82  ? 743  ASP A OD1 1 
ATOM   388 O OD2 . ASP A 1 58  ? -4.325  11.003  11.649  1.00 39.94  ? 743  ASP A OD2 1 
ATOM   389 N N   . ILE A 1 59  ? -1.015  9.651   7.453   1.00 34.51  ? 744  ILE A N   1 
ATOM   390 C CA  . ILE A 1 59  ? 0.135   9.877   6.603   1.00 32.68  ? 744  ILE A CA  1 
ATOM   391 C C   . ILE A 1 59  ? 0.143   11.369  6.404   1.00 33.42  ? 744  ILE A C   1 
ATOM   392 O O   . ILE A 1 59  ? -0.782  11.902  5.808   1.00 36.39  ? 744  ILE A O   1 
ATOM   393 C CB  . ILE A 1 59  ? 0.001   9.121   5.240   1.00 30.81  ? 744  ILE A CB  1 
ATOM   394 C CG1 . ILE A 1 59  ? -0.180  7.612   5.476   1.00 26.16  ? 744  ILE A CG1 1 
ATOM   395 C CG2 . ILE A 1 59  ? 1.239   9.405   4.340   1.00 28.35  ? 744  ILE A CG2 1 
ATOM   396 C CD1 . ILE A 1 59  ? -0.526  6.786   4.169   1.00 23.68  ? 744  ILE A CD1 1 
ATOM   397 N N   . GLY A 1 60  ? 1.147   12.053  6.953   1.00 37.16  ? 745  GLY A N   1 
ATOM   398 C CA  . GLY A 1 60  ? 1.281   13.507  6.789   1.00 37.18  ? 745  GLY A CA  1 
ATOM   399 C C   . GLY A 1 60  ? 1.426   13.881  5.327   1.00 38.51  ? 745  GLY A C   1 
ATOM   400 O O   . GLY A 1 60  ? 1.734   13.045  4.483   1.00 38.72  ? 745  GLY A O   1 
ATOM   401 N N   . GLY A 1 61  ? 1.179   15.148  5.001   1.00 40.81  ? 746  GLY A N   1 
ATOM   402 C CA  . GLY A 1 61  ? 1.198   15.567  3.614   1.00 37.51  ? 746  GLY A CA  1 
ATOM   403 C C   . GLY A 1 61  ? 2.579   15.344  3.034   1.00 38.66  ? 746  GLY A C   1 
ATOM   404 O O   . GLY A 1 61  ? 3.580   15.607  3.708   1.00 39.53  ? 746  GLY A O   1 
ATOM   405 N N   . ASN A 1 62  ? 2.628   14.854  1.793   1.00 36.61  ? 747  ASN A N   1 
ATOM   406 C CA  . ASN A 1 62  ? 3.875   14.619  1.075   1.00 40.33  ? 747  ASN A CA  1 
ATOM   407 C C   . ASN A 1 62  ? 4.749   13.462  1.589   1.00 40.62  ? 747  ASN A C   1 
ATOM   408 O O   . ASN A 1 62  ? 5.844   13.207  1.071   1.00 45.13  ? 747  ASN A O   1 
ATOM   409 C CB  . ASN A 1 62  ? 4.696   15.919  1.012   1.00 46.39  ? 747  ASN A CB  1 
ATOM   410 C CG  . ASN A 1 62  ? 3.907   17.078  0.396   1.00 53.55  ? 747  ASN A CG  1 
ATOM   411 O OD1 . ASN A 1 62  ? 3.284   16.919  -0.662  1.00 48.80  ? 747  ASN A OD1 1 
ATOM   412 N ND2 . ASN A 1 62  ? 3.927   18.243  1.061   1.00 58.88  ? 747  ASN A ND2 1 
ATOM   413 N N   . GLU A 1 63  ? 4.253   12.749  2.575   1.00 37.49  ? 748  GLU A N   1 
ATOM   414 C CA  . GLU A 1 63  ? 5.013   11.720  3.233   1.00 39.12  ? 748  GLU A CA  1 
ATOM   415 C C   . GLU A 1 63  ? 4.873   10.361  2.548   1.00 34.95  ? 748  GLU A C   1 
ATOM   416 O O   . GLU A 1 63  ? 3.787   9.970   2.132   1.00 34.30  ? 748  GLU A O   1 
ATOM   417 C CB  . GLU A 1 63  ? 4.482   11.627  4.642   1.00 40.67  ? 748  GLU A CB  1 
ATOM   418 C CG  . GLU A 1 63  ? 5.273   10.880  5.625   1.00 50.57  ? 748  GLU A CG  1 
ATOM   419 C CD  . GLU A 1 63  ? 4.857   11.307  7.001   1.00 65.85  ? 748  GLU A CD  1 
ATOM   420 O OE1 . GLU A 1 63  ? 4.996   12.537  7.303   1.00 70.92  ? 748  GLU A OE1 1 
ATOM   421 O OE2 . GLU A 1 63  ? 4.342   10.434  7.738   1.00 68.56  ? 748  GLU A OE2 1 
ATOM   422 N N   . THR A 1 64  ? 5.992   9.640   2.479   1.00 36.86  ? 749  THR A N   1 
ATOM   423 C CA  . THR A 1 64  ? 6.048   8.235   2.055   1.00 33.63  ? 749  THR A CA  1 
ATOM   424 C C   . THR A 1 64  ? 6.064   7.304   3.261   1.00 33.30  ? 749  THR A C   1 
ATOM   425 O O   . THR A 1 64  ? 6.770   7.558   4.246   1.00 37.05  ? 749  THR A O   1 
ATOM   426 C CB  . THR A 1 64  ? 7.340   8.015   1.348   1.00 35.86  ? 749  THR A CB  1 
ATOM   427 O OG1 . THR A 1 64  ? 7.381   8.888   0.228   1.00 40.91  ? 749  THR A OG1 1 
ATOM   428 C CG2 . THR A 1 64  ? 7.539   6.552   0.898   1.00 34.96  ? 749  THR A CG2 1 
ATOM   429 N N   . VAL A 1 65  ? 5.328   6.208   3.147   1.00 34.14  ? 750  VAL A N   1 
ATOM   430 C CA  . VAL A 1 65  ? 5.365   5.118   4.116   1.00 35.90  ? 750  VAL A CA  1 
ATOM   431 C C   . VAL A 1 65  ? 5.693   3.835   3.380   1.00 33.79  ? 750  VAL A C   1 
ATOM   432 O O   . VAL A 1 65  ? 5.355   3.664   2.220   1.00 31.26  ? 750  VAL A O   1 
ATOM   433 C CB  . VAL A 1 65  ? 4.005   4.884   4.802   1.00 36.03  ? 750  VAL A CB  1 
ATOM   434 C CG1 . VAL A 1 65  ? 3.680   6.017   5.762   1.00 40.65  ? 750  VAL A CG1 1 
ATOM   435 C CG2 . VAL A 1 65  ? 2.966   4.717   3.754   1.00 30.47  ? 750  VAL A CG2 1 
ATOM   436 N N   . THR A 1 66  ? 6.367   2.947   4.091   1.00 36.97  ? 751  THR A N   1 
ATOM   437 C CA  . THR A 1 66  ? 6.673   1.608   3.629   1.00 38.53  ? 751  THR A CA  1 
ATOM   438 C C   . THR A 1 66  ? 6.008   0.588   4.601   1.00 41.25  ? 751  THR A C   1 
ATOM   439 O O   . THR A 1 66  ? 5.784   0.868   5.788   1.00 40.93  ? 751  THR A O   1 
ATOM   440 C CB  . THR A 1 66  ? 8.182   1.415   3.509   1.00 39.36  ? 751  THR A CB  1 
ATOM   441 O OG1 . THR A 1 66  ? 8.758   1.118   4.784   1.00 42.01  ? 751  THR A OG1 1 
ATOM   442 C CG2 . THR A 1 66  ? 8.829   2.679   3.005   1.00 41.68  ? 751  THR A CG2 1 
ATOM   443 N N   . LEU A 1 67  ? 5.595   -0.555  4.081   1.00 43.19  ? 752  LEU A N   1 
ATOM   444 C CA  . LEU A 1 67  ? 5.283   -1.663  4.967   1.00 46.71  ? 752  LEU A CA  1 
ATOM   445 C C   . LEU A 1 67  ? 5.698   -2.972  4.340   1.00 44.91  ? 752  LEU A C   1 
ATOM   446 O O   . LEU A 1 67  ? 5.773   -3.071  3.118   1.00 42.59  ? 752  LEU A O   1 
ATOM   447 C CB  . LEU A 1 67  ? 3.822   -1.652  5.469   1.00 47.00  ? 752  LEU A CB  1 
ATOM   448 C CG  . LEU A 1 67  ? 2.536   -1.330  4.732   1.00 49.96  ? 752  LEU A CG  1 
ATOM   449 C CD1 . LEU A 1 67  ? 1.395   -1.672  5.676   1.00 57.62  ? 752  LEU A CD1 1 
ATOM   450 C CD2 . LEU A 1 67  ? 2.380   0.119   4.301   1.00 52.60  ? 752  LEU A CD2 1 
ATOM   451 N N   . ARG A 1 68  ? 6.077   -3.910  5.202   1.00 46.68  ? 753  ARG A N   1 
ATOM   452 C CA  . ARG A 1 68  ? 6.543   -5.233  4.819   1.00 49.72  ? 753  ARG A CA  1 
ATOM   453 C C   . ARG A 1 68  ? 5.444   -6.217  5.215   1.00 49.07  ? 753  ARG A C   1 
ATOM   454 O O   . ARG A 1 68  ? 4.918   -6.125  6.310   1.00 50.05  ? 753  ARG A O   1 
ATOM   455 C CB  . ARG A 1 68  ? 7.802   -5.612  5.602   1.00 54.81  ? 753  ARG A CB  1 
ATOM   456 C CG  . ARG A 1 68  ? 9.109   -4.855  5.286   1.00 63.09  ? 753  ARG A CG  1 
ATOM   457 C CD  . ARG A 1 68  ? 10.286  -5.797  5.494   1.00 76.24  ? 753  ARG A CD  1 
ATOM   458 N NE  . ARG A 1 68  ? 11.535  -5.148  5.863   1.00 85.48  ? 753  ARG A NE  1 
ATOM   459 C CZ  . ARG A 1 68  ? 12.615  -5.802  6.296   1.00 100.07 ? 753  ARG A CZ  1 
ATOM   460 N NH1 . ARG A 1 68  ? 12.599  -7.131  6.418   1.00 107.11 ? 753  ARG A NH1 1 
ATOM   461 N NH2 . ARG A 1 68  ? 13.723  -5.130  6.617   1.00 104.78 ? 753  ARG A NH2 1 
ATOM   462 N N   . GLN A 1 69  ? 5.102   -7.167  4.356   1.00 48.45  ? 754  GLN A N   1 
ATOM   463 C CA  . GLN A 1 69  ? 4.099   -8.178  4.719   1.00 50.33  ? 754  GLN A CA  1 
ATOM   464 C C   . GLN A 1 69  ? 4.547   -9.532  4.203   1.00 51.85  ? 754  GLN A C   1 
ATOM   465 O O   . GLN A 1 69  ? 4.900   -9.668  3.027   1.00 51.53  ? 754  GLN A O   1 
ATOM   466 C CB  . GLN A 1 69  ? 2.731   -7.792  4.162   1.00 48.71  ? 754  GLN A CB  1 
ATOM   467 C CG  . GLN A 1 69  ? 1.554   -8.622  4.711   1.00 59.30  ? 754  GLN A CG  1 
ATOM   468 C CD  . GLN A 1 69  ? 1.388   -8.537  6.228   1.00 63.16  ? 754  GLN A CD  1 
ATOM   469 O OE1 . GLN A 1 69  ? 1.311   -7.437  6.795   1.00 67.11  ? 754  GLN A OE1 1 
ATOM   470 N NE2 . GLN A 1 69  ? 1.330   -9.704  6.889   1.00 52.07  ? 754  GLN A NE2 1 
ATOM   471 N N   . SER A 1 70  ? 4.578   -10.525 5.082   1.00 54.41  ? 755  SER A N   1 
ATOM   472 C CA  . SER A 1 70  ? 4.996   -11.867 4.669   1.00 57.98  ? 755  SER A CA  1 
ATOM   473 C C   . SER A 1 70  ? 3.790   -12.750 4.350   1.00 56.51  ? 755  SER A C   1 
ATOM   474 O O   . SER A 1 70  ? 2.720   -12.571 4.913   1.00 53.39  ? 755  SER A O   1 
ATOM   475 C CB  . SER A 1 70  ? 5.881   -12.520 5.726   1.00 60.69  ? 755  SER A CB  1 
ATOM   476 O OG  . SER A 1 70  ? 5.279   -12.425 7.001   1.00 69.06  ? 755  SER A OG  1 
ATOM   477 N N   . PHE A 1 71  ? 3.976   -13.683 3.424   1.00 57.59  ? 756  PHE A N   1 
ATOM   478 C CA  . PHE A 1 71  ? 2.915   -14.612 3.044   1.00 59.59  ? 756  PHE A CA  1 
ATOM   479 C C   . PHE A 1 71  ? 3.533   -15.892 2.562   1.00 62.10  ? 756  PHE A C   1 
ATOM   480 O O   . PHE A 1 71  ? 4.697   -15.932 2.165   1.00 62.27  ? 756  PHE A O   1 
ATOM   481 C CB  . PHE A 1 71  ? 2.016   -14.028 1.945   1.00 58.52  ? 756  PHE A CB  1 
ATOM   482 C CG  . PHE A 1 71  ? 2.751   -13.692 0.671   1.00 58.89  ? 756  PHE A CG  1 
ATOM   483 C CD1 . PHE A 1 71  ? 3.412   -12.483 0.538   1.00 56.26  ? 756  PHE A CD1 1 
ATOM   484 C CD2 . PHE A 1 71  ? 2.786   -14.601 -0.397  1.00 60.64  ? 756  PHE A CD2 1 
ATOM   485 C CE1 . PHE A 1 71  ? 4.106   -12.184 -0.632  1.00 62.50  ? 756  PHE A CE1 1 
ATOM   486 C CE2 . PHE A 1 71  ? 3.475   -14.304 -1.575  1.00 58.23  ? 756  PHE A CE2 1 
ATOM   487 C CZ  . PHE A 1 71  ? 4.134   -13.095 -1.693  1.00 62.66  ? 756  PHE A CZ  1 
ATOM   488 N N   . VAL A 1 72  ? 2.749   -16.954 2.595   1.00 64.19  ? 757  VAL A N   1 
ATOM   489 C CA  . VAL A 1 72  ? 3.247   -18.234 2.134   1.00 66.57  ? 757  VAL A CA  1 
ATOM   490 C C   . VAL A 1 72  ? 2.385   -18.626 0.935   1.00 65.74  ? 757  VAL A C   1 
ATOM   491 O O   . VAL A 1 72  ? 1.171   -18.818 1.085   1.00 66.87  ? 757  VAL A O   1 
ATOM   492 C CB  . VAL A 1 72  ? 3.181   -19.257 3.274   1.00 70.86  ? 757  VAL A CB  1 
ATOM   493 C CG1 . VAL A 1 72  ? 3.837   -20.551 2.859   1.00 66.42  ? 757  VAL A CG1 1 
ATOM   494 C CG2 . VAL A 1 72  ? 3.814   -18.657 4.570   1.00 67.69  ? 757  VAL A CG2 1 
ATOM   495 N N   . PRO A 1 73  ? 2.986   -18.680 -0.267  1.00 63.48  ? 758  PRO A N   1 
ATOM   496 C CA  . PRO A 1 73  ? 2.211   -19.106 -1.401  1.00 64.86  ? 758  PRO A CA  1 
ATOM   497 C C   . PRO A 1 73  ? 1.726   -20.502 -1.158  1.00 67.83  ? 758  PRO A C   1 
ATOM   498 O O   . PRO A 1 73  ? 2.448   -21.319 -0.599  1.00 72.17  ? 758  PRO A O   1 
ATOM   499 C CB  . PRO A 1 73  ? 3.209   -19.076 -2.552  1.00 66.79  ? 758  PRO A CB  1 
ATOM   500 C CG  . PRO A 1 73  ? 4.189   -18.089 -2.148  1.00 66.50  ? 758  PRO A CG  1 
ATOM   501 C CD  . PRO A 1 73  ? 4.327   -18.253 -0.677  1.00 65.54  ? 758  PRO A CD  1 
ATOM   502 N N   . VAL A 1 74  ? 0.494   -20.752 -1.570  1.00 70.63  ? 759  VAL A N   1 
ATOM   503 C CA  . VAL A 1 74  ? -0.189  -22.023 -1.341  1.00 74.04  ? 759  VAL A CA  1 
ATOM   504 C C   . VAL A 1 74  ? -0.321  -22.800 -2.690  1.00 77.91  ? 759  VAL A C   1 
ATOM   505 O O   . VAL A 1 74  ? -0.198  -24.031 -2.722  1.00 81.15  ? 759  VAL A O   1 
ATOM   506 C CB  . VAL A 1 74  ? -1.544  -21.746 -0.545  1.00 71.94  ? 759  VAL A CB  1 
ATOM   507 C CG1 . VAL A 1 74  ? -2.414  -20.774 -1.272  1.00 70.98  ? 759  VAL A CG1 1 
ATOM   508 C CG2 . VAL A 1 74  ? -2.303  -23.006 -0.232  1.00 78.44  ? 759  VAL A CG2 1 
ATOM   509 N N   . ARG A 1 75  ? -0.495  -22.061 -3.793  1.00 79.23  ? 760  ARG A N   1 
ATOM   510 C CA  . ARG A 1 75  ? -0.700  -22.623 -5.136  1.00 83.64  ? 760  ARG A CA  1 
ATOM   511 C C   . ARG A 1 75  ? 0.251   -21.976 -6.165  1.00 82.08  ? 760  ARG A C   1 
ATOM   512 O O   . ARG A 1 75  ? 0.419   -20.748 -6.168  1.00 77.24  ? 760  ARG A O   1 
ATOM   513 C CB  . ARG A 1 75  ? -2.172  -22.423 -5.566  1.00 87.29  ? 760  ARG A CB  1 
ATOM   514 C CG  . ARG A 1 75  ? -3.141  -23.566 -5.133  1.00 95.93  ? 760  ARG A CG  1 
ATOM   515 C CD  . ARG A 1 75  ? -4.606  -23.097 -4.994  1.00 100.11 ? 760  ARG A CD  1 
ATOM   516 N NE  . ARG A 1 75  ? -4.771  -22.109 -3.918  1.00 99.52  ? 760  ARG A NE  1 
ATOM   517 C CZ  . ARG A 1 75  ? -5.880  -21.406 -3.666  1.00 100.40 ? 760  ARG A CZ  1 
ATOM   518 N NH1 . ARG A 1 75  ? -6.977  -21.556 -4.406  1.00 106.13 ? 760  ARG A NH1 1 
ATOM   519 N NH2 . ARG A 1 75  ? -5.893  -20.536 -2.658  1.00 95.52  ? 760  ARG A NH2 1 
ATOM   520 N N   . PRO A 1 76  ? 0.860   -22.799 -7.055  1.00 86.07  ? 761  PRO A N   1 
ATOM   521 C CA  . PRO A 1 76  ? 1.892   -22.338 -7.997  1.00 87.05  ? 761  PRO A CA  1 
ATOM   522 C C   . PRO A 1 76  ? 1.357   -21.640 -9.259  1.00 88.78  ? 761  PRO A C   1 
ATOM   523 O O   . PRO A 1 76  ? 0.149   -21.645 -9.506  1.00 90.51  ? 761  PRO A O   1 
ATOM   524 C CB  . PRO A 1 76  ? 2.610   -23.634 -8.373  1.00 92.27  ? 761  PRO A CB  1 
ATOM   525 C CG  . PRO A 1 76  ? 1.547   -24.682 -8.294  1.00 94.23  ? 761  PRO A CG  1 
ATOM   526 C CD  . PRO A 1 76  ? 0.591   -24.246 -7.213  1.00 90.13  ? 761  PRO A CD  1 
ATOM   527 N N   . GLY A 1 77  ? 2.257   -21.043 -10.041 1.00 88.93  ? 762  GLY A N   1 
ATOM   528 C CA  . GLY A 1 77  ? 1.898   -20.375 -11.307 1.00 91.63  ? 762  GLY A CA  1 
ATOM   529 C C   . GLY A 1 77  ? 1.813   -18.849 -11.239 1.00 87.15  ? 762  GLY A C   1 
ATOM   530 O O   . GLY A 1 77  ? 1.971   -18.267 -10.168 1.00 79.48  ? 762  GLY A O   1 
ATOM   531 N N   . PRO A 1 78  ? 1.578   -18.190 -12.393 1.00 90.81  ? 763  PRO A N   1 
ATOM   532 C CA  . PRO A 1 78  ? 1.365   -16.741 -12.394 1.00 88.03  ? 763  PRO A CA  1 
ATOM   533 C C   . PRO A 1 78  ? 0.147   -16.352 -11.553 1.00 83.62  ? 763  PRO A C   1 
ATOM   534 O O   . PRO A 1 78  ? -0.979  -16.775 -11.838 1.00 83.00  ? 763  PRO A O   1 
ATOM   535 C CB  . PRO A 1 78  ? 1.150   -16.406 -13.880 1.00 94.64  ? 763  PRO A CB  1 
ATOM   536 C CG  . PRO A 1 78  ? 1.729   -17.557 -14.637 1.00 101.17 ? 763  PRO A CG  1 
ATOM   537 C CD  . PRO A 1 78  ? 1.566   -18.753 -13.760 1.00 99.49  ? 763  PRO A CD  1 
ATOM   538 N N   . ARG A 1 79  ? 0.397   -15.560 -10.511 1.00 79.39  ? 764  ARG A N   1 
ATOM   539 C CA  . ARG A 1 79  ? -0.606  -15.194 -9.518  1.00 74.96  ? 764  ARG A CA  1 
ATOM   540 C C   . ARG A 1 79  ? -0.478  -13.694 -9.224  1.00 71.96  ? 764  ARG A C   1 
ATOM   541 O O   . ARG A 1 79  ? 0.578   -13.092 -9.416  1.00 70.35  ? 764  ARG A O   1 
ATOM   542 C CB  . ARG A 1 79  ? -0.383  -16.000 -8.226  1.00 73.82  ? 764  ARG A CB  1 
ATOM   543 C CG  . ARG A 1 79  ? -0.414  -17.544 -8.364  1.00 79.28  ? 764  ARG A CG  1 
ATOM   544 C CD  . ARG A 1 79  ? -1.699  -18.133 -7.793  1.00 83.39  ? 764  ARG A CD  1 
ATOM   545 N NE  . ARG A 1 79  ? -2.003  -19.491 -8.258  1.00 94.39  ? 764  ARG A NE  1 
ATOM   546 C CZ  . ARG A 1 79  ? -3.188  -20.094 -8.128  1.00 95.20  ? 764  ARG A CZ  1 
ATOM   547 N NH1 . ARG A 1 79  ? -4.215  -19.467 -7.555  1.00 96.32  ? 764  ARG A NH1 1 
ATOM   548 N NH2 . ARG A 1 79  ? -3.362  -21.326 -8.584  1.00 96.30  ? 764  ARG A NH2 1 
ATOM   549 N N   . GLN A 1 80  ? -1.557  -13.095 -8.749  1.00 68.50  ? 765  GLN A N   1 
ATOM   550 C CA  . GLN A 1 80  ? -1.584  -11.674 -8.543  1.00 65.62  ? 765  GLN A CA  1 
ATOM   551 C C   . GLN A 1 80  ? -1.500  -11.443 -7.049  1.00 60.90  ? 765  GLN A C   1 
ATOM   552 O O   . GLN A 1 80  ? -2.032  -12.234 -6.269  1.00 63.92  ? 765  GLN A O   1 
ATOM   553 C CB  . GLN A 1 80  ? -2.884  -11.086 -9.075  1.00 67.95  ? 765  GLN A CB  1 
ATOM   554 C CG  . GLN A 1 80  ? -3.182  -11.365 -10.553 1.00 79.71  ? 765  GLN A CG  1 
ATOM   555 C CD  . GLN A 1 80  ? -2.958  -10.148 -11.435 1.00 85.25  ? 765  GLN A CD  1 
ATOM   556 O OE1 . GLN A 1 80  ? -1.879  -9.543  -11.427 1.00 91.48  ? 765  GLN A OE1 1 
ATOM   557 N NE2 . GLN A 1 80  ? -3.983  -9.781  -12.201 1.00 89.38  ? 765  GLN A NE2 1 
ATOM   558 N N   . LEU A 1 81  ? -0.796  -10.388 -6.657  1.00 52.46  ? 766  LEU A N   1 
ATOM   559 C CA  . LEU A 1 81  ? -0.862  -9.854  -5.303  1.00 46.14  ? 766  LEU A CA  1 
ATOM   560 C C   . LEU A 1 81  ? -1.416  -8.460  -5.501  1.00 42.96  ? 766  LEU A C   1 
ATOM   561 O O   . LEU A 1 81  ? -0.970  -7.743  -6.411  1.00 43.21  ? 766  LEU A O   1 
ATOM   562 C CB  . LEU A 1 81  ? 0.514   -9.848  -4.662  1.00 44.95  ? 766  LEU A CB  1 
ATOM   563 C CG  . LEU A 1 81  ? 0.700   -10.038 -3.160  1.00 47.51  ? 766  LEU A CG  1 
ATOM   564 C CD1 . LEU A 1 81  ? -0.041  -11.221 -2.574  1.00 43.89  ? 766  LEU A CD1 1 
ATOM   565 C CD2 . LEU A 1 81  ? 2.200   -10.179 -2.899  1.00 52.30  ? 766  LEU A CD2 1 
ATOM   566 N N   . ILE A 1 82  ? -2.468  -8.131  -4.747  1.00 40.89  ? 767  ILE A N   1 
ATOM   567 C CA  . ILE A 1 82  ? -3.150  -6.858  -4.869  1.00 39.77  ? 767  ILE A CA  1 
ATOM   568 C C   . ILE A 1 82  ? -3.100  -6.180  -3.528  1.00 40.23  ? 767  ILE A C   1 
ATOM   569 O O   . ILE A 1 82  ? -3.462  -6.762  -2.518  1.00 41.95  ? 767  ILE A O   1 
ATOM   570 C CB  . ILE A 1 82  ? -4.637  -6.992  -5.286  1.00 43.72  ? 767  ILE A CB  1 
ATOM   571 C CG1 . ILE A 1 82  ? -4.788  -7.916  -6.485  1.00 48.00  ? 767  ILE A CG1 1 
ATOM   572 C CG2 . ILE A 1 82  ? -5.206  -5.595  -5.645  1.00 37.54  ? 767  ILE A CG2 1 
ATOM   573 C CD1 . ILE A 1 82  ? -5.367  -9.346  -6.199  1.00 54.70  ? 767  ILE A CD1 1 
ATOM   574 N N   . ALA A 1 83  ? -2.597  -4.959  -3.532  1.00 40.05  ? 768  ALA A N   1 
ATOM   575 C CA  . ALA A 1 83  ? -2.525  -4.136  -2.354  1.00 36.48  ? 768  ALA A CA  1 
ATOM   576 C C   . ALA A 1 83  ? -3.528  -3.056  -2.558  1.00 35.38  ? 768  ALA A C   1 
ATOM   577 O O   . ALA A 1 83  ? -3.645  -2.568  -3.667  1.00 38.44  ? 768  ALA A O   1 
ATOM   578 C CB  . ALA A 1 83  ? -1.148  -3.511  -2.233  1.00 33.32  ? 768  ALA A CB  1 
ATOM   579 N N   . SER A 1 84  ? -4.250  -2.672  -1.516  1.00 34.54  ? 769  SER A N   1 
ATOM   580 C CA  . SER A 1 84  ? -5.077  -1.492  -1.607  1.00 35.11  ? 769  SER A CA  1 
ATOM   581 C C   . SER A 1 84  ? -4.963  -0.592  -0.406  1.00 36.39  ? 769  SER A C   1 
ATOM   582 O O   . SER A 1 84  ? -4.382  -0.952  0.625   1.00 38.97  ? 769  SER A O   1 
ATOM   583 C CB  . SER A 1 84  ? -6.509  -1.825  -1.928  1.00 37.26  ? 769  SER A CB  1 
ATOM   584 O OG  . SER A 1 84  ? -7.097  -2.608  -0.937  1.00 51.73  ? 769  SER A OG  1 
ATOM   585 N N   . LEU A 1 85  ? -5.448  0.625   -0.592  1.00 36.48  ? 770  LEU A N   1 
ATOM   586 C CA  . LEU A 1 85  ? -5.281  1.663   0.383   1.00 35.96  ? 770  LEU A CA  1 
ATOM   587 C C   . LEU A 1 85  ? -6.611  2.378   0.423   1.00 32.13  ? 770  LEU A C   1 
ATOM   588 O O   . LEU A 1 85  ? -7.128  2.763   -0.612  1.00 30.78  ? 770  LEU A O   1 
ATOM   589 C CB  . LEU A 1 85  ? -4.142  2.576   -0.072  1.00 39.89  ? 770  LEU A CB  1 
ATOM   590 C CG  . LEU A 1 85  ? -3.304  3.380   0.896   1.00 41.30  ? 770  LEU A CG  1 
ATOM   591 C CD1 . LEU A 1 85  ? -4.258  4.275   1.599   1.00 49.96  ? 770  LEU A CD1 1 
ATOM   592 C CD2 . LEU A 1 85  ? -2.480  2.495   1.871   1.00 50.37  ? 770  LEU A CD2 1 
ATOM   593 N N   . ASP A 1 86  ? -7.185  2.538   1.605   1.00 28.82  ? 771  ASP A N   1 
ATOM   594 C CA  . ASP A 1 86  ? -8.453  3.257   1.735   1.00 31.24  ? 771  ASP A CA  1 
ATOM   595 C C   . ASP A 1 86  ? -8.311  4.375   2.790   1.00 33.35  ? 771  ASP A C   1 
ATOM   596 O O   . ASP A 1 86  ? -7.741  4.168   3.886   1.00 35.67  ? 771  ASP A O   1 
ATOM   597 C CB  . ASP A 1 86  ? -9.519  2.262   2.133   1.00 35.03  ? 771  ASP A CB  1 
ATOM   598 C CG  . ASP A 1 86  ? -10.929 2.807   2.048   1.00 41.92  ? 771  ASP A CG  1 
ATOM   599 O OD1 . ASP A 1 86  ? -11.174 3.937   1.552   1.00 61.51  ? 771  ASP A OD1 1 
ATOM   600 O OD2 . ASP A 1 86  ? -11.810 2.064   2.492   1.00 60.73  ? 771  ASP A OD2 1 
ATOM   601 N N   . SER A 1 87  ? -8.797  5.559   2.441   1.00 32.62  ? 772  SER A N   1 
ATOM   602 C CA  . SER A 1 87  ? -8.828  6.731   3.329   1.00 32.09  ? 772  SER A CA  1 
ATOM   603 C C   . SER A 1 87  ? -9.861  7.728   2.787   1.00 36.84  ? 772  SER A C   1 
ATOM   604 O O   . SER A 1 87  ? -9.913  7.930   1.560   1.00 41.55  ? 772  SER A O   1 
ATOM   605 C CB  . SER A 1 87  ? -7.454  7.409   3.320   1.00 28.99  ? 772  SER A CB  1 
ATOM   606 O OG  . SER A 1 87  ? -7.493  8.595   4.088   1.00 32.38  ? 772  SER A OG  1 
ATOM   607 N N   . PRO A 1 88  ? -10.631 8.413   3.671   1.00 39.19  ? 773  PRO A N   1 
ATOM   608 C CA  . PRO A 1 88  ? -11.654 9.377   3.174   1.00 43.01  ? 773  PRO A CA  1 
ATOM   609 C C   . PRO A 1 88  ? -11.104 10.495  2.290   1.00 43.55  ? 773  PRO A C   1 
ATOM   610 O O   . PRO A 1 88  ? -11.743 10.942  1.358   1.00 47.84  ? 773  PRO A O   1 
ATOM   611 C CB  . PRO A 1 88  ? -12.225 9.978   4.456   1.00 44.67  ? 773  PRO A CB  1 
ATOM   612 C CG  . PRO A 1 88  ? -11.996 8.932   5.507   1.00 45.58  ? 773  PRO A CG  1 
ATOM   613 C CD  . PRO A 1 88  ? -10.664 8.296   5.142   1.00 40.04  ? 773  PRO A CD  1 
ATOM   614 N N   . GLN A 1 89  ? -9.904  10.932  2.573   1.00 45.19  ? 774  GLN A N   1 
ATOM   615 C CA  . GLN A 1 89  ? -9.317  11.998  1.805   1.00 44.47  ? 774  GLN A CA  1 
ATOM   616 C C   . GLN A 1 89  ? -9.044  11.612  0.350   1.00 48.34  ? 774  GLN A C   1 
ATOM   617 O O   . GLN A 1 89  ? -8.681  12.484  -0.448  1.00 51.34  ? 774  GLN A O   1 
ATOM   618 C CB  . GLN A 1 89  ? -8.022  12.433  2.492   1.00 42.93  ? 774  GLN A CB  1 
ATOM   619 C CG  . GLN A 1 89  ? -8.225  13.306  3.736   1.00 37.46  ? 774  GLN A CG  1 
ATOM   620 C CD  . GLN A 1 89  ? -8.716  12.559  4.908   1.00 39.08  ? 774  GLN A CD  1 
ATOM   621 O OE1 . GLN A 1 89  ? -8.236  11.478  5.203   1.00 45.82  ? 774  GLN A OE1 1 
ATOM   622 N NE2 . GLN A 1 89  ? -9.689  13.126  5.610   1.00 38.95  ? 774  GLN A NE2 1 
ATOM   623 N N   . LEU A 1 90  ? -9.194  10.335  -0.019  1.00 52.05  ? 775  LEU A N   1 
ATOM   624 C CA  . LEU A 1 90  ? -8.844  9.882   -1.409  1.00 52.20  ? 775  LEU A CA  1 
ATOM   625 C C   . LEU A 1 90  ? -10.050 9.911   -2.349  1.00 53.13  ? 775  LEU A C   1 
ATOM   626 O O   . LEU A 1 90  ? -9.925  9.673   -3.559  1.00 54.65  ? 775  LEU A O   1 
ATOM   627 C CB  . LEU A 1 90  ? -8.268  8.461   -1.414  1.00 51.72  ? 775  LEU A CB  1 
ATOM   628 C CG  . LEU A 1 90  ? -6.973  8.116   -0.683  1.00 53.75  ? 775  LEU A CG  1 
ATOM   629 C CD1 . LEU A 1 90  ? -6.881  6.575   -0.705  1.00 63.29  ? 775  LEU A CD1 1 
ATOM   630 C CD2 . LEU A 1 90  ? -5.689  8.780   -1.247  1.00 53.23  ? 775  LEU A CD2 1 
ATOM   631 N N   . SER A 1 91  ? -11.210 10.196  -1.779  1.00 52.68  ? 776  SER A N   1 
ATOM   632 C CA  . SER A 1 91  ? -12.459 10.282  -2.521  1.00 56.71  ? 776  SER A CA  1 
ATOM   633 C C   . SER A 1 91  ? -12.876 11.742  -2.670  1.00 54.71  ? 776  SER A C   1 
ATOM   634 O O   . SER A 1 91  ? -13.998 12.039  -3.080  1.00 58.02  ? 776  SER A O   1 
ATOM   635 C CB  . SER A 1 91  ? -13.553 9.517   -1.765  1.00 60.52  ? 776  SER A CB  1 
ATOM   636 O OG  . SER A 1 91  ? -13.068 8.242   -1.349  1.00 71.05  ? 776  SER A OG  1 
ATOM   637 N N   . GLN A 1 92  ? -11.975 12.648  -2.323  1.00 48.06  ? 777  GLN A N   1 
ATOM   638 C CA  . GLN A 1 92  ? -12.270 14.050  -2.414  1.00 45.86  ? 777  GLN A CA  1 
ATOM   639 C C   . GLN A 1 92  ? -11.512 14.585  -3.600  1.00 42.98  ? 777  GLN A C   1 
ATOM   640 O O   . GLN A 1 92  ? -10.449 14.067  -3.984  1.00 42.20  ? 777  GLN A O   1 
ATOM   641 C CB  . GLN A 1 92  ? -11.845 14.747  -1.129  1.00 43.28  ? 777  GLN A CB  1 
ATOM   642 C CG  . GLN A 1 92  ? -12.612 14.234  0.129   1.00 46.51  ? 777  GLN A CG  1 
ATOM   643 C CD  . GLN A 1 92  ? -12.120 14.915  1.404   1.00 46.62  ? 777  GLN A CD  1 
ATOM   644 O OE1 . GLN A 1 92  ? -11.215 15.740  1.355   1.00 47.06  ? 777  GLN A OE1 1 
ATOM   645 N NE2 . GLN A 1 92  ? -12.718 14.587  2.532   1.00 59.77  ? 777  GLN A NE2 1 
ATOM   646 N N   . VAL A 1 93  ? -12.057 15.632  -4.172  1.00 40.52  ? 778  VAL A N   1 
ATOM   647 C CA  . VAL A 1 93  ? -11.439 16.323  -5.277  1.00 42.05  ? 778  VAL A CA  1 
ATOM   648 C C   . VAL A 1 93  ? -10.699 17.473  -4.661  1.00 40.55  ? 778  VAL A C   1 
ATOM   649 O O   . VAL A 1 93  ? -11.279 18.200  -3.851  1.00 43.34  ? 778  VAL A O   1 
ATOM   650 C CB  . VAL A 1 93  ? -12.496 16.860  -6.230  1.00 45.96  ? 778  VAL A CB  1 
ATOM   651 C CG1 . VAL A 1 93  ? -11.851 17.460  -7.427  1.00 51.09  ? 778  VAL A CG1 1 
ATOM   652 C CG2 . VAL A 1 93  ? -13.424 15.734  -6.635  1.00 49.29  ? 778  VAL A CG2 1 
ATOM   653 N N   . HIS A 1 94  ? -9.435  17.628  -5.041  1.00 37.90  ? 779  HIS A N   1 
ATOM   654 C CA  . HIS A 1 94  ? -8.564  18.652  -4.491  1.00 36.40  ? 779  HIS A CA  1 
ATOM   655 C C   . HIS A 1 94  ? -8.022  19.652  -5.484  1.00 39.16  ? 779  HIS A C   1 
ATOM   656 O O   . HIS A 1 94  ? -7.927  19.390  -6.681  1.00 45.53  ? 779  HIS A O   1 
ATOM   657 C CB  . HIS A 1 94  ? -7.364  17.997  -3.848  1.00 34.89  ? 779  HIS A CB  1 
ATOM   658 C CG  . HIS A 1 94  ? -7.721  16.957  -2.854  1.00 27.19  ? 779  HIS A CG  1 
ATOM   659 N ND1 . HIS A 1 94  ? -7.768  17.219  -1.499  1.00 31.05  ? 779  HIS A ND1 1 
ATOM   660 C CD2 . HIS A 1 94  ? -8.052  15.652  -3.010  1.00 27.24  ? 779  HIS A CD2 1 
ATOM   661 C CE1 . HIS A 1 94  ? -8.113  16.109  -0.862  1.00 32.92  ? 779  HIS A CE1 1 
ATOM   662 N NE2 . HIS A 1 94  ? -8.293  15.146  -1.757  1.00 29.75  ? 779  HIS A NE2 1 
ATOM   663 N N   . GLY A 1 95  ? -7.646  20.816  -4.968  1.00 36.94  ? 780  GLY A N   1 
ATOM   664 C CA  . GLY A 1 95  ? -7.082  21.858  -5.796  1.00 36.97  ? 780  GLY A CA  1 
ATOM   665 C C   . GLY A 1 95  ? -6.028  22.478  -4.924  1.00 36.30  ? 780  GLY A C   1 
ATOM   666 O O   . GLY A 1 95  ? -6.239  22.626  -3.730  1.00 32.87  ? 780  GLY A O   1 
ATOM   667 N N   . VAL A 1 96  ? -4.884  22.807  -5.501  1.00 39.81  ? 781  VAL A N   1 
ATOM   668 C CA  . VAL A 1 96  ? -3.762  23.325  -4.729  1.00 44.66  ? 781  VAL A CA  1 
ATOM   669 C C   . VAL A 1 96  ? -3.216  24.563  -5.430  1.00 48.04  ? 781  VAL A C   1 
ATOM   670 O O   . VAL A 1 96  ? -3.061  24.560  -6.651  1.00 52.00  ? 781  VAL A O   1 
ATOM   671 C CB  . VAL A 1 96  ? -2.661  22.242  -4.603  1.00 46.56  ? 781  VAL A CB  1 
ATOM   672 C CG1 . VAL A 1 96  ? -1.812  22.468  -3.366  1.00 50.44  ? 781  VAL A CG1 1 
ATOM   673 C CG2 . VAL A 1 96  ? -3.304  20.876  -4.534  1.00 46.74  ? 781  VAL A CG2 1 
ATOM   674 N N   . ILE A 1 97  ? -2.996  25.636  -4.670  1.00 48.15  ? 782  ILE A N   1 
ATOM   675 C CA  . ILE A 1 97  ? -2.279  26.799  -5.166  1.00 51.92  ? 782  ILE A CA  1 
ATOM   676 C C   . ILE A 1 97  ? -1.146  27.138  -4.188  1.00 55.22  ? 782  ILE A C   1 
ATOM   677 O O   . ILE A 1 97  ? -1.323  27.074  -2.949  1.00 53.77  ? 782  ILE A O   1 
ATOM   678 C CB  . ILE A 1 97  ? -3.210  28.043  -5.419  1.00 54.27  ? 782  ILE A CB  1 
ATOM   679 C CG1 . ILE A 1 97  ? -2.460  29.113  -6.208  1.00 60.07  ? 782  ILE A CG1 1 
ATOM   680 C CG2 . ILE A 1 97  ? -3.720  28.631  -4.122  1.00 48.60  ? 782  ILE A CG2 1 
ATOM   681 C CD1 . ILE A 1 97  ? -3.338  30.048  -7.076  1.00 71.39  ? 782  ILE A CD1 1 
ATOM   682 N N   . GLN A 1 98  ? 0.027   27.442  -4.745  1.00 58.73  ? 783  GLN A N   1 
ATOM   683 C CA  . GLN A 1 98  ? 1.149   27.926  -3.965  1.00 60.93  ? 783  GLN A CA  1 
ATOM   684 C C   . GLN A 1 98  ? 0.899   29.402  -3.747  1.00 61.99  ? 783  GLN A C   1 
ATOM   685 O O   . GLN A 1 98  ? 0.716   30.161  -4.702  1.00 64.22  ? 783  GLN A O   1 
ATOM   686 C CB  . GLN A 1 98  ? 2.481   27.722  -4.695  1.00 65.62  ? 783  GLN A CB  1 
ATOM   687 N N   . VAL A 1 99  ? 0.848   29.781  -2.478  1.00 61.23  ? 784  VAL A N   1 
ATOM   688 C CA  . VAL A 1 99  ? 0.793   31.170  -2.060  1.00 64.91  ? 784  VAL A CA  1 
ATOM   689 C C   . VAL A 1 99  ? 2.179   31.584  -1.556  1.00 69.80  ? 784  VAL A C   1 
ATOM   690 O O   . VAL A 1 99  ? 2.713   30.951  -0.647  1.00 71.79  ? 784  VAL A O   1 
ATOM   691 C CB  . VAL A 1 99  ? -0.212  31.343  -0.925  1.00 61.90  ? 784  VAL A CB  1 
ATOM   692 C CG1 . VAL A 1 99  ? -0.278  32.785  -0.494  1.00 65.65  ? 784  VAL A CG1 1 
ATOM   693 C CG2 . VAL A 1 99  ? -1.576  30.854  -1.370  1.00 64.67  ? 784  VAL A CG2 1 
ATOM   694 N N   . ASP A 1 100 ? 2.757   32.618  -2.173  1.00 73.00  ? 785  ASP A N   1 
ATOM   695 C CA  . ASP A 1 100 ? 4.075   33.172  -1.790  1.00 77.47  ? 785  ASP A CA  1 
ATOM   696 C C   . ASP A 1 100 ? 3.863   34.383  -0.870  1.00 77.31  ? 785  ASP A C   1 
ATOM   697 O O   . ASP A 1 100 ? 3.593   35.492  -1.347  1.00 74.85  ? 785  ASP A O   1 
ATOM   698 C CB  . ASP A 1 100 ? 4.881   33.604  -3.033  1.00 81.11  ? 785  ASP A CB  1 
ATOM   699 N N   . VAL A 1 101 ? 3.983   34.145  0.442   1.00 76.20  ? 786  VAL A N   1 
ATOM   700 C CA  . VAL A 1 101 ? 3.599   35.127  1.468   1.00 75.80  ? 786  VAL A CA  1 
ATOM   701 C C   . VAL A 1 101 ? 4.737   36.068  1.841   1.00 82.36  ? 786  VAL A C   1 
ATOM   702 O O   . VAL A 1 101 ? 5.835   35.606  2.144   1.00 85.12  ? 786  VAL A O   1 
ATOM   703 C CB  . VAL A 1 101 ? 3.150   34.448  2.777   1.00 73.45  ? 786  VAL A CB  1 
ATOM   704 C CG1 . VAL A 1 101 ? 2.625   35.520  3.767   1.00 71.63  ? 786  VAL A CG1 1 
ATOM   705 C CG2 . VAL A 1 101 ? 2.094   33.352  2.492   1.00 63.98  ? 786  VAL A CG2 1 
ATOM   706 N N   . ALA A 1 102 ? 4.443   37.371  1.847   1.00 82.99  ? 787  ALA A N   1 
ATOM   707 C CA  . ALA A 1 102 ? 5.368   38.396  2.297   1.00 90.59  ? 787  ALA A CA  1 
ATOM   708 C C   . ALA A 1 102 ? 5.505   38.376  3.816   1.00 93.69  ? 787  ALA A C   1 
ATOM   709 O O   . ALA A 1 102 ? 6.022   39.326  4.412   1.00 98.96  ? 787  ALA A O   1 
ATOM   710 C CB  . ALA A 1 102 ? 4.881   39.771  1.837   1.00 91.12  ? 787  ALA A CB  1 
HETATM 711 O O   . HOH B 2 .   ? 7.845   -2.266  8.294   1.00 48.90  ? 2001 HOH A O   1 
HETATM 712 O O   . HOH B 2 .   ? 4.047   -1.896  -8.088  1.00 52.78  ? 2002 HOH A O   1 
HETATM 713 O O   . HOH B 2 .   ? 7.563   -1.214  -3.673  1.00 51.13  ? 2003 HOH A O   1 
HETATM 714 O O   . HOH B 2 .   ? 8.490   -1.964  -7.544  1.00 60.14  ? 2004 HOH A O   1 
HETATM 715 O O   . HOH B 2 .   ? 8.824   -7.097  -7.627  1.00 55.86  ? 2005 HOH A O   1 
HETATM 716 O O   . HOH B 2 .   ? 11.922  -15.856 -0.955  1.00 57.30  ? 2006 HOH A O   1 
HETATM 717 O O   . HOH B 2 .   ? 7.917   -17.932 -1.292  1.00 55.34  ? 2007 HOH A O   1 
HETATM 718 O O   . HOH B 2 .   ? 10.719  -1.300  -2.376  1.00 38.60  ? 2008 HOH A O   1 
HETATM 719 O O   . HOH B 2 .   ? 0.024   16.938  6.960   1.00 49.86  ? 2009 HOH A O   1 
HETATM 720 O O   . HOH B 2 .   ? -6.821  15.849  6.198   1.00 48.94  ? 2010 HOH A O   1 
HETATM 721 O O   . HOH B 2 .   ? -3.759  17.850  7.428   1.00 54.12  ? 2011 HOH A O   1 
HETATM 722 O O   . HOH B 2 .   ? -7.086  8.532   11.774  1.00 44.36  ? 2012 HOH A O   1 
HETATM 723 O O   . HOH B 2 .   ? -10.687 4.186   5.683   1.00 40.85  ? 2013 HOH A O   1 
HETATM 724 O O   . HOH B 2 .   ? -13.914 -4.774  4.586   1.00 41.47  ? 2014 HOH A O   1 
HETATM 725 O O   . HOH B 2 .   ? -8.508  -7.215  2.328   1.00 59.48  ? 2015 HOH A O   1 
HETATM 726 O O   . HOH B 2 .   ? -10.940 -5.891  -1.994  1.00 48.62  ? 2016 HOH A O   1 
HETATM 727 O O   . HOH B 2 .   ? -5.374  -12.761 -7.266  1.00 48.99  ? 2017 HOH A O   1 
HETATM 728 O O   . HOH B 2 .   ? -3.330  -17.818 0.826   1.00 70.90  ? 2018 HOH A O   1 
HETATM 729 O O   . HOH B 2 .   ? -5.831  -17.177 -0.507  1.00 60.17  ? 2019 HOH A O   1 
HETATM 730 O O   . HOH B 2 .   ? -4.042  -5.551  11.571  1.00 54.60  ? 2020 HOH A O   1 
HETATM 731 O O   . HOH B 2 .   ? -8.554  0.894   12.496  1.00 45.27  ? 2021 HOH A O   1 
HETATM 732 O O   . HOH B 2 .   ? 1.403   -0.911  9.466   1.00 57.16  ? 2022 HOH A O   1 
HETATM 733 O O   . HOH B 2 .   ? -2.755  -3.558  12.026  1.00 51.27  ? 2023 HOH A O   1 
HETATM 734 O O   . HOH B 2 .   ? -6.683  3.033   10.332  1.00 47.03  ? 2024 HOH A O   1 
HETATM 735 O O   . HOH B 2 .   ? -4.284  6.426   10.058  1.00 52.67  ? 2025 HOH A O   1 
HETATM 736 O O   . HOH B 2 .   ? 1.847   3.200   11.673  1.00 49.57  ? 2026 HOH A O   1 
HETATM 737 O O   . HOH B 2 .   ? -2.430  7.615   13.360  1.00 39.28  ? 2027 HOH A O   1 
HETATM 738 O O   . HOH B 2 .   ? 4.059   16.085  6.852   1.00 47.08  ? 2028 HOH A O   1 
HETATM 739 O O   . HOH B 2 .   ? 3.900   13.147  9.620   1.00 66.13  ? 2029 HOH A O   1 
HETATM 740 O O   . HOH B 2 .   ? 6.809   4.045   7.179   1.00 45.85  ? 2030 HOH A O   1 
HETATM 741 O O   . HOH B 2 .   ? 9.081   -1.520  5.389   1.00 36.86  ? 2031 HOH A O   1 
HETATM 742 O O   . HOH B 2 .   ? 5.554   -3.130  8.457   1.00 54.76  ? 2032 HOH A O   1 
HETATM 743 O O   . HOH B 2 .   ? -7.489  -0.806  1.523   1.00 42.94  ? 2033 HOH A O   1 
HETATM 744 O O   . HOH B 2 .   ? -6.390  -5.359  -1.907  1.00 44.65  ? 2034 HOH A O   1 
HETATM 745 O O   . HOH B 2 .   ? -10.744 15.918  4.948   1.00 45.87  ? 2035 HOH A O   1 
HETATM 746 O O   . HOH B 2 .   ? -9.226  6.617   -6.152  1.00 55.21  ? 2036 HOH A O   1 
HETATM 747 O O   . HOH B 2 .   ? -12.346 6.982   0.670   1.00 63.94  ? 2037 HOH A O   1 
HETATM 748 O O   . HOH B 2 .   ? -8.678  16.477  2.244   1.00 43.64  ? 2038 HOH A O   1 
HETATM 749 O O   . HOH B 2 .   ? -8.041  20.520  -9.256  1.00 49.30  ? 2039 HOH A O   1 
HETATM 750 O O   . HOH B 2 .   ? 1.258   35.139  -3.646  1.00 66.25  ? 2040 HOH A O   1 
# 
loop_
_atom_site_anisotrop.id 
_atom_site_anisotrop.type_symbol 
_atom_site_anisotrop.pdbx_label_atom_id 
_atom_site_anisotrop.pdbx_label_alt_id 
_atom_site_anisotrop.pdbx_label_comp_id 
_atom_site_anisotrop.pdbx_label_asym_id 
_atom_site_anisotrop.pdbx_label_seq_id 
_atom_site_anisotrop.pdbx_PDB_ins_code 
_atom_site_anisotrop.U[1][1] 
_atom_site_anisotrop.U[2][2] 
_atom_site_anisotrop.U[3][3] 
_atom_site_anisotrop.U[1][2] 
_atom_site_anisotrop.U[1][3] 
_atom_site_anisotrop.U[2][3] 
_atom_site_anisotrop.pdbx_auth_seq_id 
_atom_site_anisotrop.pdbx_auth_comp_id 
_atom_site_anisotrop.pdbx_auth_asym_id 
_atom_site_anisotrop.pdbx_auth_atom_id 
1   N N   . SER A 6   ? 0.9000 1.1043 0.7863 0.0128  -0.0558 0.1370  -1  SER A N   
2   C CA  . SER A 6   ? 0.8807 1.0723 0.7934 0.0032  -0.0030 0.1382  -1  SER A CA  
3   C C   . SER A 6   ? 0.9144 1.0969 0.8010 -0.0110 0.0297  0.1145  -1  SER A C   
4   O O   . SER A 6   ? 1.0186 1.1961 0.8514 -0.0130 0.0144  0.0981  -1  SER A O   
5   C CB  . SER A 6   ? 0.7878 1.0144 0.7976 0.0011  -0.0015 0.1283  -1  SER A CB  
6   N N   . MET A 7   ? 0.8472 1.0265 0.7784 -0.0203 0.0733  0.1091  0   MET A N   
7   C CA  A MET A 7   ? 0.8130 0.9887 0.7443 -0.0313 0.1084  0.0842  0   MET A CA  
8   C CA  B MET A 7   ? 0.8196 0.9954 0.7544 -0.0317 0.1105  0.0843  0   MET A CA  
9   C C   . MET A 7   ? 0.6803 0.8967 0.7004 -0.0347 0.0961  0.0567  0   MET A C   
10  O O   . MET A 7   ? 0.6075 0.8381 0.7028 -0.0368 0.1049  0.0509  0   MET A O   
11  C CB  A MET A 7   ? 0.8721 1.0120 0.7922 -0.0392 0.1691  0.0938  0   MET A CB  
12  C CB  B MET A 7   ? 0.8696 1.0183 0.8196 -0.0400 0.1684  0.0929  0   MET A CB  
13  C CG  A MET A 7   ? 0.9940 1.0834 0.7988 -0.0417 0.2041  0.0940  0   MET A CG  
14  C CG  B MET A 7   ? 0.9521 1.0769 0.8701 -0.0495 0.2226  0.0751  0   MET A CG  
15  S SD  A MET A 7   ? 1.0998 1.1204 0.7410 -0.0280 0.1850  0.1336  0   MET A SD  
16  S SD  B MET A 7   ? 0.9251 1.0926 0.9434 -0.0550 0.2334  0.0291  0   MET A SD  
17  C CE  A MET A 7   ? 1.2485 1.2242 0.7595 -0.0308 0.2052  0.1087  0   MET A CE  
18  C CE  B MET A 7   ? 0.8277 1.0368 0.9912 -0.0566 0.2198  0.0236  0   MET A CE  
19  N N   . LEU A 8   ? 0.5971 0.8249 0.5998 -0.0343 0.0700  0.0400  693 LEU A N   
20  C CA  . LEU A 8   ? 0.5105 0.7594 0.5680 -0.0362 0.0588  0.0161  693 LEU A CA  
21  C C   . LEU A 8   ? 0.5484 0.7843 0.5923 -0.0408 0.0870  -0.0098 693 LEU A C   
22  O O   . LEU A 8   ? 0.6270 0.8398 0.5937 -0.0432 0.0932  -0.0157 693 LEU A O   
23  C CB  . LEU A 8   ? 0.4208 0.6822 0.4690 -0.0355 0.0199  0.0146  693 LEU A CB  
24  C CG  . LEU A 8   ? 0.3634 0.6363 0.4596 -0.0374 0.0051  0.0010  693 LEU A CG  
25  C CD1 . LEU A 8   ? 0.2688 0.5444 0.4123 -0.0318 0.0066  0.0081  693 LEU A CD1 
26  C CD2 . LEU A 8   ? 0.2929 0.5786 0.3877 -0.0400 -0.0232 0.0049  693 LEU A CD2 
27  N N   . SER A 9   ? 0.4841 0.7306 0.5994 -0.0398 0.1014  -0.0278 694 SER A N   
28  C CA  . SER A 9   ? 0.5044 0.7401 0.6228 -0.0413 0.1298  -0.0563 694 SER A CA  
29  C C   . SER A 9   ? 0.4290 0.6749 0.6087 -0.0351 0.1071  -0.0753 694 SER A C   
30  O O   . SER A 9   ? 0.3423 0.6004 0.5674 -0.0291 0.0783  -0.0655 694 SER A O   
31  C CB  . SER A 9   ? 0.5242 0.7570 0.6833 -0.0441 0.1835  -0.0625 694 SER A CB  
32  O OG  . SER A 9   ? 0.5985 0.8584 0.8606 -0.0401 0.1720  -0.0619 694 SER A OG  
33  N N   . LEU A 10  ? 0.4595 0.6901 0.6288 -0.0355 0.1211  -0.1020 695 LEU A N   
34  C CA  . LEU A 10  ? 0.4320 0.6601 0.6572 -0.0275 0.1038  -0.1193 695 LEU A CA  
35  C C   . LEU A 10  ? 0.4313 0.6543 0.7077 -0.0212 0.1426  -0.1490 695 LEU A C   
36  O O   . LEU A 10  ? 0.5247 0.7313 0.7533 -0.0279 0.1847  -0.1649 695 LEU A O   
37  C CB  . LEU A 10  ? 0.4606 0.6698 0.6380 -0.0342 0.0817  -0.1285 695 LEU A CB  
38  C CG  . LEU A 10  ? 0.4781 0.6949 0.6246 -0.0415 0.0464  -0.1058 695 LEU A CG  
39  C CD1 . LEU A 10  ? 0.5144 0.7360 0.5926 -0.0481 0.0474  -0.0952 695 LEU A CD1 
40  C CD2 . LEU A 10  ? 0.4138 0.6125 0.5589 -0.0490 0.0284  -0.1219 695 LEU A CD2 
41  N N   . THR A 11  ? 0.3687 0.6005 0.7389 -0.0065 0.1292  -0.1574 696 THR A N   
42  C CA  . THR A 11  ? 0.3888 0.6198 0.8344 0.0035  0.1644  -0.1899 696 THR A CA  
43  C C   . THR A 11  ? 0.3765 0.5913 0.8732 0.0207  0.1301  -0.1990 696 THR A C   
44  O O   . THR A 11  ? 0.3298 0.5434 0.8433 0.0306  0.0819  -0.1778 696 THR A O   
45  C CB  . THR A 11  ? 0.3614 0.6257 0.9112 0.0091  0.1856  -0.1938 696 THR A CB  
46  O OG1 . THR A 11  ? 0.4111 0.6836 0.9131 -0.0069 0.2070  -0.1733 696 THR A OG1 
47  C CG2 . THR A 11  ? 0.4222 0.6890 1.0491 0.0146  0.2440  -0.2304 696 THR A CG2 
48  N N   . LEU A 12  ? 0.4579 0.6499 0.9669 0.0252  0.1564  -0.2298 697 LEU A N   
49  C CA  . LEU A 12  ? 0.4853 0.6559 1.0611 0.0462  0.1299  -0.2395 697 LEU A CA  
50  C C   . LEU A 12  ? 0.4802 0.6791 1.1915 0.0702  0.1237  -0.2482 697 LEU A C   
51  O O   . LEU A 12  ? 0.4861 0.7113 1.2637 0.0700  0.1726  -0.2723 697 LEU A O   
52  C CB  . LEU A 12  ? 0.5685 0.7038 1.1293 0.0449  0.1644  -0.2757 697 LEU A CB  
53  C CG  . LEU A 12  ? 0.6108 0.7130 1.0585 0.0231  0.1602  -0.2790 697 LEU A CG  
54  C CD1 . LEU A 12  ? 0.6754 0.7370 1.1231 0.0249  0.1932  -0.3240 697 LEU A CD1 
55  C CD2 . LEU A 12  ? 0.5825 0.6695 1.0129 0.0217  0.1073  -0.2472 697 LEU A CD2 
56  N N   . LEU A 13  ? 0.5007 0.6892 1.2530 0.0916  0.0638  -0.2300 698 LEU A N   
57  C CA  . LEU A 13  ? 0.5143 0.7247 1.4051 0.1208  0.0386  -0.2422 698 LEU A CA  
58  C C   . LEU A 13  ? 0.6069 0.7825 1.5638 0.1488  0.0276  -0.2602 698 LEU A C   
59  O O   . LEU A 13  ? 0.6672 0.8378 1.7079 0.1808  -0.0269 -0.2559 698 LEU A O   
60  C CB  . LEU A 13  ? 0.4853 0.6972 1.3724 0.1329  -0.0318 -0.2124 698 LEU A CB  
61  C CG  . LEU A 13  ? 0.4180 0.6539 1.2363 0.1082  -0.0280 -0.1922 698 LEU A CG  
62  C CD1 . LEU A 13  ? 0.3813 0.6112 1.2035 0.1244  -0.0982 -0.1723 698 LEU A CD1 
63  C CD2 . LEU A 13  ? 0.3760 0.6621 1.2557 0.0907  0.0316  -0.2133 698 LEU A CD2 
64  N N   . GLY A 14  ? 0.6353 0.7820 1.5547 0.1390  0.0747  -0.2823 699 GLY A N   
65  C CA  . GLY A 14  ? 0.6782 0.7921 1.6766 0.1651  0.0798  -0.3081 699 GLY A CA  
66  C C   . GLY A 14  ? 0.7208 0.7953 1.6395 0.1448  0.1311  -0.3329 699 GLY A C   
67  O O   . GLY A 14  ? 0.7403 0.8165 1.5459 0.1130  0.1540  -0.3287 699 GLY A O   
68  N N   . ALA A 15  ? 0.7580 0.7931 1.7346 0.1646  0.1434  -0.3600 700 ALA A N   
69  C CA  . ALA A 15  ? 0.7999 0.7877 1.7029 0.1464  0.1862  -0.3907 700 ALA A CA  
70  C C   . ALA A 15  ? 0.8057 0.7433 1.6021 0.1289  0.1457  -0.3616 700 ALA A C   
71  O O   . ALA A 15  ? 0.7900 0.7088 1.5880 0.1419  0.0908  -0.3203 700 ALA A O   
72  C CB  . ALA A 15  ? 0.8593 0.8160 1.8684 0.1746  0.2138  -0.4314 700 ALA A CB  
73  N N   . ALA A 16  ? 0.8250 0.7375 1.5277 0.0989  0.1736  -0.3847 701 ALA A N   
74  C CA  . ALA A 16  ? 0.8332 0.7009 1.4605 0.0780  0.1438  -0.3670 701 ALA A CA  
75  C C   . ALA A 16  ? 0.8971 0.6954 1.5514 0.0835  0.1570  -0.4000 701 ALA A C   
76  O O   . ALA A 16  ? 0.9836 0.7660 1.6128 0.0716  0.1971  -0.4501 701 ALA A O   
77  C CB  . ALA A 16  ? 0.8231 0.7118 1.3415 0.0407  0.1516  -0.3720 701 ALA A CB  
78  N N   . VAL A 17  ? 0.8966 0.6440 1.5932 0.1026  0.1246  -0.3726 702 VAL A N   
79  C CA  . VAL A 17  ? 0.9677 0.6366 1.6877 0.1054  0.1347  -0.3975 702 VAL A CA  
80  C C   . VAL A 17  ? 0.9815 0.5926 1.6593 0.0893  0.1042  -0.3573 702 VAL A C   
81  O O   . VAL A 17  ? 0.9184 0.5224 1.5884 0.1033  0.0697  -0.3034 702 VAL A O   
82  C CB  . VAL A 17  ? 1.0132 0.6522 1.8483 0.1526  0.1353  -0.4067 702 VAL A CB  
83  C CG1 . VAL A 17  ? 1.0788 0.6310 1.9374 0.1542  0.1537  -0.4391 702 VAL A CG1 
84  C CG2 . VAL A 17  ? 0.9839 0.6862 1.8885 0.1701  0.1724  -0.4434 702 VAL A CG2 
85  N N   . VAL A 18  ? 1.0550 0.6195 1.7056 0.0594  0.1199  -0.3865 703 VAL A N   
86  C CA  . VAL A 18  ? 1.1031 0.6008 1.7367 0.0410  0.1056  -0.3557 703 VAL A CA  
87  C C   . VAL A 18  ? 1.1659 0.5982 1.8365 0.0806  0.0836  -0.3061 703 VAL A C   
88  O O   . VAL A 18  ? 1.1979 0.5935 1.9361 0.1165  0.0867  -0.3226 703 VAL A O   
89  C CB  . VAL A 18  ? 1.1744 0.6119 1.8181 0.0139  0.1281  -0.4076 703 VAL A CB  
90  C CG1 . VAL A 18  ? 1.1926 0.5611 1.8337 -0.0106 0.1219  -0.3753 703 VAL A CG1 
91  C CG2 . VAL A 18  ? 1.1509 0.6407 1.7434 -0.0203 0.1391  -0.4613 703 VAL A CG2 
92  N N   . GLY A 19  ? 1.1874 0.6012 1.8097 0.0769  0.0613  -0.2461 704 GLY A N   
93  C CA  . GLY A 19  ? 1.2742 0.6131 1.8974 0.1161  0.0333  -0.1922 704 GLY A CA  
94  C C   . GLY A 19  ? 1.2525 0.6464 1.8757 0.1518  -0.0046 -0.1661 704 GLY A C   
95  O O   . GLY A 19  ? 1.2316 0.6129 1.7885 0.1556  -0.0295 -0.1154 704 GLY A O   
96  N N   . GLN A 20  ? 1.2513 0.7034 1.9525 0.1767  -0.0054 -0.2042 705 GLN A N   
97  C CA  . GLN A 20  ? 1.2178 0.7295 1.9497 0.2093  -0.0420 -0.1891 705 GLN A CA  
98  C C   . GLN A 20  ? 1.1763 0.7471 1.8275 0.1831  -0.0509 -0.1628 705 GLN A C   
99  O O   . GLN A 20  ? 1.1395 0.7512 1.7465 0.1411  -0.0194 -0.1790 705 GLN A O   
100 C CB  . GLN A 20  ? 1.1710 0.7537 2.0094 0.2249  -0.0194 -0.2440 705 GLN A CB  
101 N N   . GLU A 21  ? 1.1851 0.7554 1.8156 0.2095  -0.0986 -0.1235 706 GLU A N   
102 C CA  . GLU A 21  ? 1.1201 0.7437 1.6817 0.1888  -0.1068 -0.1023 706 GLU A CA  
103 C C   . GLU A 21  ? 1.0074 0.7383 1.6266 0.1779  -0.0869 -0.1417 706 GLU A C   
104 O O   . GLU A 21  ? 0.9861 0.7488 1.7058 0.1994  -0.0811 -0.1758 706 GLU A O   
105 C CB  . GLU A 21  ? 1.1830 0.7686 1.6991 0.2220  -0.1659 -0.0564 706 GLU A CB  
106 C CG  . GLU A 21  ? 1.2030 0.8280 1.6384 0.2014  -0.1722 -0.0347 706 GLU A CG  
107 C CD  . GLU A 21  ? 1.3713 0.9213 1.7134 0.2278  -0.2226 0.0142  706 GLU A CD  
108 O OE1 . GLU A 21  ? 1.5263 0.9736 1.7878 0.2297  -0.2165 0.0496  706 GLU A OE1 
109 O OE2 . GLU A 21  ? 1.4036 0.9906 1.7462 0.2453  -0.2660 0.0163  706 GLU A OE2 
110 N N   . CYS A 22  ? 0.9059 0.6872 1.4643 0.1448  -0.0710 -0.1366 707 CYS A N   
111 C CA  . CYS A 22  ? 0.8143 0.6837 1.4058 0.1329  -0.0499 -0.1644 707 CYS A CA  
112 C C   . CYS A 22  ? 0.7476 0.6538 1.2842 0.1227  -0.0690 -0.1358 707 CYS A C   
113 O O   . CYS A 22  ? 0.7860 0.6524 1.2466 0.1171  -0.0870 -0.0999 707 CYS A O   
114 C CB  . CYS A 22  ? 0.8079 0.6980 1.3788 0.0997  -0.0002 -0.2002 707 CYS A CB  
115 S SG  . CYS A 22  ? 0.8108 0.7827 1.4165 0.0917  0.0393  -0.2369 707 CYS A SG  
116 N N   . GLU A 23  ? 0.6529 0.6294 1.2286 0.1192  -0.0584 -0.1526 708 GLU A N   
117 C CA  . GLU A 23  ? 0.6032 0.6127 1.1425 0.1131  -0.0782 -0.1297 708 GLU A CA  
118 C C   . GLU A 23  ? 0.4936 0.5655 1.0304 0.0874  -0.0379 -0.1478 708 GLU A C   
119 O O   . GLU A 23  ? 0.4617 0.5605 1.0548 0.0869  -0.0033 -0.1797 708 GLU A O   
120 C CB  . GLU A 23  ? 0.6423 0.6594 1.2487 0.1462  -0.1259 -0.1257 708 GLU A CB  
121 C CG  . GLU A 23  ? 0.6841 0.7122 1.2408 0.1445  -0.1588 -0.1017 708 GLU A CG  
122 C CD  . GLU A 23  ? 0.7941 0.8036 1.3925 0.1814  -0.2268 -0.0955 708 GLU A CD  
123 O OE1 . GLU A 23  ? 0.7158 0.7393 1.4285 0.2078  -0.2462 -0.1181 708 GLU A OE1 
124 O OE2 . GLU A 23  ? 0.9214 0.9004 1.4369 0.1849  -0.2629 -0.0702 708 GLU A OE2 
125 N N   . VAL A 24  ? 0.4229 0.5087 0.8878 0.0669  -0.0381 -0.1264 709 VAL A N   
126 C CA  . VAL A 24  ? 0.3730 0.5066 0.8198 0.0457  -0.0078 -0.1342 709 VAL A CA  
127 C C   . VAL A 24  ? 0.3558 0.5139 0.7979 0.0477  -0.0295 -0.1127 709 VAL A C   
128 O O   . VAL A 24  ? 0.3638 0.4942 0.7735 0.0566  -0.0638 -0.0892 709 VAL A O   
129 C CB  . VAL A 24  ? 0.3990 0.5252 0.7687 0.0197  0.0076  -0.1309 709 VAL A CB  
130 C CG1 . VAL A 24  ? 0.3574 0.4634 0.6786 0.0142  -0.0159 -0.0986 709 VAL A CG1 
131 C CG2 . VAL A 24  ? 0.3041 0.4684 0.6430 0.0031  0.0341  -0.1378 709 VAL A CG2 
132 N N   . GLN A 25  ? 0.3170 0.5175 0.7846 0.0394  -0.0059 -0.1214 710 GLN A N   
133 C CA  . GLN A 25  ? 0.2544 0.4751 0.7180 0.0374  -0.0227 -0.1042 710 GLN A CA  
134 C C   . GLN A 25  ? 0.2761 0.5118 0.6770 0.0155  0.0050  -0.0936 710 GLN A C   
135 O O   . GLN A 25  ? 0.3394 0.5841 0.7289 0.0048  0.0421  -0.1067 710 GLN A O   
136 C CB  . GLN A 25  ? 0.1818 0.4356 0.7472 0.0464  -0.0212 -0.1221 710 GLN A CB  
137 C CG  . GLN A 25  ? 0.1329 0.4017 0.7063 0.0445  -0.0438 -0.1110 710 GLN A CG  
138 C CD  . GLN A 25  ? 0.1114 0.4161 0.8023 0.0483  -0.0405 -0.1328 710 GLN A CD  
139 O OE1 . GLN A 25  ? 0.2009 0.5300 0.9593 0.0422  0.0081  -0.1531 710 GLN A OE1 
140 N NE2 . GLN A 25  ? 0.2468 0.5527 0.9716 0.0591  -0.0916 -0.1333 710 GLN A NE2 
141 N N   . ILE A 26  ? 0.2755 0.5071 0.6302 0.0115  -0.0139 -0.0702 711 ILE A N   
142 C CA  . ILE A 26  ? 0.3057 0.5515 0.6120 -0.0038 0.0027  -0.0562 711 ILE A CA  
143 C C   . ILE A 26  ? 0.2737 0.5366 0.6077 -0.0037 0.0037  -0.0500 711 ILE A C   
144 O O   . ILE A 26  ? 0.2688 0.5250 0.6262 0.0062  -0.0245 -0.0487 711 ILE A O   
145 C CB  . ILE A 26  ? 0.3465 0.5761 0.5989 -0.0077 -0.0139 -0.0362 711 ILE A CB  
146 C CG1 . ILE A 26  ? 0.4221 0.6253 0.6627 -0.0083 -0.0191 -0.0414 711 ILE A CG1 
147 C CG2 . ILE A 26  ? 0.3499 0.5972 0.5664 -0.0199 -0.0020 -0.0251 711 ILE A CG2 
148 C CD1 . ILE A 26  ? 0.4063 0.6143 0.6448 -0.0174 -0.0017 -0.0616 711 ILE A CD1 
149 N N   . VAL A 27  ? 0.2781 0.5545 0.6028 -0.0146 0.0350  -0.0468 712 VAL A N   
150 C CA  . VAL A 27  ? 0.2461 0.5330 0.6050 -0.0180 0.0441  -0.0413 712 VAL A CA  
151 C C   . VAL A 27  ? 0.2666 0.5469 0.5581 -0.0258 0.0542  -0.0176 712 VAL A C   
152 O O   . VAL A 27  ? 0.2711 0.5452 0.5117 -0.0313 0.0737  -0.0137 712 VAL A O   
153 C CB  . VAL A 27  ? 0.2385 0.5384 0.6606 -0.0237 0.0850  -0.0579 712 VAL A CB  
154 C CG1 . VAL A 27  ? 0.1708 0.4771 0.6364 -0.0321 0.1007  -0.0514 712 VAL A CG1 
155 C CG2 . VAL A 27  ? 0.1534 0.4653 0.6607 -0.0125 0.0748  -0.0850 712 VAL A CG2 
156 N N   . PHE A 28  ? 0.2552 0.5319 0.5422 -0.0235 0.0368  -0.0036 713 PHE A N   
157 C CA  . PHE A 28  ? 0.2508 0.5212 0.4914 -0.0264 0.0434  0.0195  713 PHE A CA  
158 C C   . PHE A 28  ? 0.2419 0.5062 0.5148 -0.0284 0.0520  0.0260  713 PHE A C   
159 O O   . PHE A 28  ? 0.2561 0.5184 0.5623 -0.0245 0.0321  0.0160  713 PHE A O   
160 C CB  . PHE A 28  ? 0.2219 0.4907 0.4317 -0.0210 0.0190  0.0289  713 PHE A CB  
161 C CG  . PHE A 28  ? 0.2364 0.5039 0.4206 -0.0192 0.0196  0.0505  713 PHE A CG  
162 C CD1 . PHE A 28  ? 0.2027 0.4719 0.3478 -0.0204 0.0210  0.0612  713 PHE A CD1 
163 C CD2 . PHE A 28  ? 0.3008 0.5603 0.4985 -0.0137 0.0153  0.0579  713 PHE A CD2 
164 C CE1 . PHE A 28  ? 0.2707 0.5383 0.4007 -0.0137 0.0123  0.0814  713 PHE A CE1 
165 C CE2 . PHE A 28  ? 0.2414 0.4995 0.4295 -0.0082 0.0157  0.0768  713 PHE A CE2 
166 C CZ  . PHE A 28  ? 0.2314 0.4960 0.3911 -0.0068 0.0112  0.0903  713 PHE A CZ  
167 N N   . LYS A 29  ? 0.2861 0.5386 0.5396 -0.0340 0.0804  0.0428  714 LYS A N   
168 C CA  . LYS A 29  ? 0.3107 0.5484 0.5931 -0.0377 0.0943  0.0524  714 LYS A CA  
169 C C   . LYS A 29  ? 0.3268 0.5488 0.5622 -0.0292 0.0838  0.0785  714 LYS A C   
170 O O   . LYS A 29  ? 0.3671 0.5785 0.5454 -0.0255 0.0883  0.0991  714 LYS A O   
171 C CB  . LYS A 29  ? 0.3693 0.5929 0.6650 -0.0500 0.1436  0.0566  714 LYS A CB  
172 C CG  . LYS A 29  ? 0.4920 0.6884 0.8165 -0.0579 0.1706  0.0718  714 LYS A CG  
173 C CD  . LYS A 29  ? 0.4707 0.6795 0.9060 -0.0715 0.1867  0.0457  714 LYS A CD  
174 C CE  . LYS A 29  ? 0.6145 0.7888 1.0791 -0.0867 0.2366  0.0616  714 LYS A CE  
175 N NZ  . LYS A 29  ? 0.6079 0.7590 1.0709 -0.0825 0.2160  0.0733  714 LYS A NZ  
176 N N   . ASN A 30  ? 0.3227 0.5402 0.5818 -0.0239 0.0668  0.0754  715 ASN A N   
177 C CA  . ASN A 30  ? 0.3192 0.5220 0.5562 -0.0135 0.0619  0.0968  715 ASN A CA  
178 C C   . ASN A 30  ? 0.4028 0.5754 0.6263 -0.0154 0.0886  0.1230  715 ASN A C   
179 O O   . ASN A 30  ? 0.4300 0.5834 0.6946 -0.0253 0.1107  0.1189  715 ASN A O   
180 C CB  . ASN A 30  ? 0.3039 0.4961 0.5705 -0.0094 0.0506  0.0817  715 ASN A CB  
181 C CG  . ASN A 30  ? 0.3393 0.5185 0.5962 0.0043  0.0495  0.0981  715 ASN A CG  
182 O OD1 . ASN A 30  ? 0.3085 0.4907 0.5459 0.0125  0.0493  0.1228  715 ASN A OD1 
183 N ND2 . ASN A 30  ? 0.2466 0.4080 0.5161 0.0091  0.0463  0.0822  715 ASN A ND2 
184 N N   . PRO A 31  ? 0.4550 0.6175 0.6196 -0.0059 0.0846  0.1498  716 PRO A N   
185 C CA  . PRO A 31  ? 0.5150 0.6318 0.6401 -0.0024 0.1060  0.1829  716 PRO A CA  
186 C C   . PRO A 31  ? 0.5093 0.5988 0.6626 0.0086  0.1051  0.1999  716 PRO A C   
187 O O   . PRO A 31  ? 0.5124 0.5522 0.6440 0.0093  0.1299  0.2277  716 PRO A O   
188 C CB  . PRO A 31  ? 0.5517 0.6668 0.5996 0.0112  0.0797  0.2017  716 PRO A CB  
189 C CG  . PRO A 31  ? 0.5161 0.6782 0.5964 0.0179  0.0428  0.1831  716 PRO A CG  
190 C CD  . PRO A 31  ? 0.4614 0.6496 0.5949 0.0040  0.0528  0.1506  716 PRO A CD  
191 N N   . LEU A 32  ? 0.4324 0.5459 0.6286 0.0174  0.0823  0.1838  717 LEU A N   
192 C CA  . LEU A 32  ? 0.4559 0.5447 0.6803 0.0320  0.0809  0.1955  717 LEU A CA  
193 C C   . LEU A 32  ? 0.4239 0.4963 0.7015 0.0199  0.0985  0.1701  717 LEU A C   
194 O O   . LEU A 32  ? 0.3958 0.4894 0.6941 0.0067  0.0943  0.1378  717 LEU A O   
195 C CB  . LEU A 32  ? 0.4708 0.5921 0.7132 0.0499  0.0534  0.1898  717 LEU A CB  
196 C CG  . LEU A 32  ? 0.4702 0.6194 0.6856 0.0624  0.0227  0.2051  717 LEU A CG  
197 C CD1 . LEU A 32  ? 0.4489 0.6388 0.7131 0.0719  0.0072  0.1887  717 LEU A CD1 
198 C CD2 . LEU A 32  ? 0.5581 0.6704 0.7402 0.0816  0.0102  0.2446  717 LEU A CD2 
199 N N   . PRO A 33  ? 0.4392 0.4686 0.7393 0.0257  0.1128  0.1828  718 PRO A N   
200 C CA  . PRO A 33  ? 0.4543 0.4644 0.8067 0.0137  0.1231  0.1517  718 PRO A CA  
201 C C   . PRO A 33  ? 0.4570 0.4748 0.8198 0.0263  0.1064  0.1244  718 PRO A C   
202 O O   . PRO A 33  ? 0.5048 0.4957 0.8953 0.0211  0.1099  0.0960  718 PRO A O   
203 C CB  . PRO A 33  ? 0.5012 0.4524 0.8706 0.0143  0.1501  0.1779  718 PRO A CB  
204 C CG  . PRO A 33  ? 0.5620 0.5042 0.8871 0.0413  0.1384  0.2201  718 PRO A CG  
205 C CD  . PRO A 33  ? 0.4975 0.4854 0.7738 0.0433  0.1178  0.2255  718 PRO A CD  
206 N N   . VAL A 34  ? 0.4573 0.5080 0.7968 0.0414  0.0913  0.1297  719 VAL A N   
207 C CA  . VAL A 34  ? 0.4356 0.4899 0.7783 0.0523  0.0888  0.1063  719 VAL A CA  
208 C C   . VAL A 34  ? 0.3762 0.4628 0.6873 0.0444  0.0758  0.0864  719 VAL A C   
209 O O   . VAL A 34  ? 0.3432 0.4567 0.6394 0.0341  0.0650  0.0923  719 VAL A O   
210 C CB  . VAL A 34  ? 0.4738 0.5318 0.8413 0.0781  0.0918  0.1293  719 VAL A CB  
211 C CG1 . VAL A 34  ? 0.4515 0.5581 0.8120 0.0848  0.0723  0.1484  719 VAL A CG1 
212 C CG2 . VAL A 34  ? 0.5806 0.6207 0.9659 0.0896  0.1091  0.1025  719 VAL A CG2 
213 N N   . THR A 35  ? 0.4043 0.4774 0.6980 0.0497  0.0806  0.0615  720 THR A N   
214 C CA  . THR A 35  ? 0.3607 0.4456 0.6116 0.0442  0.0716  0.0457  720 THR A CA  
215 C C   . THR A 35  ? 0.3339 0.4595 0.5908 0.0488  0.0745  0.0642  720 THR A C   
216 O O   . THR A 35  ? 0.3431 0.4806 0.6351 0.0618  0.0881  0.0756  720 THR A O   
217 C CB  . THR A 35  ? 0.4061 0.4446 0.6128 0.0493  0.0807  0.0155  720 THR A CB  
218 O OG1 . THR A 35  ? 0.4613 0.4636 0.6654 0.0418  0.0648  -0.0093 720 THR A OG1 
219 C CG2 . THR A 35  ? 0.3864 0.4207 0.5311 0.0469  0.0755  0.0066  720 THR A CG2 
220 N N   . LEU A 36  ? 0.2954 0.4437 0.5306 0.0386  0.0598  0.0645  721 LEU A N   
221 C CA  . LEU A 36  ? 0.2523 0.4340 0.4953 0.0389  0.0614  0.0742  721 LEU A CA  
222 C C   . LEU A 36  ? 0.2473 0.4030 0.4514 0.0383  0.0780  0.0584  721 LEU A C   
223 O O   . LEU A 36  ? 0.2545 0.3847 0.4087 0.0326  0.0652  0.0458  721 LEU A O   
224 C CB  . LEU A 36  ? 0.2009 0.4101 0.4349 0.0277  0.0411  0.0802  721 LEU A CB  
225 C CG  . LEU A 36  ? 0.2556 0.4781 0.5009 0.0270  0.0310  0.0978  721 LEU A CG  
226 C CD1 . LEU A 36  ? 0.2205 0.4607 0.4448 0.0156  0.0196  0.0951  721 LEU A CD1 
227 C CD2 . LEU A 36  ? 0.2403 0.4812 0.5167 0.0406  0.0256  0.1173  721 LEU A CD2 
228 N N   . THR A 37  ? 0.1967 0.3567 0.4255 0.0447  0.1068  0.0601  722 THR A N   
229 C CA  . THR A 37  ? 0.2858 0.4098 0.4702 0.0438  0.1382  0.0492  722 THR A CA  
230 C C   . THR A 37  ? 0.3084 0.4587 0.5121 0.0333  0.1467  0.0572  722 THR A C   
231 O O   . THR A 37  ? 0.2568 0.4613 0.5235 0.0288  0.1270  0.0671  722 THR A O   
232 C CB  . THR A 37  ? 0.3274 0.4371 0.5433 0.0557  0.1813  0.0433  722 THR A CB  
233 O OG1 . THR A 37  ? 0.3632 0.5337 0.6850 0.0603  0.1828  0.0567  722 THR A OG1 
234 C CG2 . THR A 37  ? 0.3940 0.4666 0.5927 0.0663  0.1794  0.0309  722 THR A CG2 
235 N N   . ASN A 38  ? 0.3694 0.4724 0.5137 0.0296  0.1783  0.0520  723 ASN A N   
236 C CA  . ASN A 38  ? 0.3703 0.4823 0.5335 0.0173  0.2002  0.0587  723 ASN A CA  
237 C C   . ASN A 38  ? 0.3283 0.4838 0.5192 0.0067  0.1572  0.0647  723 ASN A C   
238 O O   . ASN A 38  ? 0.3121 0.5127 0.5767 -0.0028 0.1584  0.0674  723 ASN A O   
239 C CB  . ASN A 38  ? 0.4216 0.5706 0.6857 0.0169  0.2418  0.0590  723 ASN A CB  
240 C CG  . ASN A 38  ? 0.5317 0.6296 0.7681 0.0267  0.3016  0.0498  723 ASN A CG  
241 O OD1 . ASN A 38  ? 0.6931 0.7352 0.8408 0.0370  0.3005  0.0409  723 ASN A OD1 
242 N ND2 . ASN A 38  ? 0.4546 0.5683 0.7684 0.0223  0.3553  0.0481  723 ASN A ND2 
243 N N   . VAL A 39  ? 0.3081 0.4498 0.4467 0.0085  0.1196  0.0626  724 VAL A N   
244 C CA  . VAL A 39  ? 0.2977 0.4766 0.4598 0.0005  0.0846  0.0643  724 VAL A CA  
245 C C   . VAL A 39  ? 0.3201 0.4763 0.4579 -0.0094 0.0900  0.0651  724 VAL A C   
246 O O   . VAL A 39  ? 0.4041 0.5016 0.4688 -0.0049 0.0946  0.0656  724 VAL A O   
247 C CB  . VAL A 39  ? 0.2453 0.4208 0.3818 0.0052  0.0519  0.0593  724 VAL A CB  
248 C CG1 . VAL A 39  ? 0.2339 0.4463 0.3965 -0.0029 0.0289  0.0592  724 VAL A CG1 
249 C CG2 . VAL A 39  ? 0.2880 0.4705 0.4438 0.0133  0.0508  0.0595  724 VAL A CG2 
250 N N   . VAL A 40  ? 0.2777 0.4728 0.4741 -0.0215 0.0887  0.0648  725 VAL A N   
251 C CA  . VAL A 40  ? 0.2946 0.4690 0.4846 -0.0336 0.0965  0.0643  725 VAL A CA  
252 C C   . VAL A 40  ? 0.2874 0.4948 0.4939 -0.0378 0.0582  0.0552  725 VAL A C   
253 O O   . VAL A 40  ? 0.2306 0.4858 0.4779 -0.0393 0.0387  0.0507  725 VAL A O   
254 C CB  . VAL A 40  ? 0.3410 0.5303 0.5990 -0.0485 0.1313  0.0644  725 VAL A CB  
255 C CG1 . VAL A 40  ? 0.3501 0.5039 0.5996 -0.0637 0.1453  0.0648  725 VAL A CG1 
256 C CG2 . VAL A 40  ? 0.3357 0.4967 0.5885 -0.0439 0.1820  0.0705  725 VAL A CG2 
257 N N   . PHE A 41  ? 0.2724 0.4457 0.4392 -0.0370 0.0481  0.0526  726 PHE A N   
258 C CA  . PHE A 41  ? 0.2585 0.4526 0.4411 -0.0418 0.0248  0.0400  726 PHE A CA  
259 C C   . PHE A 41  ? 0.2733 0.4481 0.4739 -0.0559 0.0357  0.0351  726 PHE A C   
260 O O   . PHE A 41  ? 0.3187 0.4422 0.4936 -0.0570 0.0585  0.0460  726 PHE A O   
261 C CB  . PHE A 41  ? 0.3199 0.4936 0.4672 -0.0282 0.0064  0.0366  726 PHE A CB  
262 C CG  . PHE A 41  ? 0.4144 0.5854 0.5712 -0.0300 -0.0052 0.0231  726 PHE A CG  
263 C CD1 . PHE A 41  ? 0.5552 0.6781 0.6950 -0.0272 -0.0041 0.0249  726 PHE A CD1 
264 C CD2 . PHE A 41  ? 0.5181 0.7246 0.6937 -0.0328 -0.0134 0.0090  726 PHE A CD2 
265 C CE1 . PHE A 41  ? 0.4960 0.6126 0.6529 -0.0261 -0.0130 0.0100  726 PHE A CE1 
266 C CE2 . PHE A 41  ? 0.5697 0.7690 0.7540 -0.0335 -0.0165 -0.0082 726 PHE A CE2 
267 C CZ  . PHE A 41  ? 0.5506 0.7081 0.7335 -0.0295 -0.0176 -0.0093 726 PHE A CZ  
268 N N   . ARG A 42  ? 0.2436 0.4522 0.4828 -0.0674 0.0208  0.0184  727 ARG A N   
269 C CA  . ARG A 42  ? 0.2869 0.4796 0.5546 -0.0837 0.0269  0.0067  727 ARG A CA  
270 C C   . ARG A 42  ? 0.2874 0.4795 0.5423 -0.0825 0.0059  -0.0135 727 ARG A C   
271 O O   . ARG A 42  ? 0.2704 0.4908 0.5090 -0.0755 -0.0114 -0.0214 727 ARG A O   
272 C CB  . ARG A 42  ? 0.2785 0.5139 0.6187 -0.1018 0.0244  -0.0051 727 ARG A CB  
273 C CG  . ARG A 42  ? 0.3693 0.6087 0.7521 -0.1070 0.0565  0.0090  727 ARG A CG  
274 C CD  . ARG A 42  ? 0.3624 0.6595 0.8460 -0.1227 0.0433  -0.0081 727 ARG A CD  
275 N NE  . ARG A 42  ? 0.3934 0.6929 0.9446 -0.1316 0.0873  0.0008  727 ARG A NE  
276 C CZ  . ARG A 42  ? 0.3539 0.6635 0.9094 -0.1182 0.1086  0.0156  727 ARG A CZ  
277 N NH1 . ARG A 42  ? 0.3062 0.6236 0.8037 -0.0963 0.0860  0.0248  727 ARG A NH1 
278 N NH2 . ARG A 42  ? 0.4037 0.7116 1.0282 -0.1284 0.1596  0.0196  727 ARG A NH2 
279 N N   . LEU A 43  ? 0.3046 0.4574 0.5660 -0.0898 0.0137  -0.0217 728 LEU A N   
280 C CA  . LEU A 43  ? 0.2833 0.4278 0.5392 -0.0885 0.0008  -0.0456 728 LEU A CA  
281 C C   . LEU A 43  ? 0.2998 0.4224 0.5944 -0.1091 0.0067  -0.0638 728 LEU A C   
282 O O   . LEU A 43  ? 0.3305 0.4129 0.6416 -0.1175 0.0301  -0.0485 728 LEU A O   
283 C CB  . LEU A 43  ? 0.3427 0.4479 0.5689 -0.0669 0.0015  -0.0367 728 LEU A CB  
284 C CG  . LEU A 43  ? 0.3784 0.4780 0.6107 -0.0599 -0.0048 -0.0629 728 LEU A CG  
285 C CD1 . LEU A 43  ? 0.2745 0.4194 0.4964 -0.0592 -0.0092 -0.0811 728 LEU A CD1 
286 C CD2 . LEU A 43  ? 0.3648 0.4259 0.5914 -0.0353 -0.0101 -0.0514 728 LEU A CD2 
287 N N   . GLU A 44  ? 0.2570 0.3991 0.5615 -0.1190 -0.0114 -0.0972 729 GLU A N   
288 C CA  . GLU A 44  ? 0.3150 0.4355 0.6603 -0.1404 -0.0114 -0.1238 729 GLU A CA  
289 C C   . GLU A 44  ? 0.3720 0.4879 0.6918 -0.1401 -0.0277 -0.1630 729 GLU A C   
290 O O   . GLU A 44  ? 0.3842 0.5201 0.6543 -0.1263 -0.0362 -0.1687 729 GLU A O   
291 C CB  . GLU A 44  ? 0.3301 0.4881 0.7412 -0.1647 -0.0208 -0.1319 729 GLU A CB  
292 C CG  . GLU A 44  ? 0.4084 0.6258 0.8180 -0.1575 -0.0409 -0.1209 729 GLU A CG  
293 C CD  . GLU A 44  ? 0.4806 0.7319 0.9806 -0.1759 -0.0395 -0.1198 729 GLU A CD  
294 O OE1 . GLU A 44  ? 0.4539 0.7110 1.0204 -0.1995 -0.0534 -0.1505 729 GLU A OE1 
295 O OE2 . GLU A 44  ? 0.4851 0.7554 0.9974 -0.1672 -0.0218 -0.0915 729 GLU A OE2 
296 N N   . GLY A 45  ? 0.4427 0.5244 0.7940 -0.1566 -0.0257 -0.1913 730 GLY A N   
297 C CA  . GLY A 45  ? 0.5550 0.6273 0.8799 -0.1607 -0.0409 -0.2375 730 GLY A CA  
298 C C   . GLY A 45  ? 0.6371 0.6627 1.0121 -0.1807 -0.0344 -0.2654 730 GLY A C   
299 O O   . GLY A 45  ? 0.6313 0.6136 1.0407 -0.1803 -0.0079 -0.2417 730 GLY A O   
300 N N   . SER A 46  ? 0.7359 0.7613 1.1074 -0.1980 -0.0598 -0.3156 731 SER A N   
301 C CA  . SER A 46  ? 0.8183 0.7952 1.2439 -0.2206 -0.0557 -0.3514 731 SER A CA  
302 C C   . SER A 46  ? 0.8383 0.7524 1.2442 -0.2009 -0.0233 -0.3540 731 SER A C   
303 O O   . SER A 46  ? 0.8216 0.7344 1.1662 -0.1791 -0.0182 -0.3671 731 SER A O   
304 C CB  . SER A 46  ? 0.8985 0.8839 1.3156 -0.2423 -0.0986 -0.4133 731 SER A CB  
305 N N   . GLY A 47  ? 0.8794 0.7392 1.3422 -0.2076 0.0017  -0.3383 732 GLY A N   
306 C CA  . GLY A 47  ? 0.9383 0.7283 1.4020 -0.1890 0.0263  -0.3426 732 GLY A CA  
307 C C   . GLY A 47  ? 0.9021 0.6923 1.3313 -0.1500 0.0384  -0.3015 732 GLY A C   
308 O O   . GLY A 47  ? 0.9288 0.6843 1.3553 -0.1258 0.0498  -0.3139 732 GLY A O   
309 N N   . LEU A 48  ? 0.8658 0.6956 1.2780 -0.1437 0.0344  -0.2564 733 LEU A N   
310 C CA  . LEU A 48  ? 0.8404 0.6866 1.2194 -0.1094 0.0347  -0.2250 733 LEU A CA  
311 C C   . LEU A 48  ? 0.8353 0.6667 1.2055 -0.1014 0.0388  -0.1689 733 LEU A C   
312 O O   . LEU A 48  ? 0.8644 0.6508 1.2237 -0.0741 0.0397  -0.1410 733 LEU A O   
313 C CB  . LEU A 48  ? 0.7797 0.6967 1.1190 -0.1066 0.0225  -0.2385 733 LEU A CB  
314 C CG  . LEU A 48  ? 0.8338 0.7503 1.1504 -0.1068 0.0265  -0.2913 733 LEU A CG  
315 C CD1 . LEU A 48  ? 0.7790 0.7481 1.0361 -0.1114 0.0154  -0.3036 733 LEU A CD1 
316 C CD2 . LEU A 48  ? 0.8170 0.7059 1.1513 -0.0767 0.0469  -0.2965 733 LEU A CD2 
317 N N   . GLN A 49  ? 0.8167 0.6812 1.1899 -0.1235 0.0396  -0.1544 734 GLN A N   
318 C CA  . GLN A 49  ? 0.8129 0.6711 1.1600 -0.1150 0.0484  -0.1056 734 GLN A CA  
319 C C   . GLN A 49  ? 0.8107 0.6892 1.1921 -0.1464 0.0637  -0.0990 734 GLN A C   
320 O O   . GLN A 49  ? 0.7638 0.7120 1.1653 -0.1594 0.0478  -0.1170 734 GLN A O   
321 C CB  . GLN A 49  ? 0.7417 0.6530 1.0502 -0.0916 0.0306  -0.0943 734 GLN A CB  
322 C CG  . GLN A 49  ? 0.7590 0.6672 1.0300 -0.0818 0.0354  -0.0510 734 GLN A CG  
323 C CD  . GLN A 49  ? 0.8571 0.6779 1.0867 -0.0626 0.0433  -0.0150 734 GLN A CD  
324 O OE1 . GLN A 49  ? 0.8556 0.6558 1.0602 -0.0319 0.0211  -0.0066 734 GLN A OE1 
325 N NE2 . GLN A 49  ? 0.8812 0.6485 1.1036 -0.0799 0.0745  0.0070  734 GLN A NE2 
326 N N   . ARG A 50  ? 0.8798 0.6932 1.2725 -0.1578 0.0965  -0.0732 735 ARG A N   
327 C CA  . ARG A 50  ? 0.8559 0.6839 1.2893 -0.1847 0.1253  -0.0595 735 ARG A CA  
328 C C   . ARG A 50  ? 0.7704 0.6592 1.1715 -0.1710 0.1161  -0.0417 735 ARG A C   
329 O O   . ARG A 50  ? 0.7294 0.6090 1.0598 -0.1412 0.1034  -0.0214 735 ARG A O   
330 C CB  . ARG A 50  ? 0.9669 0.6957 1.3869 -0.1924 0.1762  -0.0221 735 ARG A CB  
331 C CG  . ARG A 50  ? 1.0549 0.6935 1.3682 -0.1553 0.1791  0.0216  735 ARG A CG  
332 C CD  . ARG A 50  ? 0.9557 0.6045 1.1891 -0.1327 0.1778  0.0544  735 ARG A CD  
333 N N   . PRO A 51  ? 0.7221 0.6758 1.1854 -0.1918 0.1180  -0.0529 736 PRO A N   
334 C CA  . PRO A 51  ? 0.6434 0.6517 1.0788 -0.1758 0.1073  -0.0384 736 PRO A CA  
335 C C   . PRO A 51  ? 0.6785 0.6357 1.0269 -0.1516 0.1307  0.0041  736 PRO A C   
336 O O   . PRO A 51  ? 0.7370 0.6465 1.0773 -0.1597 0.1768  0.0294  736 PRO A O   
337 C CB  . PRO A 51  ? 0.6428 0.7063 1.1745 -0.2015 0.1188  -0.0492 736 PRO A CB  
338 C CG  . PRO A 51  ? 0.6972 0.7634 1.3145 -0.2315 0.1094  -0.0864 736 PRO A CG  
339 C CD  . PRO A 51  ? 0.7295 0.7118 1.3014 -0.2284 0.1238  -0.0824 736 PRO A CD  
340 N N   . LYS A 52  ? 0.6289 0.5935 0.9135 -0.1232 0.0997  0.0083  737 LYS A N   
341 C CA  . LYS A 52  ? 0.6214 0.5505 0.8244 -0.0978 0.1029  0.0386  737 LYS A CA  
342 C C   . LYS A 52  ? 0.5303 0.5178 0.7339 -0.0935 0.0997  0.0414  737 LYS A C   
343 O O   . LYS A 52  ? 0.4378 0.4941 0.6744 -0.0938 0.0730  0.0226  737 LYS A O   
344 C CB  . LYS A 52  ? 0.6254 0.5359 0.7843 -0.0698 0.0665  0.0363  737 LYS A CB  
345 C CG  . LYS A 52  ? 0.7877 0.6216 0.8582 -0.0431 0.0622  0.0671  737 LYS A CG  
346 N N   . ILE A 53  ? 0.5158 0.4628 0.6671 -0.0863 0.1272  0.0664  738 ILE A N   
347 C CA  . ILE A 53  ? 0.4602 0.4473 0.6124 -0.0819 0.1332  0.0694  738 ILE A CA  
348 C C   . ILE A 53  ? 0.4984 0.4305 0.5472 -0.0559 0.1238  0.0868  738 ILE A C   
349 O O   . ILE A 53  ? 0.5675 0.4157 0.5413 -0.0475 0.1367  0.1056  738 ILE A O   
350 C CB  . ILE A 53  ? 0.4742 0.4676 0.6852 -0.1039 0.1841  0.0732  738 ILE A CB  
351 C CG1 . ILE A 53  ? 0.4666 0.5119 0.7068 -0.0994 0.1916  0.0715  738 ILE A CG1 
352 C CG2 . ILE A 53  ? 0.6625 0.5569 0.8138 -0.1088 0.2383  0.0981  738 ILE A CG2 
353 C CD1 . ILE A 53  ? 0.4311 0.5019 0.7724 -0.1223 0.2397  0.0674  738 ILE A CD1 
354 N N   . LEU A 54  ? 0.4714 0.4459 0.5145 -0.0421 0.0948  0.0791  739 LEU A N   
355 C CA  . LEU A 54  ? 0.5237 0.4535 0.4823 -0.0186 0.0744  0.0870  739 LEU A CA  
356 C C   . LEU A 54  ? 0.4919 0.4505 0.4490 -0.0152 0.0820  0.0841  739 LEU A C   
357 O O   . LEU A 54  ? 0.3826 0.4122 0.4092 -0.0221 0.0770  0.0735  739 LEU A O   
358 C CB  . LEU A 54  ? 0.5261 0.4721 0.4928 -0.0035 0.0241  0.0747  739 LEU A CB  
359 C CG  . LEU A 54  ? 0.7039 0.6047 0.6619 0.0024  0.0110  0.0776  739 LEU A CG  
360 C CD1 . LEU A 54  ? 0.7286 0.6859 0.7559 0.0041  -0.0168 0.0546  739 LEU A CD1 
361 C CD2 . LEU A 54  ? 0.8777 0.6869 0.7370 0.0277  -0.0110 0.0952  739 LEU A CD2 
362 N N   . ASN A 55  ? 0.5909 0.4832 0.4583 -0.0029 0.0943  0.0941  740 ASN A N   
363 C CA  . ASN A 55  ? 0.6559 0.5562 0.5046 0.0044  0.0996  0.0879  740 ASN A CA  
364 C C   . ASN A 55  ? 0.6113 0.5378 0.4655 0.0178  0.0443  0.0731  740 ASN A C   
365 O O   . ASN A 55  ? 0.6608 0.5554 0.4789 0.0307  0.0041  0.0711  740 ASN A O   
366 C CB  . ASN A 55  ? 0.8150 0.6174 0.5428 0.0141  0.1306  0.0993  740 ASN A CB  
367 C CG  . ASN A 55  ? 0.9392 0.7478 0.6754 0.0102  0.1798  0.0951  740 ASN A CG  
368 O OD1 . ASN A 55  ? 0.9214 0.7755 0.7457 -0.0058 0.2232  0.0967  740 ASN A OD1 
369 N ND2 . ASN A 55  ? 1.1205 0.8815 0.7712 0.0258  0.1718  0.0864  740 ASN A ND2 
370 N N   . VAL A 56  ? 0.4932 0.4761 0.4028 0.0152  0.0424  0.0630  741 VAL A N   
371 C CA  . VAL A 56  ? 0.4678 0.4696 0.3902 0.0240  0.0024  0.0485  741 VAL A CA  
372 C C   . VAL A 56  ? 0.5210 0.5011 0.4116 0.0301  0.0128  0.0414  741 VAL A C   
373 O O   . VAL A 56  ? 0.4915 0.4813 0.3984 0.0256  0.0529  0.0464  741 VAL A O   
374 C CB  . VAL A 56  ? 0.4193 0.4970 0.4326 0.0148  -0.0075 0.0435  741 VAL A CB  
375 C CG1 . VAL A 56  ? 0.3234 0.4183 0.3647 0.0200  -0.0378 0.0286  741 VAL A CG1 
376 C CG2 . VAL A 56  ? 0.3874 0.4794 0.4248 0.0088  -0.0126 0.0449  741 VAL A CG2 
377 N N   . GLY A 57  ? 0.5883 0.5364 0.4398 0.0415  -0.0247 0.0262  742 GLY A N   
378 C CA  . GLY A 57  ? 0.6703 0.5949 0.4953 0.0466  -0.0223 0.0117  742 GLY A CA  
379 C C   . GLY A 57  ? 0.6140 0.6030 0.5340 0.0376  -0.0078 0.0101  742 GLY A C   
380 O O   . GLY A 57  ? 0.5728 0.6173 0.5664 0.0301  -0.0198 0.0137  742 GLY A O   
381 N N   . ASP A 58  ? 0.6023 0.5761 0.5143 0.0401  0.0224  0.0067  743 ASP A N   
382 C CA  . ASP A 58  ? 0.5022 0.5210 0.4942 0.0364  0.0334  0.0084  743 ASP A CA  
383 C C   . ASP A 58  ? 0.4466 0.4948 0.4898 0.0306  -0.0020 0.0011  743 ASP A C   
384 O O   . ASP A 58  ? 0.4446 0.4692 0.4665 0.0327  -0.0379 -0.0176 743 ASP A O   
385 C CB  . ASP A 58  ? 0.5771 0.5538 0.5436 0.0445  0.0536  -0.0065 743 ASP A CB  
386 C CG  . ASP A 58  ? 0.6126 0.5633 0.5476 0.0502  0.1052  -0.0011 743 ASP A CG  
387 O OD1 . ASP A 58  ? 0.6467 0.6167 0.5915 0.0454  0.1251  0.0154  743 ASP A OD1 
388 O OD2 . ASP A 58  ? 0.5660 0.4762 0.4752 0.0583  0.1306  -0.0161 743 ASP A OD2 
389 N N   . ILE A 59  ? 0.3677 0.4641 0.4792 0.0242  0.0076  0.0155  744 ILE A N   
390 C CA  . ILE A 59  ? 0.3191 0.4413 0.4810 0.0158  -0.0091 0.0123  744 ILE A CA  
391 C C   . ILE A 59  ? 0.3200 0.4334 0.5162 0.0148  0.0029  0.0115  744 ILE A C   
392 O O   . ILE A 59  ? 0.3489 0.4728 0.5607 0.0186  0.0245  0.0311  744 ILE A O   
393 C CB  . ILE A 59  ? 0.2714 0.4381 0.4610 0.0092  -0.0017 0.0311  744 ILE A CB  
394 C CG1 . ILE A 59  ? 0.2216 0.3908 0.3813 0.0098  -0.0096 0.0309  744 ILE A CG1 
395 C CG2 . ILE A 59  ? 0.2182 0.4030 0.4558 -0.0004 -0.0041 0.0272  744 ILE A CG2 
396 C CD1 . ILE A 59  ? 0.1716 0.3783 0.3495 0.0032  -0.0030 0.0436  744 ILE A CD1 
397 N N   . GLY A 60  ? 0.3697 0.4599 0.5820 0.0111  -0.0148 -0.0126 745 GLY A N   
398 C CA  . GLY A 60  ? 0.3618 0.4354 0.6152 0.0071  -0.0018 -0.0164 745 GLY A CA  
399 C C   . GLY A 60  ? 0.3525 0.4533 0.6573 -0.0013 0.0208  0.0102  745 GLY A C   
400 O O   . GLY A 60  ? 0.3424 0.4745 0.6540 -0.0068 0.0225  0.0222  745 GLY A O   
401 N N   . GLY A 61  ? 0.3800 0.4590 0.7113 -0.0013 0.0411  0.0205  746 GLY A N   
402 C CA  . GLY A 61  ? 0.3284 0.4142 0.6825 -0.0059 0.0653  0.0528  746 GLY A CA  
403 C C   . GLY A 61  ? 0.3241 0.4231 0.7216 -0.0252 0.0718  0.0451  746 GLY A C   
404 O O   . GLY A 61  ? 0.3207 0.4137 0.7672 -0.0364 0.0595  0.0132  746 GLY A O   
405 N N   . ASN A 62  ? 0.2979 0.4130 0.6798 -0.0285 0.0907  0.0706  747 ASN A N   
406 C CA  . ASN A 62  ? 0.3277 0.4530 0.7516 -0.0465 0.1128  0.0656  747 ASN A CA  
407 C C   . ASN A 62  ? 0.3079 0.4696 0.7655 -0.0515 0.0896  0.0329  747 ASN A C   
408 O O   . ASN A 62  ? 0.3411 0.5180 0.8554 -0.0653 0.1096  0.0225  747 ASN A O   
409 C CB  . ASN A 62  ? 0.3921 0.4858 0.8847 -0.0628 0.1404  0.0612  747 ASN A CB  
410 C CG  . ASN A 62  ? 0.5100 0.5562 0.9683 -0.0557 0.1660  0.0992  747 ASN A CG  
411 O OD1 . ASN A 62  ? 0.4756 0.5108 0.8677 -0.0462 0.1804  0.1365  747 ASN A OD1 
412 N ND2 . ASN A 62  ? 0.5749 0.5871 1.0750 -0.0581 0.1667  0.0885  747 ASN A ND2 
413 N N   . GLU A 63  ? 0.2765 0.4475 0.7003 -0.0388 0.0518  0.0186  748 GLU A N   
414 C CA  . GLU A 63  ? 0.2826 0.4745 0.7291 -0.0377 0.0206  -0.0094 748 GLU A CA  
415 C C   . GLU A 63  ? 0.2310 0.4484 0.6483 -0.0341 0.0250  0.0003  748 GLU A C   
416 O O   . GLU A 63  ? 0.2438 0.4611 0.5984 -0.0272 0.0314  0.0222  748 GLU A O   
417 C CB  . GLU A 63  ? 0.3254 0.4953 0.7246 -0.0244 -0.0174 -0.0247 748 GLU A CB  
418 C CG  . GLU A 63  ? 0.4478 0.6174 0.8560 -0.0187 -0.0622 -0.0541 748 GLU A CG  
419 C CD  . GLU A 63  ? 0.6760 0.8012 1.0246 -0.0080 -0.0917 -0.0705 748 GLU A CD  
420 O OE1 . GLU A 63  ? 0.7392 0.8423 1.1129 -0.0141 -0.0899 -0.0846 748 GLU A OE1 
421 O OE2 . GLU A 63  ? 0.7433 0.8479 1.0137 0.0055  -0.1097 -0.0682 748 GLU A OE2 
422 N N   . THR A 64  ? 0.2286 0.4681 0.7035 -0.0381 0.0186  -0.0206 749 THR A N   
423 C CA  . THR A 64  ? 0.1869 0.4455 0.6454 -0.0329 0.0173  -0.0213 749 THR A CA  
424 C C   . THR A 64  ? 0.1905 0.4434 0.6313 -0.0183 -0.0317 -0.0370 749 THR A C   
425 O O   . THR A 64  ? 0.2279 0.4733 0.7062 -0.0136 -0.0681 -0.0595 749 THR A O   
426 C CB  . THR A 64  ? 0.1786 0.4602 0.7234 -0.0427 0.0423  -0.0377 749 THR A CB  
427 O OG1 . THR A 64  ? 0.2455 0.5175 0.7914 -0.0571 0.0960  -0.0197 749 THR A OG1 
428 C CG2 . THR A 64  ? 0.1636 0.4615 0.7030 -0.0361 0.0442  -0.0445 749 THR A CG2 
429 N N   . VAL A 65  ? 0.2213 0.4720 0.6037 -0.0112 -0.0341 -0.0256 750 VAL A N   
430 C CA  . VAL A 65  ? 0.2578 0.4921 0.6139 0.0029  -0.0713 -0.0340 750 VAL A CA  
431 C C   . VAL A 65  ? 0.2194 0.4698 0.5945 0.0043  -0.0621 -0.0374 750 VAL A C   
432 O O   . VAL A 65  ? 0.1850 0.4509 0.5520 -0.0052 -0.0274 -0.0290 750 VAL A O   
433 C CB  . VAL A 65  ? 0.2997 0.5035 0.5658 0.0088  -0.0746 -0.0164 750 VAL A CB  
434 C CG1 . VAL A 65  ? 0.3771 0.5534 0.6140 0.0117  -0.0840 -0.0184 750 VAL A CG1 
435 C CG2 . VAL A 65  ? 0.2306 0.4521 0.4751 0.0002  -0.0421 0.0025  750 VAL A CG2 
436 N N   . THR A 66  ? 0.2567 0.4964 0.6515 0.0183  -0.0972 -0.0511 751 THR A N   
437 C CA  . THR A 66  ? 0.2687 0.5131 0.6821 0.0243  -0.0942 -0.0566 751 THR A CA  
438 C C   . THR A 66  ? 0.3436 0.5423 0.6813 0.0380  -0.1225 -0.0444 751 THR A C   
439 O O   . THR A 66  ? 0.3698 0.5311 0.6542 0.0477  -0.1528 -0.0385 751 THR A O   
440 C CB  . THR A 66  ? 0.2333 0.5033 0.7586 0.0317  -0.1066 -0.0833 751 THR A CB  
441 O OG1 . THR A 66  ? 0.2708 0.5174 0.8078 0.0527  -0.1686 -0.0932 751 THR A OG1 
442 C CG2 . THR A 66  ? 0.2275 0.5289 0.8269 0.0166  -0.0813 -0.0940 751 THR A CG2 
443 N N   . LEU A 67  ? 0.3758 0.5681 0.6968 0.0368  -0.1065 -0.0399 752 LEU A N   
444 C CA  . LEU A 67  ? 0.4544 0.5963 0.7238 0.0505  -0.1298 -0.0297 752 LEU A CA  
445 C C   . LEU A 67  ? 0.4187 0.5601 0.7274 0.0555  -0.1235 -0.0399 752 LEU A C   
446 O O   . LEU A 67  ? 0.3650 0.5416 0.7115 0.0432  -0.0903 -0.0524 752 LEU A O   
447 C CB  . LEU A 67  ? 0.4985 0.6077 0.6795 0.0419  -0.1133 -0.0064 752 LEU A CB  
448 C CG  . LEU A 67  ? 0.5334 0.6668 0.6979 0.0214  -0.0756 0.0031  752 LEU A CG  
449 C CD1 . LEU A 67  ? 0.6678 0.7552 0.7663 0.0199  -0.0659 0.0221  752 LEU A CD1 
450 C CD2 . LEU A 67  ? 0.5499 0.7194 0.7293 0.0131  -0.0637 0.0031  752 LEU A CD2 
451 N N   . ARG A 68  ? 0.4613 0.5555 0.7568 0.0765  -0.1576 -0.0358 753 ARG A N   
452 C CA  . ARG A 68  ? 0.4908 0.5713 0.8269 0.0873  -0.1578 -0.0452 753 ARG A CA  
453 C C   . ARG A 68  ? 0.5291 0.5504 0.7849 0.0831  -0.1469 -0.0229 753 ARG A C   
454 O O   . ARG A 68  ? 0.5852 0.5549 0.7612 0.0887  -0.1614 0.0004  753 ARG A O   
455 C CB  . ARG A 68  ? 0.5453 0.6055 0.9317 0.1193  -0.2122 -0.0536 753 ARG A CB  
456 C CG  . ARG A 68  ? 0.5902 0.7106 1.0961 0.1258  -0.2273 -0.0823 753 ARG A CG  
457 C CD  . ARG A 68  ? 0.7287 0.8413 1.3267 0.1568  -0.2660 -0.0988 753 ARG A CD  
458 N NE  . ARG A 68  ? 0.7964 0.9469 1.5043 0.1727  -0.3114 -0.1223 753 ARG A NE  
459 C CZ  . ARG A 68  ? 0.9522 1.0976 1.7524 0.2060  -0.3655 -0.1373 753 ARG A CZ  
460 N NH1 . ARG A 68  ? 1.0630 1.1591 1.8475 0.2286  -0.3776 -0.1274 753 ARG A NH1 
461 N NH2 . ARG A 68  ? 0.9577 1.1463 1.8769 0.2178  -0.4111 -0.1637 753 ARG A NH2 
462 N N   . GLN A 69  ? 0.5148 0.5363 0.7896 0.0723  -0.1181 -0.0317 754 GLN A N   
463 C CA  . GLN A 69  ? 0.5768 0.5399 0.7954 0.0650  -0.1048 -0.0135 754 GLN A CA  
464 C C   . GLN A 69  ? 0.5887 0.5280 0.8530 0.0728  -0.1007 -0.0290 754 GLN A C   
465 O O   . GLN A 69  ? 0.5513 0.5335 0.8730 0.0652  -0.0807 -0.0584 754 GLN A O   
466 C CB  . GLN A 69  ? 0.5560 0.5456 0.7491 0.0337  -0.0688 -0.0105 754 GLN A CB  
467 C CG  . GLN A 69  ? 0.7236 0.6573 0.8720 0.0208  -0.0490 0.0093  754 GLN A CG  
468 C CD  . GLN A 69  ? 0.8219 0.6858 0.8920 0.0349  -0.0580 0.0418  754 GLN A CD  
469 O OE1 . GLN A 69  ? 0.8806 0.7552 0.9141 0.0385  -0.0645 0.0506  754 GLN A OE1 
470 N NE2 . GLN A 69  ? 0.7207 0.5025 0.7549 0.0435  -0.0560 0.0599  754 GLN A NE2 
471 N N   . SER A 70  ? 0.5977 0.6104 0.8591 0.1104  -0.1024 0.0337  755 SER A N   
472 C CA  . SER A 70  ? 0.6214 0.6400 0.9416 0.1168  -0.0838 0.0317  755 SER A CA  
473 C C   . SER A 70  ? 0.6154 0.6183 0.9133 0.1109  -0.0428 0.0265  755 SER A C   
474 O O   . SER A 70  ? 0.6047 0.5776 0.8461 0.1098  -0.0325 0.0345  755 SER A O   
475 C CB  . SER A 70  ? 0.6652 0.6461 0.9945 0.1396  -0.1219 0.0500  755 SER A CB  
476 O OG  . SER A 70  ? 0.8298 0.7405 1.0536 0.1534  -0.1402 0.0673  755 SER A OG  
477 N N   . PHE A 71  ? 0.6064 0.6249 0.9569 0.1078  -0.0177 0.0127  756 PHE A N   
478 C CA  . PHE A 71  ? 0.6388 0.6392 0.9860 0.1011  0.0118  0.0041  756 PHE A CA  
479 C C   . PHE A 71  ? 0.6556 0.6502 1.0536 0.1087  0.0277  -0.0032 756 PHE A C   
480 O O   . PHE A 71  ? 0.6368 0.6500 1.0791 0.1158  0.0269  -0.0064 756 PHE A O   
481 C CB  . PHE A 71  ? 0.6228 0.6417 0.9588 0.0805  0.0224  -0.0180 756 PHE A CB  
482 C CG  . PHE A 71  ? 0.6161 0.6568 0.9643 0.0755  0.0291  -0.0385 756 PHE A CG  
483 C CD1 . PHE A 71  ? 0.5751 0.6427 0.9197 0.0740  0.0198  -0.0357 756 PHE A CD1 
484 C CD2 . PHE A 71  ? 0.6415 0.6634 0.9990 0.0746  0.0497  -0.0599 756 PHE A CD2 
485 C CE1 . PHE A 71  ? 0.6481 0.7238 1.0025 0.0727  0.0403  -0.0500 756 PHE A CE1 
486 C CE2 . PHE A 71  ? 0.6154 0.6348 0.9622 0.0754  0.0685  -0.0765 756 PHE A CE2 
487 C CZ  . PHE A 71  ? 0.6623 0.7089 1.0094 0.0751  0.0686  -0.0695 756 PHE A CZ  
488 N N   . VAL A 72  ? 0.6897 0.6560 1.0930 0.1077  0.0466  -0.0050 757 VAL A N   
489 C CA  . VAL A 72  ? 0.7097 0.6625 1.1573 0.1151  0.0638  -0.0136 757 VAL A CA  
490 C C   . VAL A 72  ? 0.7027 0.6451 1.1499 0.0983  0.0792  -0.0437 757 VAL A C   
491 O O   . VAL A 72  ? 0.7224 0.6492 1.1691 0.0873  0.0796  -0.0448 757 VAL A O   
492 C CB  . VAL A 72  ? 0.7747 0.6892 1.2284 0.1315  0.0670  0.0113  757 VAL A CB  
493 C CG1 . VAL A 72  ? 0.7052 0.6070 1.2113 0.1414  0.0833  0.0044  757 VAL A CG1 
494 C CG2 . VAL A 72  ? 0.7508 0.6524 1.1686 0.1496  0.0358  0.0406  757 VAL A CG2 
495 N N   . PRO A 73  ? 0.6748 0.6164 1.1205 0.0974  0.0909  -0.0678 758 PRO A N   
496 C CA  . PRO A 73  ? 0.7115 0.6196 1.1330 0.0852  0.0941  -0.0993 758 PRO A CA  
497 C C   . PRO A 73  ? 0.7478 0.6226 1.2066 0.0864  0.1010  -0.1015 758 PRO A C   
498 O O   . PRO A 73  ? 0.7923 0.6623 1.2874 0.1019  0.1168  -0.0865 758 PRO A O   
499 C CB  . PRO A 73  ? 0.7502 0.6405 1.1467 0.0937  0.1181  -0.1187 758 PRO A CB  
500 C CG  . PRO A 73  ? 0.7254 0.6599 1.1412 0.1012  0.1218  -0.0982 758 PRO A CG  
501 C CD  . PRO A 73  ? 0.6891 0.6496 1.1513 0.1080  0.1027  -0.0674 758 PRO A CD  
502 N N   . VAL A 74  ? 0.7907 0.6416 1.2511 0.0702  0.0853  -0.1194 759 VAL A N   
503 C CA  . VAL A 74  ? 0.8270 0.6451 1.3408 0.0669  0.0892  -0.1219 759 VAL A CA  
504 C C   . VAL A 74  ? 0.9027 0.6638 1.3937 0.0617  0.0793  -0.1643 759 VAL A C   
505 O O   . VAL A 74  ? 0.9449 0.6704 1.4679 0.0671  0.0927  -0.1713 759 VAL A O   
506 C CB  . VAL A 74  ? 0.7805 0.6106 1.3423 0.0534  0.0809  -0.1031 759 VAL A CB  
507 C CG1 . VAL A 74  ? 0.7704 0.6095 1.3170 0.0353  0.0480  -0.1222 759 VAL A CG1 
508 C CG2 . VAL A 74  ? 0.8481 0.6453 1.4868 0.0492  0.0922  -0.1004 759 VAL A CG2 
509 N N   . ARG A 75  ? 0.9495 0.6904 1.3705 0.0544  0.0560  -0.1920 760 ARG A N   
510 C CA  . ARG A 75  ? 1.0518 0.7135 1.4124 0.0522  0.0369  -0.2355 760 ARG A CA  
511 C C   . ARG A 75  ? 1.0806 0.7088 1.3292 0.0662  0.0562  -0.2516 760 ARG A C   
512 O O   . ARG A 75  ? 1.0179 0.6827 1.2340 0.0651  0.0554  -0.2396 760 ARG A O   
513 C CB  . ARG A 75  ? 1.1009 0.7394 1.4761 0.0302  -0.0230 -0.2563 760 ARG A CB  
514 C CG  . ARG A 75  ? 1.1781 0.8021 1.6647 0.0175  -0.0398 -0.2583 760 ARG A CG  
515 C CD  . ARG A 75  ? 1.1975 0.8399 1.7660 -0.0051 -0.0876 -0.2572 760 ARG A CD  
516 N NE  . ARG A 75  ? 1.1504 0.8699 1.7610 -0.0059 -0.0621 -0.2159 760 ARG A NE  
517 C CZ  . ARG A 75  ? 1.1291 0.8768 1.8086 -0.0209 -0.0867 -0.2057 760 ARG A CZ  
518 N NH1 . ARG A 75  ? 1.1945 0.9084 1.9295 -0.0385 -0.1471 -0.2327 760 ARG A NH1 
519 N NH2 . ARG A 75  ? 1.0432 0.8470 1.7391 -0.0170 -0.0533 -0.1683 760 ARG A NH2 
520 N N   . PRO A 76  ? 1.1778 0.7273 1.3650 0.0808  0.0799  -0.2778 761 PRO A N   
521 C CA  . PRO A 76  ? 1.2403 0.7424 1.3247 0.1002  0.1221  -0.2879 761 PRO A CA  
522 C C   . PRO A 76  ? 1.3377 0.7562 1.2793 0.0983  0.0901  -0.3197 761 PRO A C   
523 O O   . PRO A 76  ? 1.3736 0.7644 1.3009 0.0811  0.0224  -0.3401 761 PRO A O   
524 C CB  . PRO A 76  ? 1.3311 0.7671 1.4076 0.1186  0.1651  -0.3027 761 PRO A CB  
525 C CG  . PRO A 76  ? 1.3569 0.7571 1.4661 0.1039  0.1172  -0.3240 761 PRO A CG  
526 C CD  . PRO A 76  ? 1.2403 0.7309 1.4530 0.0812  0.0755  -0.2986 761 PRO A CD  
527 N N   . GLY A 77  ? 1.3876 0.7609 1.2304 0.1176  0.1388  -0.3216 762 GLY A N   
528 C CA  . GLY A 77  ? 1.5126 0.7816 1.1871 0.1232  0.1178  -0.3493 762 GLY A CA  
529 C C   . GLY A 77  ? 1.4436 0.7666 1.1012 0.1167  0.1095  -0.3289 762 GLY A C   
530 O O   . GLY A 77  ? 1.2656 0.7097 1.0444 0.1058  0.1146  -0.2950 762 GLY A O   
531 N N   . PRO A 78  ? 1.5786 0.7993 1.0723 0.1259  0.0956  -0.3496 763 PRO A N   
532 C CA  . PRO A 78  ? 1.5366 0.7995 1.0084 0.1191  0.0806  -0.3320 763 PRO A CA  
533 C C   . PRO A 78  ? 1.4132 0.7700 0.9937 0.0900  0.0009  -0.3237 763 PRO A C   
534 O O   . PRO A 78  ? 1.4249 0.7368 0.9917 0.0780  -0.0742 -0.3492 763 PRO A O   
535 C CB  . PRO A 78  ? 1.7471 0.8489 0.9996 0.1371  0.0673  -0.3621 763 PRO A CB  
536 C CG  . PRO A 78  ? 1.9059 0.8806 1.0571 0.1611  0.1123  -0.3881 763 PRO A CG  
537 C CD  . PRO A 78  ? 1.8105 0.8555 1.1141 0.1469  0.0965  -0.3897 763 PRO A CD  
538 N N   . ARG A 79  ? 1.2807 0.7609 0.9746 0.0802  0.0193  -0.2877 764 ARG A N   
539 C CA  . ARG A 79  ? 1.1560 0.7282 0.9638 0.0568  -0.0325 -0.2723 764 ARG A CA  
540 C C   . ARG A 79  ? 1.0963 0.7302 0.9076 0.0530  -0.0256 -0.2474 764 ARG A C   
541 O O   . ARG A 79  ? 1.0859 0.7236 0.8633 0.0659  0.0281  -0.2340 764 ARG A O   
542 C CB  . ARG A 79  ? 1.0673 0.7205 1.0167 0.0517  -0.0112 -0.2508 764 ARG A CB  
543 C CG  . ARG A 79  ? 1.1476 0.7497 1.1147 0.0555  -0.0097 -0.2707 764 ARG A CG  
544 C CD  . ARG A 79  ? 1.1608 0.7835 1.2239 0.0360  -0.0617 -0.2739 764 ARG A CD  
545 N NE  . ARG A 79  ? 1.3249 0.8746 1.3866 0.0362  -0.0797 -0.3029 764 ARG A NE  
546 C CZ  . ARG A 79  ? 1.3129 0.8520 1.4523 0.0190  -0.1326 -0.3151 764 ARG A CZ  
547 N NH1 . ARG A 79  ? 1.2779 0.8747 1.5071 0.0014  -0.1668 -0.2989 764 ARG A NH1 
548 N NH2 . ARG A 79  ? 1.3516 0.8184 1.4887 0.0196  -0.1493 -0.3434 764 ARG A NH2 
549 N N   . GLN A 80  ? 1.0190 0.6998 0.8839 0.0355  -0.0761 -0.2402 765 GLN A N   
550 C CA  . GLN A 80  ? 0.9684 0.6961 0.8286 0.0315  -0.0763 -0.2204 765 GLN A CA  
551 C C   . GLN A 80  ? 0.8329 0.6640 0.8170 0.0230  -0.0596 -0.1888 765 GLN A C   
552 O O   . GLN A 80  ? 0.8344 0.6913 0.9028 0.0158  -0.0701 -0.1841 765 GLN A O   
553 C CB  . GLN A 80  ? 1.0178 0.7156 0.8482 0.0207  -0.1456 -0.2335 765 GLN A CB  
554 C CG  . GLN A 80  ? 1.2569 0.8273 0.9442 0.0305  -0.1857 -0.2689 765 GLN A CG  
555 C CD  . GLN A 80  ? 1.3886 0.9062 0.9442 0.0418  -0.1837 -0.2679 765 GLN A CD  
556 O OE1 . GLN A 80  ? 1.4735 1.0068 0.9954 0.0530  -0.1162 -0.2496 765 GLN A OE1 
557 N NE2 . GLN A 80  ? 1.4855 0.9362 0.9741 0.0393  -0.2605 -0.2861 765 GLN A NE2 
558 N N   . LEU A 81  ? 0.7095 0.5866 0.6968 0.0259  -0.0321 -0.1671 766 LEU A N   
559 C CA  . LEU A 81  ? 0.5763 0.5304 0.6462 0.0193  -0.0299 -0.1395 766 LEU A CA  
560 C C   . LEU A 81  ? 0.5416 0.5081 0.5823 0.0119  -0.0509 -0.1343 766 LEU A C   
561 O O   . LEU A 81  ? 0.5796 0.5160 0.5462 0.0174  -0.0414 -0.1400 766 LEU A O   
562 C CB  . LEU A 81  ? 0.5382 0.5267 0.6427 0.0296  0.0094  -0.1212 766 LEU A CB  
563 C CG  . LEU A 81  ? 0.5305 0.5664 0.7080 0.0306  0.0095  -0.0976 766 LEU A CG  
564 C CD1 . LEU A 81  ? 0.4749 0.5009 0.6917 0.0290  0.0018  -0.0975 766 LEU A CD1 
565 C CD2 . LEU A 81  ? 0.5745 0.6265 0.7862 0.0433  0.0362  -0.0865 766 LEU A CD2 
566 N N   . ILE A 82  ? 0.4865 0.4851 0.5820 0.0014  -0.0752 -0.1236 767 ILE A N   
567 C CA  . ILE A 82  ? 0.4724 0.4834 0.5551 -0.0056 -0.0971 -0.1177 767 ILE A CA  
568 C C   . ILE A 82  ? 0.4448 0.5076 0.5761 -0.0068 -0.0798 -0.0916 767 ILE A C   
569 O O   . ILE A 82  ? 0.4435 0.5198 0.6304 -0.0067 -0.0707 -0.0795 767 ILE A O   
570 C CB  . ILE A 82  ? 0.5194 0.5092 0.6324 -0.0156 -0.1454 -0.1295 767 ILE A CB  
571 C CG1 . ILE A 82  ? 0.6141 0.5341 0.6754 -0.0135 -0.1761 -0.1597 767 ILE A CG1 
572 C CG2 . ILE A 82  ? 0.4476 0.4419 0.5367 -0.0197 -0.1702 -0.1246 767 ILE A CG2 
573 C CD1 . ILE A 82  ? 0.6761 0.5857 0.8164 -0.0189 -0.1892 -0.1696 767 ILE A CD1 
574 N N   . ALA A 83  ? 0.4477 0.5270 0.5470 -0.0058 -0.0728 -0.0826 768 ALA A N   
575 C CA  . ALA A 83  ? 0.3837 0.4957 0.5063 -0.0058 -0.0637 -0.0616 768 ALA A CA  
576 C C   . ALA A 83  ? 0.3697 0.4853 0.4893 -0.0129 -0.0816 -0.0587 768 ALA A C   
577 O O   . ALA A 83  ? 0.4280 0.5259 0.5066 -0.0152 -0.0979 -0.0697 768 ALA A O   
578 C CB  . ALA A 83  ? 0.3450 0.4713 0.4496 -0.0004 -0.0478 -0.0550 768 ALA A CB  
579 N N   . SER A 84  ? 0.3428 0.4710 0.4983 -0.0136 -0.0759 -0.0426 769 SER A N   
580 C CA  . SER A 84  ? 0.3462 0.4807 0.5070 -0.0183 -0.0866 -0.0365 769 SER A CA  
581 C C   . SER A 84  ? 0.3631 0.5042 0.5151 -0.0135 -0.0661 -0.0178 769 SER A C   
582 O O   . SER A 84  ? 0.4035 0.5354 0.5417 -0.0053 -0.0488 -0.0089 769 SER A O   
583 C CB  . SER A 84  ? 0.3537 0.4819 0.5799 -0.0246 -0.1063 -0.0392 769 SER A CB  
584 O OG  . SER A 84  ? 0.5158 0.6424 0.8073 -0.0220 -0.0818 -0.0269 769 SER A OG  
585 N N   . LEU A 85  ? 0.3642 0.5106 0.5110 -0.0169 -0.0731 -0.0133 770 LEU A N   
586 C CA  . LEU A 85  ? 0.3675 0.5094 0.4893 -0.0121 -0.0574 0.0002  770 LEU A CA  
587 C C   . LEU A 85  ? 0.3058 0.4465 0.4684 -0.0138 -0.0537 0.0094  770 LEU A C   
588 O O   . LEU A 85  ? 0.2782 0.4298 0.4611 -0.0208 -0.0791 0.0028  770 LEU A O   
589 C CB  . LEU A 85  ? 0.4288 0.5808 0.5057 -0.0147 -0.0682 -0.0048 770 LEU A CB  
590 C CG  . LEU A 85  ? 0.4606 0.6035 0.5051 -0.0103 -0.0652 0.0022  770 LEU A CG  
591 C CD1 . LEU A 85  ? 0.5794 0.7034 0.6152 -0.0070 -0.0543 0.0130  770 LEU A CD1 
592 C CD2 . LEU A 85  ? 0.5853 0.7107 0.6179 -0.0011 -0.0650 0.0043  770 LEU A CD2 
593 N N   . ASP A 86  ? 0.2682 0.3859 0.4407 -0.0049 -0.0208 0.0257  771 ASP A N   
594 C CA  . ASP A 86  ? 0.2812 0.3955 0.5100 -0.0039 -0.0057 0.0381  771 ASP A CA  
595 C C   . ASP A 86  ? 0.3397 0.4203 0.5070 0.0069  0.0231  0.0503  771 ASP A C   
596 O O   . ASP A 86  ? 0.4070 0.4443 0.5039 0.0192  0.0448  0.0557  771 ASP A O   
597 C CB  . ASP A 86  ? 0.3029 0.4069 0.6213 -0.0004 0.0222  0.0490  771 ASP A CB  
598 C CG  . ASP A 86  ? 0.3531 0.4624 0.7771 -0.0011 0.0347  0.0624  771 ASP A CG  
599 O OD1 . ASP A 86  ? 0.5953 0.7188 1.0228 -0.0047 0.0141  0.0616  771 ASP A OD1 
600 O OD2 . ASP A 86  ? 0.5640 0.6620 1.0811 0.0028  0.0682  0.0757  771 ASP A OD2 
601 N N   . SER A 87  ? 0.3220 0.4121 0.5052 0.0039  0.0174  0.0534  772 SER A N   
602 C CA  . SER A 87  ? 0.3457 0.3977 0.4756 0.0139  0.0442  0.0632  772 SER A CA  
603 C C   . SER A 87  ? 0.3770 0.4470 0.5756 0.0107  0.0440  0.0707  772 SER A C   
604 O O   . SER A 87  ? 0.4115 0.5219 0.6449 -0.0013 0.0008  0.0620  772 SER A O   
605 C CB  . SER A 87  ? 0.3367 0.3863 0.3782 0.0104  0.0152  0.0510  772 SER A CB  
606 O OG  . SER A 87  ? 0.4115 0.4188 0.3997 0.0187  0.0313  0.0566  772 SER A OG  
607 N N   . PRO A 88  ? 0.4177 0.4474 0.6239 0.0239  0.0917  0.0873  773 PRO A N   
608 C CA  . PRO A 88  ? 0.4320 0.4801 0.7219 0.0223  0.0923  0.0968  773 PRO A CA  
609 C C   . PRO A 88  ? 0.4428 0.5170 0.6947 0.0121  0.0461  0.0865  773 PRO A C   
610 O O   . PRO A 88  ? 0.4641 0.5680 0.7853 0.0062  0.0171  0.0888  773 PRO A O   
611 C CB  . PRO A 88  ? 0.4825 0.4648 0.7497 0.0423  0.1629  0.1150  773 PRO A CB  
612 C CG  . PRO A 88  ? 0.5309 0.4594 0.7414 0.0557  0.2057  0.1203  773 PRO A CG  
613 C CD  . PRO A 88  ? 0.4777 0.4305 0.6129 0.0442  0.1505  0.0995  773 PRO A CD  
614 N N   . GLN A 89  ? 0.5044 0.5619 0.6506 0.0109  0.0366  0.0760  774 GLN A N   
615 C CA  . GLN A 89  ? 0.4994 0.5752 0.6148 0.0020  0.0040  0.0691  774 GLN A CA  
616 C C   . GLN A 89  ? 0.5278 0.6458 0.6631 -0.0103 -0.0416 0.0600  774 GLN A C   
617 O O   . GLN A 89  ? 0.5714 0.6969 0.6824 -0.0155 -0.0630 0.0584  774 GLN A O   
618 C CB  . GLN A 89  ? 0.5218 0.5681 0.5412 0.0024  0.0017  0.0598  774 GLN A CB  
619 C CG  . GLN A 89  ? 0.4923 0.4742 0.4566 0.0159  0.0342  0.0653  774 GLN A CG  
620 C CD  . GLN A 89  ? 0.5409 0.4668 0.4772 0.0331  0.0770  0.0731  774 GLN A CD  
621 O OE1 . GLN A 89  ? 0.6362 0.5564 0.5483 0.0348  0.0718  0.0688  774 GLN A OE1 
622 N NE2 . GLN A 89  ? 0.5558 0.4312 0.4927 0.0486  0.1271  0.0869  774 GLN A NE2 
623 N N   . LEU A 90  ? 0.5590 0.6922 0.7264 -0.0130 -0.0542 0.0543  775 LEU A N   
624 C CA  . LEU A 90  ? 0.5594 0.7095 0.7144 -0.0209 -0.0966 0.0424  775 LEU A CA  
625 C C   . LEU A 90  ? 0.5477 0.7019 0.7691 -0.0215 -0.1331 0.0452  775 LEU A C   
626 O O   . LEU A 90  ? 0.5803 0.7258 0.7702 -0.0242 -0.1748 0.0352  775 LEU A O   
627 C CB  . LEU A 90  ? 0.5557 0.7099 0.6994 -0.0229 -0.0984 0.0309  775 LEU A CB  
628 C CG  . LEU A 90  ? 0.6010 0.7509 0.6902 -0.0219 -0.0792 0.0260  775 LEU A CG  
629 C CD1 . LEU A 90  ? 0.7147 0.8681 0.8219 -0.0218 -0.0809 0.0183  775 LEU A CD1 
630 C CD2 . LEU A 90  ? 0.6115 0.7643 0.6467 -0.0262 -0.0865 0.0204  775 LEU A CD2 
631 N N   . SER A 91  ? 0.5109 0.6680 0.8225 -0.0171 -0.1177 0.0592  776 SER A N   
632 C CA  . SER A 91  ? 0.5275 0.6902 0.9369 -0.0170 -0.1581 0.0645  776 SER A CA  
633 C C   . SER A 91  ? 0.5004 0.6587 0.9194 -0.0124 -0.1607 0.0776  776 SER A C   
634 O O   . SER A 91  ? 0.5077 0.6700 1.0266 -0.0099 -0.1906 0.0870  776 SER A O   
635 C CB  . SER A 91  ? 0.5276 0.6994 1.0722 -0.0142 -0.1316 0.0755  776 SER A CB  
636 O OG  . SER A 91  ? 0.6676 0.8384 1.1935 -0.0166 -0.1131 0.0669  776 SER A OG  
637 N N   . GLN A 92  ? 0.4499 0.5990 0.7770 -0.0115 -0.1330 0.0783  777 GLN A N   
638 C CA  . GLN A 92  ? 0.4242 0.5653 0.7529 -0.0072 -0.1306 0.0902  777 GLN A CA  
639 C C   . GLN A 92  ? 0.4225 0.5511 0.6591 -0.0104 -0.1683 0.0838  777 GLN A C   
640 O O   . GLN A 92  ? 0.4415 0.5646 0.5972 -0.0151 -0.1715 0.0712  777 GLN A O   
641 C CB  . GLN A 92  ? 0.4093 0.5347 0.7004 -0.0026 -0.0719 0.0953  777 GLN A CB  
642 C CG  . GLN A 92  ? 0.4328 0.5451 0.7892 0.0069  -0.0185 0.1052  777 GLN A CG  
643 C CD  . GLN A 92  ? 0.4752 0.5434 0.7525 0.0157  0.0340  0.1070  777 GLN A CD  
644 O OE1 . GLN A 92  ? 0.5119 0.5691 0.7068 0.0117  0.0229  0.0992  777 GLN A OE1 
645 N NE2 . GLN A 92  ? 0.6467 0.6783 0.9458 0.0293  0.0912  0.1175  777 GLN A NE2 
646 N N   . VAL A 93  ? 0.3903 0.5079 0.6411 -0.0058 -0.1909 0.0950  778 VAL A N   
647 C CA  . VAL A 93  ? 0.4504 0.5404 0.6066 -0.0046 -0.2170 0.0948  778 VAL A CA  
648 C C   . VAL A 93  ? 0.4449 0.5334 0.5620 -0.0062 -0.1722 0.1010  778 VAL A C   
649 O O   . VAL A 93  ? 0.4598 0.5538 0.6329 -0.0028 -0.1476 0.1109  778 VAL A O   
650 C CB  . VAL A 93  ? 0.4957 0.5640 0.6863 0.0038  -0.2734 0.1054  778 VAL A CB  
651 C CG1 . VAL A 93  ? 0.6183 0.6378 0.6850 0.0091  -0.2970 0.1070  778 VAL A CG1 
652 C CG2 . VAL A 93  ? 0.5125 0.5822 0.7781 0.0044  -0.3273 0.0982  778 VAL A CG2 
653 N N   . HIS A 94  ? 0.4449 0.5206 0.4743 -0.0106 -0.1595 0.0954  779 HIS A N   
654 C CA  . HIS A 94  ? 0.4358 0.5085 0.4386 -0.0149 -0.1237 0.0985  779 HIS A CA  
655 C C   . HIS A 94  ? 0.5001 0.5433 0.4444 -0.0130 -0.1245 0.1086  779 HIS A C   
656 O O   . HIS A 94  ? 0.6103 0.6234 0.4960 -0.0073 -0.1448 0.1109  779 HIS A O   
657 C CB  . HIS A 94  ? 0.4200 0.5051 0.4006 -0.0229 -0.1003 0.0853  779 HIS A CB  
658 C CG  . HIS A 94  ? 0.3049 0.4066 0.3217 -0.0227 -0.0942 0.0769  779 HIS A CG  
659 N ND1 . HIS A 94  ? 0.3523 0.4464 0.3810 -0.0210 -0.0692 0.0756  779 HIS A ND1 
660 C CD2 . HIS A 94  ? 0.2956 0.4090 0.3303 -0.0220 -0.1071 0.0700  779 HIS A CD2 
661 C CE1 . HIS A 94  ? 0.3676 0.4665 0.4166 -0.0178 -0.0617 0.0712  779 HIS A CE1 
662 N NE2 . HIS A 94  ? 0.3164 0.4334 0.3803 -0.0199 -0.0847 0.0678  779 HIS A NE2 
663 N N   . GLY A 95  ? 0.4710 0.5105 0.4217 -0.0164 -0.0995 0.1147  780 GLY A N   
664 C CA  . GLY A 95  ? 0.4962 0.5057 0.4026 -0.0150 -0.0898 0.1272  780 GLY A CA  
665 C C   . GLY A 95  ? 0.4789 0.4966 0.4036 -0.0261 -0.0582 0.1222  780 GLY A C   
666 O O   . GLY A 95  ? 0.4205 0.4489 0.3794 -0.0292 -0.0538 0.1138  780 GLY A O   
667 N N   . VAL A 96  ? 0.5356 0.5389 0.4380 -0.0307 -0.0362 0.1270  781 VAL A N   
668 C CA  . VAL A 96  ? 0.5809 0.5922 0.5236 -0.0435 -0.0163 0.1207  781 VAL A CA  
669 C C   . VAL A 96  ? 0.6338 0.6162 0.5749 -0.0446 0.0092  0.1383  781 VAL A C   
670 O O   . VAL A 96  ? 0.7098 0.6629 0.6028 -0.0361 0.0268  0.1538  781 VAL A O   
671 C CB  . VAL A 96  ? 0.5928 0.6240 0.5521 -0.0503 -0.0090 0.1090  781 VAL A CB  
672 C CG1 . VAL A 96  ? 0.6197 0.6625 0.6344 -0.0626 -0.0157 0.0951  781 VAL A CG1 
673 C CG2 . VAL A 96  ? 0.5965 0.6446 0.5345 -0.0445 -0.0283 0.0988  781 VAL A CG2 
674 N N   . ILE A 97  ? 0.6230 0.6010 0.6054 -0.0528 0.0120  0.1364  782 ILE A N   
675 C CA  . ILE A 97  ? 0.6716 0.6250 0.6761 -0.0575 0.0399  0.1517  782 ILE A CA  
676 C C   . ILE A 97  ? 0.6838 0.6474 0.7667 -0.0749 0.0373  0.1370  782 ILE A C   
677 O O   . ILE A 97  ? 0.6609 0.6281 0.7537 -0.0793 0.0065  0.1163  782 ILE A O   
678 C CB  . ILE A 97  ? 0.7181 0.6423 0.7014 -0.0492 0.0396  0.1675  782 ILE A CB  
679 C CG1 . ILE A 97  ? 0.7991 0.6897 0.7936 -0.0512 0.0768  0.1890  782 ILE A CG1 
680 C CG2 . ILE A 97  ? 0.6361 0.5620 0.6484 -0.0532 0.0211  0.1526  782 ILE A CG2 
681 C CD1 . ILE A 97  ? 0.9744 0.8226 0.9154 -0.0356 0.0818  0.2141  782 ILE A CD1 
682 N N   . GLN A 98  ? 0.7117 0.6704 0.8492 -0.0828 0.0688  0.1483  783 GLN A N   
683 C CA  . GLN A 98  ? 0.7040 0.6681 0.9427 -0.1005 0.0594  0.1371  783 GLN A CA  
684 C C   . GLN A 98  ? 0.7228 0.6562 0.9763 -0.1046 0.0592  0.1422  783 GLN A C   
685 O O   . GLN A 98  ? 0.7645 0.6743 1.0012 -0.0983 0.0972  0.1673  783 GLN A O   
686 C CB  . GLN A 98  ? 0.7328 0.7042 1.0559 -0.1070 0.1018  0.1515  783 GLN A CB  
687 N N   . VAL A 99  ? 0.7120 0.6338 0.9807 -0.1122 0.0156  0.1182  784 VAL A N   
688 C CA  . VAL A 99  ? 0.7630 0.6481 1.0551 -0.1184 0.0087  0.1162  784 VAL A CA  
689 C C   . VAL A 99  ? 0.7874 0.6663 1.1980 -0.1390 -0.0132 0.1040  784 VAL A C   
690 O O   . VAL A 99  ? 0.8040 0.6856 1.2378 -0.1454 -0.0609 0.0794  784 VAL A O   
691 C CB  . VAL A 99  ? 0.7603 0.6146 0.9768 -0.1101 -0.0251 0.0952  784 VAL A CB  
692 C CG1 . VAL A 99  ? 0.8190 0.6252 1.0502 -0.1147 -0.0303 0.0913  784 VAL A CG1 
693 C CG2 . VAL A 99  ? 0.8178 0.6850 0.9540 -0.0910 -0.0072 0.1079  784 VAL A CG2 
694 N N   . ASP A 100 ? 0.8048 0.6719 1.2967 -0.1481 0.0195  0.1228  785 ASP A N   
695 C CA  . ASP A 100 ? 0.8141 0.6749 1.4545 -0.1696 -0.0003 0.1146  785 ASP A CA  
696 C C   . ASP A 100 ? 0.8302 0.6383 1.4688 -0.1771 -0.0436 0.0943  785 ASP A C   
697 O O   . ASP A 100 ? 0.8041 0.5886 1.4509 -0.1771 -0.0095 0.1117  785 ASP A O   
698 C CB  . ASP A 100 ? 0.8217 0.6923 1.5679 -0.1746 0.0731  0.1506  785 ASP A CB  
699 N N   . VAL A 101 ? 0.8342 0.6123 1.4485 -0.1810 -0.1186 0.0575  786 VAL A N   
700 C CA  . VAL A 101 ? 0.8714 0.5764 1.4321 -0.1816 -0.1645 0.0317  786 VAL A CA  
701 C C   . VAL A 101 ? 0.9187 0.5911 1.6194 -0.2046 -0.2078 0.0181  786 VAL A C   
702 O O   . VAL A 101 ? 0.9117 0.5980 1.7242 -0.2188 -0.2542 0.0058  786 VAL A O   
703 C CB  . VAL A 101 ? 0.9000 0.5567 1.3339 -0.1695 -0.2250 -0.0027 786 VAL A CB  
704 C CG1 . VAL A 101 ? 0.9386 0.4979 1.2851 -0.1640 -0.2570 -0.0273 786 VAL A CG1 
705 C CG2 . VAL A 101 ? 0.8050 0.4985 1.1274 -0.1486 -0.1863 0.0097  786 VAL A CG2 
706 N N   . ALA A 102 ? 0.9415 0.5683 1.6432 -0.2078 -0.1971 0.0197  787 ALA A N   
707 C CA  . ALA A 102 ? 1.0112 0.5927 1.8380 -0.2295 -0.2452 0.0026  787 ALA A CA  
708 C C   . ALA A 102 ? 1.1039 0.5989 1.8571 -0.2297 -0.3498 -0.0471 787 ALA A C   
709 O O   . ALA A 102 ? 1.1738 0.6017 1.9842 -0.2438 -0.4074 -0.0707 787 ALA A O   
710 C CB  . ALA A 102 ? 1.0272 0.5785 1.8564 -0.2298 -0.1981 0.0198  787 ALA A CB  
# 
loop_
_pdbx_poly_seq_scheme.asym_id 
_pdbx_poly_seq_scheme.entity_id 
_pdbx_poly_seq_scheme.seq_id 
_pdbx_poly_seq_scheme.mon_id 
_pdbx_poly_seq_scheme.ndb_seq_num 
_pdbx_poly_seq_scheme.pdb_seq_num 
_pdbx_poly_seq_scheme.auth_seq_num 
_pdbx_poly_seq_scheme.pdb_mon_id 
_pdbx_poly_seq_scheme.auth_mon_id 
_pdbx_poly_seq_scheme.pdb_strand_id 
_pdbx_poly_seq_scheme.pdb_ins_code 
_pdbx_poly_seq_scheme.hetero 
A 1 1   SER 1   -6  ?   ?   ?   A . n 
A 1 2   MET 2   -5  ?   ?   ?   A . n 
A 1 3   TYR 3   -4  ?   ?   ?   A . n 
A 1 4   PHE 4   -3  ?   ?   ?   A . n 
A 1 5   GLN 5   -2  ?   ?   ?   A . n 
A 1 6   SER 6   -1  -1  SER SER A . n 
A 1 7   MET 7   0   0   MET MET A . n 
A 1 8   LEU 8   693 693 LEU LEU A . n 
A 1 9   SER 9   694 694 SER SER A . n 
A 1 10  LEU 10  695 695 LEU LEU A . n 
A 1 11  THR 11  696 696 THR THR A . n 
A 1 12  LEU 12  697 697 LEU LEU A . n 
A 1 13  LEU 13  698 698 LEU LEU A . n 
A 1 14  GLY 14  699 699 GLY GLY A . n 
A 1 15  ALA 15  700 700 ALA ALA A . n 
A 1 16  ALA 16  701 701 ALA ALA A . n 
A 1 17  VAL 17  702 702 VAL VAL A . n 
A 1 18  VAL 18  703 703 VAL VAL A . n 
A 1 19  GLY 19  704 704 GLY GLY A . n 
A 1 20  GLN 20  705 705 GLN GLN A . n 
A 1 21  GLU 21  706 706 GLU GLU A . n 
A 1 22  CYS 22  707 707 CYS CYS A . n 
A 1 23  GLU 23  708 708 GLU GLU A . n 
A 1 24  VAL 24  709 709 VAL VAL A . n 
A 1 25  GLN 25  710 710 GLN GLN A . n 
A 1 26  ILE 26  711 711 ILE ILE A . n 
A 1 27  VAL 27  712 712 VAL VAL A . n 
A 1 28  PHE 28  713 713 PHE PHE A . n 
A 1 29  LYS 29  714 714 LYS LYS A . n 
A 1 30  ASN 30  715 715 ASN ASN A . n 
A 1 31  PRO 31  716 716 PRO PRO A . n 
A 1 32  LEU 32  717 717 LEU LEU A . n 
A 1 33  PRO 33  718 718 PRO PRO A . n 
A 1 34  VAL 34  719 719 VAL VAL A . n 
A 1 35  THR 35  720 720 THR THR A . n 
A 1 36  LEU 36  721 721 LEU LEU A . n 
A 1 37  THR 37  722 722 THR THR A . n 
A 1 38  ASN 38  723 723 ASN ASN A . n 
A 1 39  VAL 39  724 724 VAL VAL A . n 
A 1 40  VAL 40  725 725 VAL VAL A . n 
A 1 41  PHE 41  726 726 PHE PHE A . n 
A 1 42  ARG 42  727 727 ARG ARG A . n 
A 1 43  LEU 43  728 728 LEU LEU A . n 
A 1 44  GLU 44  729 729 GLU GLU A . n 
A 1 45  GLY 45  730 730 GLY GLY A . n 
A 1 46  SER 46  731 731 SER SER A . n 
A 1 47  GLY 47  732 732 GLY GLY A . n 
A 1 48  LEU 48  733 733 LEU LEU A . n 
A 1 49  GLN 49  734 734 GLN GLN A . n 
A 1 50  ARG 50  735 735 ARG ARG A . n 
A 1 51  PRO 51  736 736 PRO PRO A . n 
A 1 52  LYS 52  737 737 LYS LYS A . n 
A 1 53  ILE 53  738 738 ILE ILE A . n 
A 1 54  LEU 54  739 739 LEU LEU A . n 
A 1 55  ASN 55  740 740 ASN ASN A . n 
A 1 56  VAL 56  741 741 VAL VAL A . n 
A 1 57  GLY 57  742 742 GLY GLY A . n 
A 1 58  ASP 58  743 743 ASP ASP A . n 
A 1 59  ILE 59  744 744 ILE ILE A . n 
A 1 60  GLY 60  745 745 GLY GLY A . n 
A 1 61  GLY 61  746 746 GLY GLY A . n 
A 1 62  ASN 62  747 747 ASN ASN A . n 
A 1 63  GLU 63  748 748 GLU GLU A . n 
A 1 64  THR 64  749 749 THR THR A . n 
A 1 65  VAL 65  750 750 VAL VAL A . n 
A 1 66  THR 66  751 751 THR THR A . n 
A 1 67  LEU 67  752 752 LEU LEU A . n 
A 1 68  ARG 68  753 753 ARG ARG A . n 
A 1 69  GLN 69  754 754 GLN GLN A . n 
A 1 70  SER 70  755 755 SER SER A . n 
A 1 71  PHE 71  756 756 PHE PHE A . n 
A 1 72  VAL 72  757 757 VAL VAL A . n 
A 1 73  PRO 73  758 758 PRO PRO A . n 
A 1 74  VAL 74  759 759 VAL VAL A . n 
A 1 75  ARG 75  760 760 ARG ARG A . n 
A 1 76  PRO 76  761 761 PRO PRO A . n 
A 1 77  GLY 77  762 762 GLY GLY A . n 
A 1 78  PRO 78  763 763 PRO PRO A . n 
A 1 79  ARG 79  764 764 ARG ARG A . n 
A 1 80  GLN 80  765 765 GLN GLN A . n 
A 1 81  LEU 81  766 766 LEU LEU A . n 
A 1 82  ILE 82  767 767 ILE ILE A . n 
A 1 83  ALA 83  768 768 ALA ALA A . n 
A 1 84  SER 84  769 769 SER SER A . n 
A 1 85  LEU 85  770 770 LEU LEU A . n 
A 1 86  ASP 86  771 771 ASP ASP A . n 
A 1 87  SER 87  772 772 SER SER A . n 
A 1 88  PRO 88  773 773 PRO PRO A . n 
A 1 89  GLN 89  774 774 GLN GLN A . n 
A 1 90  LEU 90  775 775 LEU LEU A . n 
A 1 91  SER 91  776 776 SER SER A . n 
A 1 92  GLN 92  777 777 GLN GLN A . n 
A 1 93  VAL 93  778 778 VAL VAL A . n 
A 1 94  HIS 94  779 779 HIS HIS A . n 
A 1 95  GLY 95  780 780 GLY GLY A . n 
A 1 96  VAL 96  781 781 VAL VAL A . n 
A 1 97  ILE 97  782 782 ILE ILE A . n 
A 1 98  GLN 98  783 783 GLN GLN A . n 
A 1 99  VAL 99  784 784 VAL VAL A . n 
A 1 100 ASP 100 785 785 ASP ASP A . n 
A 1 101 VAL 101 786 786 VAL VAL A . n 
A 1 102 ALA 102 787 787 ALA ALA A . n 
# 
loop_
_pdbx_nonpoly_scheme.asym_id 
_pdbx_nonpoly_scheme.entity_id 
_pdbx_nonpoly_scheme.mon_id 
_pdbx_nonpoly_scheme.ndb_seq_num 
_pdbx_nonpoly_scheme.pdb_seq_num 
_pdbx_nonpoly_scheme.auth_seq_num 
_pdbx_nonpoly_scheme.pdb_mon_id 
_pdbx_nonpoly_scheme.auth_mon_id 
_pdbx_nonpoly_scheme.pdb_strand_id 
_pdbx_nonpoly_scheme.pdb_ins_code 
B 2 HOH 1  2001 2001 HOH HOH A . 
B 2 HOH 2  2002 2002 HOH HOH A . 
B 2 HOH 3  2003 2003 HOH HOH A . 
B 2 HOH 4  2004 2004 HOH HOH A . 
B 2 HOH 5  2005 2005 HOH HOH A . 
B 2 HOH 6  2006 2006 HOH HOH A . 
B 2 HOH 7  2007 2007 HOH HOH A . 
B 2 HOH 8  2008 2008 HOH HOH A . 
B 2 HOH 9  2009 2009 HOH HOH A . 
B 2 HOH 10 2010 2010 HOH HOH A . 
B 2 HOH 11 2011 2011 HOH HOH A . 
B 2 HOH 12 2012 2012 HOH HOH A . 
B 2 HOH 13 2013 2013 HOH HOH A . 
B 2 HOH 14 2014 2014 HOH HOH A . 
B 2 HOH 15 2015 2015 HOH HOH A . 
B 2 HOH 16 2016 2016 HOH HOH A . 
B 2 HOH 17 2017 2017 HOH HOH A . 
B 2 HOH 18 2018 2018 HOH HOH A . 
B 2 HOH 19 2019 2019 HOH HOH A . 
B 2 HOH 20 2020 2020 HOH HOH A . 
B 2 HOH 21 2021 2021 HOH HOH A . 
B 2 HOH 22 2022 2022 HOH HOH A . 
B 2 HOH 23 2023 2023 HOH HOH A . 
B 2 HOH 24 2024 2024 HOH HOH A . 
B 2 HOH 25 2025 2025 HOH HOH A . 
B 2 HOH 26 2026 2026 HOH HOH A . 
B 2 HOH 27 2027 2027 HOH HOH A . 
B 2 HOH 28 2028 2028 HOH HOH A . 
B 2 HOH 29 2029 2029 HOH HOH A . 
B 2 HOH 30 2030 2030 HOH HOH A . 
B 2 HOH 31 2031 2031 HOH HOH A . 
B 2 HOH 32 2032 2032 HOH HOH A . 
B 2 HOH 33 2033 2033 HOH HOH A . 
B 2 HOH 34 2034 2034 HOH HOH A . 
B 2 HOH 35 2035 2035 HOH HOH A . 
B 2 HOH 36 2036 2036 HOH HOH A . 
B 2 HOH 37 2037 2037 HOH HOH A . 
B 2 HOH 38 2038 2038 HOH HOH A . 
B 2 HOH 39 2039 2039 HOH HOH A . 
B 2 HOH 40 2040 2040 HOH HOH A . 
# 
_pdbx_struct_assembly.id                   1 
_pdbx_struct_assembly.details              software_defined_assembly 
_pdbx_struct_assembly.method_details       PISA 
_pdbx_struct_assembly.oligomeric_details   24-meric 
_pdbx_struct_assembly.oligomeric_count     24 
# 
_pdbx_struct_assembly_gen.assembly_id       1 
_pdbx_struct_assembly_gen.oper_expression   1,2,3,4,5,6,7,8,9,10,11,12,13,14,15,16,17,18,19,20,21,22,23,24 
_pdbx_struct_assembly_gen.asym_id_list      A,B 
# 
loop_
_pdbx_struct_assembly_prop.biol_id 
_pdbx_struct_assembly_prop.type 
_pdbx_struct_assembly_prop.value 
_pdbx_struct_assembly_prop.details 
1 'ABSA (A^2)' 60210  ? 
1 MORE         -351.2 ? 
1 'SSA (A^2)'  92370  ? 
# 
loop_
_pdbx_struct_oper_list.id 
_pdbx_struct_oper_list.type 
_pdbx_struct_oper_list.name 
_pdbx_struct_oper_list.symmetry_operation 
_pdbx_struct_oper_list.matrix[1][1] 
_pdbx_struct_oper_list.matrix[1][2] 
_pdbx_struct_oper_list.matrix[1][3] 
_pdbx_struct_oper_list.vector[1] 
_pdbx_struct_oper_list.matrix[2][1] 
_pdbx_struct_oper_list.matrix[2][2] 
_pdbx_struct_oper_list.matrix[2][3] 
_pdbx_struct_oper_list.vector[2] 
_pdbx_struct_oper_list.matrix[3][1] 
_pdbx_struct_oper_list.matrix[3][2] 
_pdbx_struct_oper_list.matrix[3][3] 
_pdbx_struct_oper_list.vector[3] 
1  'identity operation'         1_555  x,y,z    1.0000000000  0.0000000000  0.0000000000  0.0000000000   0.0000000000  1.0000000000  0.0000000000  0.0000000000   0.0000000000  0.0000000000  1.0000000000  0.0000000000   
2  'crystal symmetry operation' 5_555  z,x,y    0.1031212360  0.8633962567  -0.4938754039 -23.4918353017 0.5724241669  0.3545463855  0.7393425685  32.2391680443  0.8134473454  -0.3589481361 -0.4576676215 -56.1776679972 
3  'crystal symmetry operation' 14_555 -y,-x,-z -0.1493135577 -0.5286921065 -0.8355777151 -14.2173622579 -0.5286921065 -0.6714237707 0.5193022016  47.8258432955  -0.8355777151 0.5193022016  -0.1792626716 -44.7351125829 
4  'crystal symmetry operation' 15_555 y,-x,z   0.0007239194  0.5378434036  0.8430444526  32.1170448429  -0.4917325852 0.7342694014  -0.4680251178 -9.6560141382  -0.8707459679 -0.4142136156 0.2650066792  -14.3943897907 
5  'crystal symmetry operation' 9_555  y,z,x    0.1031212360  0.5724241669  0.8134473454  29.6656030874  0.8633962567  0.3545463855  -0.3589481361 -11.3123870589 -0.4938754039 0.7393425685  -0.4576676215 -61.1485286505 
6  'crystal symmetry operation' 22_555 z,-y,x   0.0480877133  0.8144034747  -0.5783031664 -25.4967002745 0.8144034747  -0.3671779459 -0.4493632567 -3.9308501837  -0.5783031664 -0.4493632567 -0.6809097674 -51.7446178340 
7  'crystal symmetry operation' 10_555 -y,z,-x  -0.0991107103 -0.4446968173 -0.8901807725 -17.8840385019 -0.8358543667 0.5226085960  -0.1680111096 7.4666440175   0.5399301295  0.7274097855  -0.4234978858 -68.2381582880 
8  'crystal symmetry operation' 3_555  -x,y,-z  -0.9888908105 0.0762912637  0.1275719718  20.1158784571  0.0762912637  -0.4760772680 0.8760879396  53.3893358225  0.1275719718  0.8760879396  0.4649680785  -33.6798980290 
9  'crystal symmetry operation' 23_555 -z,y,x   0.0055545947  -0.8177071822 0.5756076013  41.5236957875  0.8939984458  0.2619613660  0.3635148161  16.8314851711  -0.4480356295 0.5125731235  0.7324840392  -13.6816093183 
10 'crystal symmetry operation' 11_555 y,-z,-x  0.0454684022  0.4480005248  0.8928763376  34.9044997720  -0.8725475538 -0.4173920161 0.2538595501  37.0739197634  0.4864086664  -0.7906196524 0.3719236139  -16.1960587458 
11 'crystal symmetry operation' 2_555  -x,-y,z  -0.9985521611 0.0461108185  -0.0277015153 14.8117610244  0.0461108185  0.4685388028  -0.8822387334 -25.8021913698 -0.0277015153 -0.8822387334 -0.4699866417 -42.1751339976 
12 'crystal symmetry operation' 21_555 z,y,-x   0.0055545947  0.8939984458  -0.4480356295 -21.4078173304 -0.8177071822 0.2619613660  0.5125731235  36.5578506514  0.5756076013  0.3635148161  0.7324840392  -19.9982887107 
13 'crystal symmetry operation' 12_555 -y,-z,x  -0.0494789279 -0.5757278744 -0.8161429105 -13.6386075744 0.8450056638  -0.4597629654 0.2730996956  24.2130220464  -0.5324633920 -0.6761327017 0.5092418933  -4.2776985018  
14 'crystal symmetry operation' 19_555 -x,-z,-y -0.9977320115 -0.0164335787 0.0652745790  19.1865010463  -0.0164335787 -0.8809242141 -0.4729719510 9.4264607421   0.0652745790  -0.4729719510 0.8786562257  1.7065712746   
15 'crystal symmetry operation' 20_555 x,-z,y   0.9937214858  -0.1112937709 0.0114588481  2.0793911513   -0.0111083112 0.0037692326  0.9999311968  51.8604810677  -0.1113293046 -0.9937804030 0.0025092816  -22.1803285221 
16 'crystal symmetry operation' 18_555 -x,z,y   -0.9897109601 0.1388356609  0.0345958775  15.7411384352  0.1388356609  0.8733857489  0.4668211573  18.1606837106  0.0345958775  0.4668211573  -0.8836747888 -77.5616033012 
17 'crystal symmetry operation' 7_555  -z,-x,y  -0.0991107103 -0.8358543667 0.5399301295  41.3123648882  -0.4446968173 0.5226085960  0.7274097855  37.7819967339  -0.8901807725 -0.1680111096 -0.4234978858 -43.5642638261 
18 'crystal symmetry operation' 17_555 x,z,-y   0.9937214858  -0.0111083112 -0.1113293046 -3.9595738497  -0.1112937709 0.0037692326  -0.9937804030 -22.0064267519 0.0114588481  0.9999311968  0.0025092816  -51.8250836374 
19 'crystal symmetry operation' 6_555  z,-x,-y  -0.0494789279 0.8450056638  -0.5324633920 -23.4126823032 -0.5757278744 -0.4597629654 -0.6761327017 0.3878324234   -0.8161429105 0.2730996956  0.5092418933  -15.5652385475 
20 'crystal symmetry operation' 4_555  x,-y,-z  0.9874429716  -0.1224020822 -0.0998704565 -1.8801826983  -0.1224020822 -0.9924615348 0.0061507938  29.8540543157  -0.0998704565 0.0061507938  -0.9949814368 -74.0054121595 
21 'crystal symmetry operation' 13_555 y,x,-z   0.1478657188  0.4825812880  0.8632792304  32.4530580166  0.4825812880  -0.7971150320 0.3629365318  35.4175468427  0.8632792304  0.3629365318  -0.3507506867 -62.9501976056 
22 'crystal symmetry operation' 16_555 -y,x,z   0.0007239194  -0.4917325852 -0.8707459679 -17.3052838185 0.5378434036  0.7342694014  -0.4142136156 -16.1461772316 0.8430444526  -0.4680251178 0.2650066792  -27.7807442069 
23 'crystal symmetry operation' 24_555 -z,-y,-x -0.0591969028 -0.8906947384 0.4507311945  38.4282786005  -0.8906947384 -0.1567447861 -0.4267246830 7.9827131296   0.4507311945  -0.4267246830 -0.7840583111 -64.4359283231 
24 'crystal symmetry operation' 8_555  -z,x,-y  0.0454684022  -0.8725475538 0.4864086664  38.6396094998  0.4480005248  -0.4173920161 -0.7906196524 -12.9677984332 0.8928763376  0.2538595501  0.3719236139  -34.5532738153 
# 
loop_
_pdbx_audit_revision_history.ordinal 
_pdbx_audit_revision_history.data_content_type 
_pdbx_audit_revision_history.major_revision 
_pdbx_audit_revision_history.minor_revision 
_pdbx_audit_revision_history.revision_date 
1 'Structure model' 1 0 2011-01-26 
2 'Structure model' 1 1 2011-05-08 
3 'Structure model' 1 2 2011-07-13 
4 'Structure model' 1 3 2018-01-24 
5 'Structure model' 1 4 2023-12-20 
# 
_pdbx_audit_revision_details.ordinal             1 
_pdbx_audit_revision_details.revision_ordinal    1 
_pdbx_audit_revision_details.data_content_type   'Structure model' 
_pdbx_audit_revision_details.provider            repository 
_pdbx_audit_revision_details.type                'Initial release' 
_pdbx_audit_revision_details.description         ? 
_pdbx_audit_revision_details.details             ? 
# 
loop_
_pdbx_audit_revision_group.ordinal 
_pdbx_audit_revision_group.revision_ordinal 
_pdbx_audit_revision_group.data_content_type 
_pdbx_audit_revision_group.group 
1 2 'Structure model' 'Version format compliance' 
2 3 'Structure model' 'Version format compliance' 
3 4 'Structure model' 'Database references'       
4 4 'Structure model' 'Structure summary'         
5 5 'Structure model' 'Data collection'           
6 5 'Structure model' 'Database references'       
7 5 'Structure model' Other                       
8 5 'Structure model' 'Refinement description'    
# 
loop_
_pdbx_audit_revision_category.ordinal 
_pdbx_audit_revision_category.revision_ordinal 
_pdbx_audit_revision_category.data_content_type 
_pdbx_audit_revision_category.category 
1 4 'Structure model' audit_author                  
2 4 'Structure model' citation_author               
3 5 'Structure model' chem_comp_atom                
4 5 'Structure model' chem_comp_bond                
5 5 'Structure model' database_2                    
6 5 'Structure model' pdbx_database_status          
7 5 'Structure model' pdbx_initial_refinement_model 
# 
loop_
_pdbx_audit_revision_item.ordinal 
_pdbx_audit_revision_item.revision_ordinal 
_pdbx_audit_revision_item.data_content_type 
_pdbx_audit_revision_item.item 
1 4 'Structure model' '_audit_author.name'                   
2 4 'Structure model' '_citation_author.name'                
3 5 'Structure model' '_database_2.pdbx_DOI'                 
4 5 'Structure model' '_database_2.pdbx_database_accession'  
5 5 'Structure model' '_pdbx_database_status.status_code_sf' 
# 
loop_
_pdbx_refine_tls.pdbx_refine_id 
_pdbx_refine_tls.id 
_pdbx_refine_tls.details 
_pdbx_refine_tls.method 
_pdbx_refine_tls.origin_x 
_pdbx_refine_tls.origin_y 
_pdbx_refine_tls.origin_z 
_pdbx_refine_tls.T[1][1] 
_pdbx_refine_tls.T[2][2] 
_pdbx_refine_tls.T[3][3] 
_pdbx_refine_tls.T[1][2] 
_pdbx_refine_tls.T[1][3] 
_pdbx_refine_tls.T[2][3] 
_pdbx_refine_tls.L[1][1] 
_pdbx_refine_tls.L[2][2] 
_pdbx_refine_tls.L[3][3] 
_pdbx_refine_tls.L[1][2] 
_pdbx_refine_tls.L[1][3] 
_pdbx_refine_tls.L[2][3] 
_pdbx_refine_tls.S[1][1] 
_pdbx_refine_tls.S[1][2] 
_pdbx_refine_tls.S[1][3] 
_pdbx_refine_tls.S[2][1] 
_pdbx_refine_tls.S[2][2] 
_pdbx_refine_tls.S[2][3] 
_pdbx_refine_tls.S[3][1] 
_pdbx_refine_tls.S[3][2] 
_pdbx_refine_tls.S[3][3] 
'X-RAY DIFFRACTION' 1 ? refined 1.1792  -1.5090 1.6941  0.0513 0.2625 0.2472 -0.0139 -0.0247 -0.0073 6.0147 14.0671 4.1183 -0.9412 -1.0333 2.0496  -0.1011 0.3532 -0.4497 0.2377  0.2877 -0.5264 0.4165 -0.0150 -0.1866 
'X-RAY DIFFRACTION' 2 ? refined -3.1336 0.6283  -2.7541 0.1872 0.3284 0.2396 -0.0176 -0.0836 -0.0390 3.0250 16.6568 1.5653 -2.6100 -0.4805 -1.1926 -0.0325 0.3419 -0.5272 -0.7577 0.0144 0.4165  0.1636 0.0972  0.0181 
# 
loop_
_pdbx_refine_tls_group.pdbx_refine_id 
_pdbx_refine_tls_group.id 
_pdbx_refine_tls_group.refine_tls_id 
_pdbx_refine_tls_group.beg_auth_asym_id 
_pdbx_refine_tls_group.beg_auth_seq_id 
_pdbx_refine_tls_group.beg_label_asym_id 
_pdbx_refine_tls_group.beg_label_seq_id 
_pdbx_refine_tls_group.end_auth_asym_id 
_pdbx_refine_tls_group.end_auth_seq_id 
_pdbx_refine_tls_group.end_label_asym_id 
_pdbx_refine_tls_group.end_label_seq_id 
_pdbx_refine_tls_group.selection 
_pdbx_refine_tls_group.selection_details 
'X-RAY DIFFRACTION' 1 1 A -1  ? ? A 754 ? ? ? ? 
'X-RAY DIFFRACTION' 2 2 A 755 ? ? A 787 ? ? ? ? 
# 
loop_
_software.name 
_software.classification 
_software.version 
_software.citation_id 
_software.pdbx_ordinal 
REFMAC refinement       5.5.0110 ? 1 
XDS    'data reduction' .        ? 2 
SCALA  'data scaling'   .        ? 3 
PHASER phasing          .        ? 4 
# 
_pdbx_entry_details.entry_id                 2XZZ 
_pdbx_entry_details.compound_details         ? 
_pdbx_entry_details.source_details           ? 
_pdbx_entry_details.nonpolymer_details       ? 
_pdbx_entry_details.sequence_details         'STARTING SER AND MET ARE DUE TO CLONING' 
_pdbx_entry_details.has_ligand_of_interest   ? 
# 
_pdbx_validate_rmsd_angle.id                         1 
_pdbx_validate_rmsd_angle.PDB_model_num              1 
_pdbx_validate_rmsd_angle.auth_atom_id_1             CA 
_pdbx_validate_rmsd_angle.auth_asym_id_1             A 
_pdbx_validate_rmsd_angle.auth_comp_id_1             LEU 
_pdbx_validate_rmsd_angle.auth_seq_id_1              752 
_pdbx_validate_rmsd_angle.PDB_ins_code_1             ? 
_pdbx_validate_rmsd_angle.label_alt_id_1             ? 
_pdbx_validate_rmsd_angle.auth_atom_id_2             CB 
_pdbx_validate_rmsd_angle.auth_asym_id_2             A 
_pdbx_validate_rmsd_angle.auth_comp_id_2             LEU 
_pdbx_validate_rmsd_angle.auth_seq_id_2              752 
_pdbx_validate_rmsd_angle.PDB_ins_code_2             ? 
_pdbx_validate_rmsd_angle.label_alt_id_2             ? 
_pdbx_validate_rmsd_angle.auth_atom_id_3             CG 
_pdbx_validate_rmsd_angle.auth_asym_id_3             A 
_pdbx_validate_rmsd_angle.auth_comp_id_3             LEU 
_pdbx_validate_rmsd_angle.auth_seq_id_3              752 
_pdbx_validate_rmsd_angle.PDB_ins_code_3             ? 
_pdbx_validate_rmsd_angle.label_alt_id_3             ? 
_pdbx_validate_rmsd_angle.angle_value                130.22 
_pdbx_validate_rmsd_angle.angle_target_value         115.30 
_pdbx_validate_rmsd_angle.angle_deviation            14.92 
_pdbx_validate_rmsd_angle.angle_standard_deviation   2.30 
_pdbx_validate_rmsd_angle.linker_flag                N 
# 
loop_
_pdbx_validate_torsion.id 
_pdbx_validate_torsion.PDB_model_num 
_pdbx_validate_torsion.auth_comp_id 
_pdbx_validate_torsion.auth_asym_id 
_pdbx_validate_torsion.auth_seq_id 
_pdbx_validate_torsion.PDB_ins_code 
_pdbx_validate_torsion.label_alt_id 
_pdbx_validate_torsion.phi 
_pdbx_validate_torsion.psi 
1 1 LEU A 698 ? ? -99.59  32.91  
2 1 LEU A 733 ? ? -139.19 -54.05 
3 1 GLN A 734 ? ? -161.08 110.16 
4 1 PRO A 736 ? ? -47.29  108.66 
5 1 ASP A 743 ? ? -37.76  142.79 
# 
loop_
_pdbx_unobs_or_zero_occ_atoms.id 
_pdbx_unobs_or_zero_occ_atoms.PDB_model_num 
_pdbx_unobs_or_zero_occ_atoms.polymer_flag 
_pdbx_unobs_or_zero_occ_atoms.occupancy_flag 
_pdbx_unobs_or_zero_occ_atoms.auth_asym_id 
_pdbx_unobs_or_zero_occ_atoms.auth_comp_id 
_pdbx_unobs_or_zero_occ_atoms.auth_seq_id 
_pdbx_unobs_or_zero_occ_atoms.PDB_ins_code 
_pdbx_unobs_or_zero_occ_atoms.auth_atom_id 
_pdbx_unobs_or_zero_occ_atoms.label_alt_id 
_pdbx_unobs_or_zero_occ_atoms.label_asym_id 
_pdbx_unobs_or_zero_occ_atoms.label_comp_id 
_pdbx_unobs_or_zero_occ_atoms.label_seq_id 
_pdbx_unobs_or_zero_occ_atoms.label_atom_id 
1  1 Y 1 A SER -1  ? OG  ? A SER 6   OG  
2  1 Y 1 A GLN 705 ? CG  ? A GLN 20  CG  
3  1 Y 1 A GLN 705 ? CD  ? A GLN 20  CD  
4  1 Y 1 A GLN 705 ? OE1 ? A GLN 20  OE1 
5  1 Y 1 A GLN 705 ? NE2 ? A GLN 20  NE2 
6  1 Y 1 A SER 731 ? OG  ? A SER 46  OG  
7  1 Y 1 A ARG 735 ? NE  ? A ARG 50  NE  
8  1 Y 1 A ARG 735 ? CZ  ? A ARG 50  CZ  
9  1 Y 1 A ARG 735 ? NH1 ? A ARG 50  NH1 
10 1 Y 1 A ARG 735 ? NH2 ? A ARG 50  NH2 
11 1 Y 1 A LYS 737 ? CD  ? A LYS 52  CD  
12 1 Y 1 A LYS 737 ? CE  ? A LYS 52  CE  
13 1 Y 1 A LYS 737 ? NZ  ? A LYS 52  NZ  
14 1 Y 1 A GLN 783 ? CG  ? A GLN 98  CG  
15 1 Y 1 A GLN 783 ? CD  ? A GLN 98  CD  
16 1 Y 1 A GLN 783 ? OE1 ? A GLN 98  OE1 
17 1 Y 1 A GLN 783 ? NE2 ? A GLN 98  NE2 
18 1 Y 1 A ASP 785 ? CG  ? A ASP 100 CG  
19 1 Y 1 A ASP 785 ? OD1 ? A ASP 100 OD1 
20 1 Y 1 A ASP 785 ? OD2 ? A ASP 100 OD2 
# 
loop_
_pdbx_unobs_or_zero_occ_residues.id 
_pdbx_unobs_or_zero_occ_residues.PDB_model_num 
_pdbx_unobs_or_zero_occ_residues.polymer_flag 
_pdbx_unobs_or_zero_occ_residues.occupancy_flag 
_pdbx_unobs_or_zero_occ_residues.auth_asym_id 
_pdbx_unobs_or_zero_occ_residues.auth_comp_id 
_pdbx_unobs_or_zero_occ_residues.auth_seq_id 
_pdbx_unobs_or_zero_occ_residues.PDB_ins_code 
_pdbx_unobs_or_zero_occ_residues.label_asym_id 
_pdbx_unobs_or_zero_occ_residues.label_comp_id 
_pdbx_unobs_or_zero_occ_residues.label_seq_id 
1 1 Y 1 A SER -6 ? A SER 1 
2 1 Y 1 A MET -5 ? A MET 2 
3 1 Y 1 A TYR -4 ? A TYR 3 
4 1 Y 1 A PHE -3 ? A PHE 4 
5 1 Y 1 A GLN -2 ? A GLN 5 
# 
loop_
_chem_comp_atom.comp_id 
_chem_comp_atom.atom_id 
_chem_comp_atom.type_symbol 
_chem_comp_atom.pdbx_aromatic_flag 
_chem_comp_atom.pdbx_stereo_config 
_chem_comp_atom.pdbx_ordinal 
ALA N    N N N 1   
ALA CA   C N S 2   
ALA C    C N N 3   
ALA O    O N N 4   
ALA CB   C N N 5   
ALA OXT  O N N 6   
ALA H    H N N 7   
ALA H2   H N N 8   
ALA HA   H N N 9   
ALA HB1  H N N 10  
ALA HB2  H N N 11  
ALA HB3  H N N 12  
ALA HXT  H N N 13  
ARG N    N N N 14  
ARG CA   C N S 15  
ARG C    C N N 16  
ARG O    O N N 17  
ARG CB   C N N 18  
ARG CG   C N N 19  
ARG CD   C N N 20  
ARG NE   N N N 21  
ARG CZ   C N N 22  
ARG NH1  N N N 23  
ARG NH2  N N N 24  
ARG OXT  O N N 25  
ARG H    H N N 26  
ARG H2   H N N 27  
ARG HA   H N N 28  
ARG HB2  H N N 29  
ARG HB3  H N N 30  
ARG HG2  H N N 31  
ARG HG3  H N N 32  
ARG HD2  H N N 33  
ARG HD3  H N N 34  
ARG HE   H N N 35  
ARG HH11 H N N 36  
ARG HH12 H N N 37  
ARG HH21 H N N 38  
ARG HH22 H N N 39  
ARG HXT  H N N 40  
ASN N    N N N 41  
ASN CA   C N S 42  
ASN C    C N N 43  
ASN O    O N N 44  
ASN CB   C N N 45  
ASN CG   C N N 46  
ASN OD1  O N N 47  
ASN ND2  N N N 48  
ASN OXT  O N N 49  
ASN H    H N N 50  
ASN H2   H N N 51  
ASN HA   H N N 52  
ASN HB2  H N N 53  
ASN HB3  H N N 54  
ASN HD21 H N N 55  
ASN HD22 H N N 56  
ASN HXT  H N N 57  
ASP N    N N N 58  
ASP CA   C N S 59  
ASP C    C N N 60  
ASP O    O N N 61  
ASP CB   C N N 62  
ASP CG   C N N 63  
ASP OD1  O N N 64  
ASP OD2  O N N 65  
ASP OXT  O N N 66  
ASP H    H N N 67  
ASP H2   H N N 68  
ASP HA   H N N 69  
ASP HB2  H N N 70  
ASP HB3  H N N 71  
ASP HD2  H N N 72  
ASP HXT  H N N 73  
CYS N    N N N 74  
CYS CA   C N R 75  
CYS C    C N N 76  
CYS O    O N N 77  
CYS CB   C N N 78  
CYS SG   S N N 79  
CYS OXT  O N N 80  
CYS H    H N N 81  
CYS H2   H N N 82  
CYS HA   H N N 83  
CYS HB2  H N N 84  
CYS HB3  H N N 85  
CYS HG   H N N 86  
CYS HXT  H N N 87  
GLN N    N N N 88  
GLN CA   C N S 89  
GLN C    C N N 90  
GLN O    O N N 91  
GLN CB   C N N 92  
GLN CG   C N N 93  
GLN CD   C N N 94  
GLN OE1  O N N 95  
GLN NE2  N N N 96  
GLN OXT  O N N 97  
GLN H    H N N 98  
GLN H2   H N N 99  
GLN HA   H N N 100 
GLN HB2  H N N 101 
GLN HB3  H N N 102 
GLN HG2  H N N 103 
GLN HG3  H N N 104 
GLN HE21 H N N 105 
GLN HE22 H N N 106 
GLN HXT  H N N 107 
GLU N    N N N 108 
GLU CA   C N S 109 
GLU C    C N N 110 
GLU O    O N N 111 
GLU CB   C N N 112 
GLU CG   C N N 113 
GLU CD   C N N 114 
GLU OE1  O N N 115 
GLU OE2  O N N 116 
GLU OXT  O N N 117 
GLU H    H N N 118 
GLU H2   H N N 119 
GLU HA   H N N 120 
GLU HB2  H N N 121 
GLU HB3  H N N 122 
GLU HG2  H N N 123 
GLU HG3  H N N 124 
GLU HE2  H N N 125 
GLU HXT  H N N 126 
GLY N    N N N 127 
GLY CA   C N N 128 
GLY C    C N N 129 
GLY O    O N N 130 
GLY OXT  O N N 131 
GLY H    H N N 132 
GLY H2   H N N 133 
GLY HA2  H N N 134 
GLY HA3  H N N 135 
GLY HXT  H N N 136 
HIS N    N N N 137 
HIS CA   C N S 138 
HIS C    C N N 139 
HIS O    O N N 140 
HIS CB   C N N 141 
HIS CG   C Y N 142 
HIS ND1  N Y N 143 
HIS CD2  C Y N 144 
HIS CE1  C Y N 145 
HIS NE2  N Y N 146 
HIS OXT  O N N 147 
HIS H    H N N 148 
HIS H2   H N N 149 
HIS HA   H N N 150 
HIS HB2  H N N 151 
HIS HB3  H N N 152 
HIS HD1  H N N 153 
HIS HD2  H N N 154 
HIS HE1  H N N 155 
HIS HE2  H N N 156 
HIS HXT  H N N 157 
HOH O    O N N 158 
HOH H1   H N N 159 
HOH H2   H N N 160 
ILE N    N N N 161 
ILE CA   C N S 162 
ILE C    C N N 163 
ILE O    O N N 164 
ILE CB   C N S 165 
ILE CG1  C N N 166 
ILE CG2  C N N 167 
ILE CD1  C N N 168 
ILE OXT  O N N 169 
ILE H    H N N 170 
ILE H2   H N N 171 
ILE HA   H N N 172 
ILE HB   H N N 173 
ILE HG12 H N N 174 
ILE HG13 H N N 175 
ILE HG21 H N N 176 
ILE HG22 H N N 177 
ILE HG23 H N N 178 
ILE HD11 H N N 179 
ILE HD12 H N N 180 
ILE HD13 H N N 181 
ILE HXT  H N N 182 
LEU N    N N N 183 
LEU CA   C N S 184 
LEU C    C N N 185 
LEU O    O N N 186 
LEU CB   C N N 187 
LEU CG   C N N 188 
LEU CD1  C N N 189 
LEU CD2  C N N 190 
LEU OXT  O N N 191 
LEU H    H N N 192 
LEU H2   H N N 193 
LEU HA   H N N 194 
LEU HB2  H N N 195 
LEU HB3  H N N 196 
LEU HG   H N N 197 
LEU HD11 H N N 198 
LEU HD12 H N N 199 
LEU HD13 H N N 200 
LEU HD21 H N N 201 
LEU HD22 H N N 202 
LEU HD23 H N N 203 
LEU HXT  H N N 204 
LYS N    N N N 205 
LYS CA   C N S 206 
LYS C    C N N 207 
LYS O    O N N 208 
LYS CB   C N N 209 
LYS CG   C N N 210 
LYS CD   C N N 211 
LYS CE   C N N 212 
LYS NZ   N N N 213 
LYS OXT  O N N 214 
LYS H    H N N 215 
LYS H2   H N N 216 
LYS HA   H N N 217 
LYS HB2  H N N 218 
LYS HB3  H N N 219 
LYS HG2  H N N 220 
LYS HG3  H N N 221 
LYS HD2  H N N 222 
LYS HD3  H N N 223 
LYS HE2  H N N 224 
LYS HE3  H N N 225 
LYS HZ1  H N N 226 
LYS HZ2  H N N 227 
LYS HZ3  H N N 228 
LYS HXT  H N N 229 
MET N    N N N 230 
MET CA   C N S 231 
MET C    C N N 232 
MET O    O N N 233 
MET CB   C N N 234 
MET CG   C N N 235 
MET SD   S N N 236 
MET CE   C N N 237 
MET OXT  O N N 238 
MET H    H N N 239 
MET H2   H N N 240 
MET HA   H N N 241 
MET HB2  H N N 242 
MET HB3  H N N 243 
MET HG2  H N N 244 
MET HG3  H N N 245 
MET HE1  H N N 246 
MET HE2  H N N 247 
MET HE3  H N N 248 
MET HXT  H N N 249 
PHE N    N N N 250 
PHE CA   C N S 251 
PHE C    C N N 252 
PHE O    O N N 253 
PHE CB   C N N 254 
PHE CG   C Y N 255 
PHE CD1  C Y N 256 
PHE CD2  C Y N 257 
PHE CE1  C Y N 258 
PHE CE2  C Y N 259 
PHE CZ   C Y N 260 
PHE OXT  O N N 261 
PHE H    H N N 262 
PHE H2   H N N 263 
PHE HA   H N N 264 
PHE HB2  H N N 265 
PHE HB3  H N N 266 
PHE HD1  H N N 267 
PHE HD2  H N N 268 
PHE HE1  H N N 269 
PHE HE2  H N N 270 
PHE HZ   H N N 271 
PHE HXT  H N N 272 
PRO N    N N N 273 
PRO CA   C N S 274 
PRO C    C N N 275 
PRO O    O N N 276 
PRO CB   C N N 277 
PRO CG   C N N 278 
PRO CD   C N N 279 
PRO OXT  O N N 280 
PRO H    H N N 281 
PRO HA   H N N 282 
PRO HB2  H N N 283 
PRO HB3  H N N 284 
PRO HG2  H N N 285 
PRO HG3  H N N 286 
PRO HD2  H N N 287 
PRO HD3  H N N 288 
PRO HXT  H N N 289 
SER N    N N N 290 
SER CA   C N S 291 
SER C    C N N 292 
SER O    O N N 293 
SER CB   C N N 294 
SER OG   O N N 295 
SER OXT  O N N 296 
SER H    H N N 297 
SER H2   H N N 298 
SER HA   H N N 299 
SER HB2  H N N 300 
SER HB3  H N N 301 
SER HG   H N N 302 
SER HXT  H N N 303 
THR N    N N N 304 
THR CA   C N S 305 
THR C    C N N 306 
THR O    O N N 307 
THR CB   C N R 308 
THR OG1  O N N 309 
THR CG2  C N N 310 
THR OXT  O N N 311 
THR H    H N N 312 
THR H2   H N N 313 
THR HA   H N N 314 
THR HB   H N N 315 
THR HG1  H N N 316 
THR HG21 H N N 317 
THR HG22 H N N 318 
THR HG23 H N N 319 
THR HXT  H N N 320 
TYR N    N N N 321 
TYR CA   C N S 322 
TYR C    C N N 323 
TYR O    O N N 324 
TYR CB   C N N 325 
TYR CG   C Y N 326 
TYR CD1  C Y N 327 
TYR CD2  C Y N 328 
TYR CE1  C Y N 329 
TYR CE2  C Y N 330 
TYR CZ   C Y N 331 
TYR OH   O N N 332 
TYR OXT  O N N 333 
TYR H    H N N 334 
TYR H2   H N N 335 
TYR HA   H N N 336 
TYR HB2  H N N 337 
TYR HB3  H N N 338 
TYR HD1  H N N 339 
TYR HD2  H N N 340 
TYR HE1  H N N 341 
TYR HE2  H N N 342 
TYR HH   H N N 343 
TYR HXT  H N N 344 
VAL N    N N N 345 
VAL CA   C N S 346 
VAL C    C N N 347 
VAL O    O N N 348 
VAL CB   C N N 349 
VAL CG1  C N N 350 
VAL CG2  C N N 351 
VAL OXT  O N N 352 
VAL H    H N N 353 
VAL H2   H N N 354 
VAL HA   H N N 355 
VAL HB   H N N 356 
VAL HG11 H N N 357 
VAL HG12 H N N 358 
VAL HG13 H N N 359 
VAL HG21 H N N 360 
VAL HG22 H N N 361 
VAL HG23 H N N 362 
VAL HXT  H N N 363 
# 
loop_
_chem_comp_bond.comp_id 
_chem_comp_bond.atom_id_1 
_chem_comp_bond.atom_id_2 
_chem_comp_bond.value_order 
_chem_comp_bond.pdbx_aromatic_flag 
_chem_comp_bond.pdbx_stereo_config 
_chem_comp_bond.pdbx_ordinal 
ALA N   CA   sing N N 1   
ALA N   H    sing N N 2   
ALA N   H2   sing N N 3   
ALA CA  C    sing N N 4   
ALA CA  CB   sing N N 5   
ALA CA  HA   sing N N 6   
ALA C   O    doub N N 7   
ALA C   OXT  sing N N 8   
ALA CB  HB1  sing N N 9   
ALA CB  HB2  sing N N 10  
ALA CB  HB3  sing N N 11  
ALA OXT HXT  sing N N 12  
ARG N   CA   sing N N 13  
ARG N   H    sing N N 14  
ARG N   H2   sing N N 15  
ARG CA  C    sing N N 16  
ARG CA  CB   sing N N 17  
ARG CA  HA   sing N N 18  
ARG C   O    doub N N 19  
ARG C   OXT  sing N N 20  
ARG CB  CG   sing N N 21  
ARG CB  HB2  sing N N 22  
ARG CB  HB3  sing N N 23  
ARG CG  CD   sing N N 24  
ARG CG  HG2  sing N N 25  
ARG CG  HG3  sing N N 26  
ARG CD  NE   sing N N 27  
ARG CD  HD2  sing N N 28  
ARG CD  HD3  sing N N 29  
ARG NE  CZ   sing N N 30  
ARG NE  HE   sing N N 31  
ARG CZ  NH1  sing N N 32  
ARG CZ  NH2  doub N N 33  
ARG NH1 HH11 sing N N 34  
ARG NH1 HH12 sing N N 35  
ARG NH2 HH21 sing N N 36  
ARG NH2 HH22 sing N N 37  
ARG OXT HXT  sing N N 38  
ASN N   CA   sing N N 39  
ASN N   H    sing N N 40  
ASN N   H2   sing N N 41  
ASN CA  C    sing N N 42  
ASN CA  CB   sing N N 43  
ASN CA  HA   sing N N 44  
ASN C   O    doub N N 45  
ASN C   OXT  sing N N 46  
ASN CB  CG   sing N N 47  
ASN CB  HB2  sing N N 48  
ASN CB  HB3  sing N N 49  
ASN CG  OD1  doub N N 50  
ASN CG  ND2  sing N N 51  
ASN ND2 HD21 sing N N 52  
ASN ND2 HD22 sing N N 53  
ASN OXT HXT  sing N N 54  
ASP N   CA   sing N N 55  
ASP N   H    sing N N 56  
ASP N   H2   sing N N 57  
ASP CA  C    sing N N 58  
ASP CA  CB   sing N N 59  
ASP CA  HA   sing N N 60  
ASP C   O    doub N N 61  
ASP C   OXT  sing N N 62  
ASP CB  CG   sing N N 63  
ASP CB  HB2  sing N N 64  
ASP CB  HB3  sing N N 65  
ASP CG  OD1  doub N N 66  
ASP CG  OD2  sing N N 67  
ASP OD2 HD2  sing N N 68  
ASP OXT HXT  sing N N 69  
CYS N   CA   sing N N 70  
CYS N   H    sing N N 71  
CYS N   H2   sing N N 72  
CYS CA  C    sing N N 73  
CYS CA  CB   sing N N 74  
CYS CA  HA   sing N N 75  
CYS C   O    doub N N 76  
CYS C   OXT  sing N N 77  
CYS CB  SG   sing N N 78  
CYS CB  HB2  sing N N 79  
CYS CB  HB3  sing N N 80  
CYS SG  HG   sing N N 81  
CYS OXT HXT  sing N N 82  
GLN N   CA   sing N N 83  
GLN N   H    sing N N 84  
GLN N   H2   sing N N 85  
GLN CA  C    sing N N 86  
GLN CA  CB   sing N N 87  
GLN CA  HA   sing N N 88  
GLN C   O    doub N N 89  
GLN C   OXT  sing N N 90  
GLN CB  CG   sing N N 91  
GLN CB  HB2  sing N N 92  
GLN CB  HB3  sing N N 93  
GLN CG  CD   sing N N 94  
GLN CG  HG2  sing N N 95  
GLN CG  HG3  sing N N 96  
GLN CD  OE1  doub N N 97  
GLN CD  NE2  sing N N 98  
GLN NE2 HE21 sing N N 99  
GLN NE2 HE22 sing N N 100 
GLN OXT HXT  sing N N 101 
GLU N   CA   sing N N 102 
GLU N   H    sing N N 103 
GLU N   H2   sing N N 104 
GLU CA  C    sing N N 105 
GLU CA  CB   sing N N 106 
GLU CA  HA   sing N N 107 
GLU C   O    doub N N 108 
GLU C   OXT  sing N N 109 
GLU CB  CG   sing N N 110 
GLU CB  HB2  sing N N 111 
GLU CB  HB3  sing N N 112 
GLU CG  CD   sing N N 113 
GLU CG  HG2  sing N N 114 
GLU CG  HG3  sing N N 115 
GLU CD  OE1  doub N N 116 
GLU CD  OE2  sing N N 117 
GLU OE2 HE2  sing N N 118 
GLU OXT HXT  sing N N 119 
GLY N   CA   sing N N 120 
GLY N   H    sing N N 121 
GLY N   H2   sing N N 122 
GLY CA  C    sing N N 123 
GLY CA  HA2  sing N N 124 
GLY CA  HA3  sing N N 125 
GLY C   O    doub N N 126 
GLY C   OXT  sing N N 127 
GLY OXT HXT  sing N N 128 
HIS N   CA   sing N N 129 
HIS N   H    sing N N 130 
HIS N   H2   sing N N 131 
HIS CA  C    sing N N 132 
HIS CA  CB   sing N N 133 
HIS CA  HA   sing N N 134 
HIS C   O    doub N N 135 
HIS C   OXT  sing N N 136 
HIS CB  CG   sing N N 137 
HIS CB  HB2  sing N N 138 
HIS CB  HB3  sing N N 139 
HIS CG  ND1  sing Y N 140 
HIS CG  CD2  doub Y N 141 
HIS ND1 CE1  doub Y N 142 
HIS ND1 HD1  sing N N 143 
HIS CD2 NE2  sing Y N 144 
HIS CD2 HD2  sing N N 145 
HIS CE1 NE2  sing Y N 146 
HIS CE1 HE1  sing N N 147 
HIS NE2 HE2  sing N N 148 
HIS OXT HXT  sing N N 149 
HOH O   H1   sing N N 150 
HOH O   H2   sing N N 151 
ILE N   CA   sing N N 152 
ILE N   H    sing N N 153 
ILE N   H2   sing N N 154 
ILE CA  C    sing N N 155 
ILE CA  CB   sing N N 156 
ILE CA  HA   sing N N 157 
ILE C   O    doub N N 158 
ILE C   OXT  sing N N 159 
ILE CB  CG1  sing N N 160 
ILE CB  CG2  sing N N 161 
ILE CB  HB   sing N N 162 
ILE CG1 CD1  sing N N 163 
ILE CG1 HG12 sing N N 164 
ILE CG1 HG13 sing N N 165 
ILE CG2 HG21 sing N N 166 
ILE CG2 HG22 sing N N 167 
ILE CG2 HG23 sing N N 168 
ILE CD1 HD11 sing N N 169 
ILE CD1 HD12 sing N N 170 
ILE CD1 HD13 sing N N 171 
ILE OXT HXT  sing N N 172 
LEU N   CA   sing N N 173 
LEU N   H    sing N N 174 
LEU N   H2   sing N N 175 
LEU CA  C    sing N N 176 
LEU CA  CB   sing N N 177 
LEU CA  HA   sing N N 178 
LEU C   O    doub N N 179 
LEU C   OXT  sing N N 180 
LEU CB  CG   sing N N 181 
LEU CB  HB2  sing N N 182 
LEU CB  HB3  sing N N 183 
LEU CG  CD1  sing N N 184 
LEU CG  CD2  sing N N 185 
LEU CG  HG   sing N N 186 
LEU CD1 HD11 sing N N 187 
LEU CD1 HD12 sing N N 188 
LEU CD1 HD13 sing N N 189 
LEU CD2 HD21 sing N N 190 
LEU CD2 HD22 sing N N 191 
LEU CD2 HD23 sing N N 192 
LEU OXT HXT  sing N N 193 
LYS N   CA   sing N N 194 
LYS N   H    sing N N 195 
LYS N   H2   sing N N 196 
LYS CA  C    sing N N 197 
LYS CA  CB   sing N N 198 
LYS CA  HA   sing N N 199 
LYS C   O    doub N N 200 
LYS C   OXT  sing N N 201 
LYS CB  CG   sing N N 202 
LYS CB  HB2  sing N N 203 
LYS CB  HB3  sing N N 204 
LYS CG  CD   sing N N 205 
LYS CG  HG2  sing N N 206 
LYS CG  HG3  sing N N 207 
LYS CD  CE   sing N N 208 
LYS CD  HD2  sing N N 209 
LYS CD  HD3  sing N N 210 
LYS CE  NZ   sing N N 211 
LYS CE  HE2  sing N N 212 
LYS CE  HE3  sing N N 213 
LYS NZ  HZ1  sing N N 214 
LYS NZ  HZ2  sing N N 215 
LYS NZ  HZ3  sing N N 216 
LYS OXT HXT  sing N N 217 
MET N   CA   sing N N 218 
MET N   H    sing N N 219 
MET N   H2   sing N N 220 
MET CA  C    sing N N 221 
MET CA  CB   sing N N 222 
MET CA  HA   sing N N 223 
MET C   O    doub N N 224 
MET C   OXT  sing N N 225 
MET CB  CG   sing N N 226 
MET CB  HB2  sing N N 227 
MET CB  HB3  sing N N 228 
MET CG  SD   sing N N 229 
MET CG  HG2  sing N N 230 
MET CG  HG3  sing N N 231 
MET SD  CE   sing N N 232 
MET CE  HE1  sing N N 233 
MET CE  HE2  sing N N 234 
MET CE  HE3  sing N N 235 
MET OXT HXT  sing N N 236 
PHE N   CA   sing N N 237 
PHE N   H    sing N N 238 
PHE N   H2   sing N N 239 
PHE CA  C    sing N N 240 
PHE CA  CB   sing N N 241 
PHE CA  HA   sing N N 242 
PHE C   O    doub N N 243 
PHE C   OXT  sing N N 244 
PHE CB  CG   sing N N 245 
PHE CB  HB2  sing N N 246 
PHE CB  HB3  sing N N 247 
PHE CG  CD1  doub Y N 248 
PHE CG  CD2  sing Y N 249 
PHE CD1 CE1  sing Y N 250 
PHE CD1 HD1  sing N N 251 
PHE CD2 CE2  doub Y N 252 
PHE CD2 HD2  sing N N 253 
PHE CE1 CZ   doub Y N 254 
PHE CE1 HE1  sing N N 255 
PHE CE2 CZ   sing Y N 256 
PHE CE2 HE2  sing N N 257 
PHE CZ  HZ   sing N N 258 
PHE OXT HXT  sing N N 259 
PRO N   CA   sing N N 260 
PRO N   CD   sing N N 261 
PRO N   H    sing N N 262 
PRO CA  C    sing N N 263 
PRO CA  CB   sing N N 264 
PRO CA  HA   sing N N 265 
PRO C   O    doub N N 266 
PRO C   OXT  sing N N 267 
PRO CB  CG   sing N N 268 
PRO CB  HB2  sing N N 269 
PRO CB  HB3  sing N N 270 
PRO CG  CD   sing N N 271 
PRO CG  HG2  sing N N 272 
PRO CG  HG3  sing N N 273 
PRO CD  HD2  sing N N 274 
PRO CD  HD3  sing N N 275 
PRO OXT HXT  sing N N 276 
SER N   CA   sing N N 277 
SER N   H    sing N N 278 
SER N   H2   sing N N 279 
SER CA  C    sing N N 280 
SER CA  CB   sing N N 281 
SER CA  HA   sing N N 282 
SER C   O    doub N N 283 
SER C   OXT  sing N N 284 
SER CB  OG   sing N N 285 
SER CB  HB2  sing N N 286 
SER CB  HB3  sing N N 287 
SER OG  HG   sing N N 288 
SER OXT HXT  sing N N 289 
THR N   CA   sing N N 290 
THR N   H    sing N N 291 
THR N   H2   sing N N 292 
THR CA  C    sing N N 293 
THR CA  CB   sing N N 294 
THR CA  HA   sing N N 295 
THR C   O    doub N N 296 
THR C   OXT  sing N N 297 
THR CB  OG1  sing N N 298 
THR CB  CG2  sing N N 299 
THR CB  HB   sing N N 300 
THR OG1 HG1  sing N N 301 
THR CG2 HG21 sing N N 302 
THR CG2 HG22 sing N N 303 
THR CG2 HG23 sing N N 304 
THR OXT HXT  sing N N 305 
TYR N   CA   sing N N 306 
TYR N   H    sing N N 307 
TYR N   H2   sing N N 308 
TYR CA  C    sing N N 309 
TYR CA  CB   sing N N 310 
TYR CA  HA   sing N N 311 
TYR C   O    doub N N 312 
TYR C   OXT  sing N N 313 
TYR CB  CG   sing N N 314 
TYR CB  HB2  sing N N 315 
TYR CB  HB3  sing N N 316 
TYR CG  CD1  doub Y N 317 
TYR CG  CD2  sing Y N 318 
TYR CD1 CE1  sing Y N 319 
TYR CD1 HD1  sing N N 320 
TYR CD2 CE2  doub Y N 321 
TYR CD2 HD2  sing N N 322 
TYR CE1 CZ   doub Y N 323 
TYR CE1 HE1  sing N N 324 
TYR CE2 CZ   sing Y N 325 
TYR CE2 HE2  sing N N 326 
TYR CZ  OH   sing N N 327 
TYR OH  HH   sing N N 328 
TYR OXT HXT  sing N N 329 
VAL N   CA   sing N N 330 
VAL N   H    sing N N 331 
VAL N   H2   sing N N 332 
VAL CA  C    sing N N 333 
VAL CA  CB   sing N N 334 
VAL CA  HA   sing N N 335 
VAL C   O    doub N N 336 
VAL C   OXT  sing N N 337 
VAL CB  CG1  sing N N 338 
VAL CB  CG2  sing N N 339 
VAL CB  HB   sing N N 340 
VAL CG1 HG11 sing N N 341 
VAL CG1 HG12 sing N N 342 
VAL CG1 HG13 sing N N 343 
VAL CG2 HG21 sing N N 344 
VAL CG2 HG22 sing N N 345 
VAL CG2 HG23 sing N N 346 
VAL OXT HXT  sing N N 347 
# 
_pdbx_entity_nonpoly.entity_id   2 
_pdbx_entity_nonpoly.name        water 
_pdbx_entity_nonpoly.comp_id     HOH 
# 
loop_
_pdbx_initial_refinement_model.id 
_pdbx_initial_refinement_model.entity_id_list 
_pdbx_initial_refinement_model.type 
_pdbx_initial_refinement_model.source_name 
_pdbx_initial_refinement_model.accession_code 
_pdbx_initial_refinement_model.details 
1 ? 'experimental model' PDB 1FIE 'PDB ENTRUES 1EOX, 1FIE, 1GGY, 1G0D AND 1QRK IN AN ENSEMBLE' 
2 ? 'experimental model' PDB 1GGY 'PDB ENTRUES 1EOX, 1FIE, 1GGY, 1G0D AND 1QRK IN AN ENSEMBLE' 
3 ? 'experimental model' PDB 1G0D 'PDB ENTRUES 1EOX, 1FIE, 1GGY, 1G0D AND 1QRK IN AN ENSEMBLE' 
4 ? 'experimental model' PDB 1QRK 'PDB ENTRUES 1EOX, 1FIE, 1GGY, 1G0D AND 1QRK IN AN ENSEMBLE' 
# 
